data_6I0N
# 
_entry.id   6I0N 
# 
_audit_conform.dict_name       mmcif_pdbx.dic 
_audit_conform.dict_version    5.383 
_audit_conform.dict_location   http://mmcif.pdb.org/dictionaries/ascii/mmcif_pdbx.dic 
# 
loop_
_database_2.database_id 
_database_2.database_code 
_database_2.pdbx_database_accession 
_database_2.pdbx_DOI 
PDB   6I0N         pdb_00006i0n 10.2210/pdb6i0n/pdb 
WWPDB D_1200012629 ?            ?                   
# 
loop_
_pdbx_audit_revision_history.ordinal 
_pdbx_audit_revision_history.data_content_type 
_pdbx_audit_revision_history.major_revision 
_pdbx_audit_revision_history.minor_revision 
_pdbx_audit_revision_history.revision_date 
1 'Structure model' 1 0 2019-11-13 
2 'Structure model' 1 1 2020-05-27 
3 'Structure model' 2 0 2020-07-29 
4 'Structure model' 2 1 2024-01-24 
# 
loop_
_pdbx_audit_revision_details.ordinal 
_pdbx_audit_revision_details.revision_ordinal 
_pdbx_audit_revision_details.data_content_type 
_pdbx_audit_revision_details.provider 
_pdbx_audit_revision_details.type 
_pdbx_audit_revision_details.description 
_pdbx_audit_revision_details.details 
1 1 'Structure model' repository 'Initial release' ?                          ? 
2 3 'Structure model' repository Remediation       'Carbohydrate remediation' ? 
# 
loop_
_pdbx_audit_revision_group.ordinal 
_pdbx_audit_revision_group.revision_ordinal 
_pdbx_audit_revision_group.data_content_type 
_pdbx_audit_revision_group.group 
1  2 'Structure model' 'Data collection'        
2  2 'Structure model' 'Database references'    
3  3 'Structure model' Advisory                 
4  3 'Structure model' 'Atomic model'           
5  3 'Structure model' 'Data collection'        
6  3 'Structure model' 'Derived calculations'   
7  3 'Structure model' 'Structure summary'      
8  4 'Structure model' 'Data collection'        
9  4 'Structure model' 'Database references'    
10 4 'Structure model' 'Derived calculations'   
11 4 'Structure model' 'Refinement description' 
12 4 'Structure model' 'Structure summary'      
# 
loop_
_pdbx_audit_revision_category.ordinal 
_pdbx_audit_revision_category.revision_ordinal 
_pdbx_audit_revision_category.data_content_type 
_pdbx_audit_revision_category.category 
1  2 'Structure model' chem_comp                     
2  2 'Structure model' citation                      
3  2 'Structure model' citation_author               
4  3 'Structure model' atom_site                     
5  3 'Structure model' chem_comp                     
6  3 'Structure model' entity                        
7  3 'Structure model' pdbx_branch_scheme            
8  3 'Structure model' pdbx_chem_comp_identifier     
9  3 'Structure model' pdbx_entity_branch            
10 3 'Structure model' pdbx_entity_branch_descriptor 
11 3 'Structure model' pdbx_entity_branch_link       
12 3 'Structure model' pdbx_entity_branch_list       
13 3 'Structure model' pdbx_entity_nonpoly           
14 3 'Structure model' pdbx_nonpoly_scheme           
15 3 'Structure model' pdbx_struct_assembly_gen      
16 3 'Structure model' pdbx_struct_special_symmetry  
17 3 'Structure model' pdbx_validate_close_contact   
18 3 'Structure model' struct_asym                   
19 3 'Structure model' struct_conn                   
20 3 'Structure model' struct_site                   
21 3 'Structure model' struct_site_gen               
22 4 'Structure model' chem_comp                     
23 4 'Structure model' chem_comp_atom                
24 4 'Structure model' chem_comp_bond                
25 4 'Structure model' database_2                    
26 4 'Structure model' pdbx_initial_refinement_model 
27 4 'Structure model' struct_conn                   
# 
loop_
_pdbx_audit_revision_item.ordinal 
_pdbx_audit_revision_item.revision_ordinal 
_pdbx_audit_revision_item.data_content_type 
_pdbx_audit_revision_item.item 
1  2 'Structure model' '_chem_comp.type'                             
2  2 'Structure model' '_citation.country'                           
3  2 'Structure model' '_citation.journal_abbrev'                    
4  2 'Structure model' '_citation.journal_id_CSD'                    
5  2 'Structure model' '_citation.journal_id_ISSN'                   
6  2 'Structure model' '_citation.journal_volume'                    
7  2 'Structure model' '_citation.page_first'                        
8  2 'Structure model' '_citation.page_last'                         
9  2 'Structure model' '_citation.pdbx_database_id_DOI'              
10 2 'Structure model' '_citation.pdbx_database_id_PubMed'           
11 2 'Structure model' '_citation.title'                             
12 2 'Structure model' '_citation.year'                              
13 3 'Structure model' '_atom_site.B_iso_or_equiv'                   
14 3 'Structure model' '_atom_site.Cartn_x'                          
15 3 'Structure model' '_atom_site.Cartn_y'                          
16 3 'Structure model' '_atom_site.Cartn_z'                          
17 3 'Structure model' '_atom_site.auth_asym_id'                     
18 3 'Structure model' '_atom_site.auth_atom_id'                     
19 3 'Structure model' '_atom_site.auth_comp_id'                     
20 3 'Structure model' '_atom_site.auth_seq_id'                      
21 3 'Structure model' '_atom_site.label_asym_id'                    
22 3 'Structure model' '_atom_site.label_atom_id'                    
23 3 'Structure model' '_atom_site.label_comp_id'                    
24 3 'Structure model' '_atom_site.label_entity_id'                  
25 3 'Structure model' '_atom_site.pdbx_formal_charge'               
26 3 'Structure model' '_atom_site.type_symbol'                      
27 3 'Structure model' '_chem_comp.name'                             
28 3 'Structure model' '_pdbx_struct_assembly_gen.asym_id_list'      
29 3 'Structure model' '_pdbx_struct_special_symmetry.label_asym_id' 
30 3 'Structure model' '_pdbx_validate_close_contact.auth_asym_id_1' 
31 3 'Structure model' '_pdbx_validate_close_contact.auth_asym_id_2' 
32 3 'Structure model' '_pdbx_validate_close_contact.auth_atom_id_1' 
33 3 'Structure model' '_pdbx_validate_close_contact.auth_atom_id_2' 
34 3 'Structure model' '_pdbx_validate_close_contact.auth_comp_id_1' 
35 3 'Structure model' '_pdbx_validate_close_contact.auth_comp_id_2' 
36 3 'Structure model' '_pdbx_validate_close_contact.auth_seq_id_1'  
37 3 'Structure model' '_pdbx_validate_close_contact.auth_seq_id_2'  
38 3 'Structure model' '_struct_conn.ptnr1_auth_asym_id'             
39 3 'Structure model' '_struct_conn.ptnr1_auth_seq_id'              
40 3 'Structure model' '_struct_conn.ptnr1_label_asym_id'            
41 3 'Structure model' '_struct_conn.ptnr2_auth_asym_id'             
42 3 'Structure model' '_struct_conn.ptnr2_auth_seq_id'              
43 3 'Structure model' '_struct_conn.ptnr2_label_asym_id'            
44 4 'Structure model' '_chem_comp.pdbx_synonyms'                    
45 4 'Structure model' '_database_2.pdbx_DOI'                        
46 4 'Structure model' '_database_2.pdbx_database_accession'         
47 4 'Structure model' '_struct_conn.pdbx_leaving_atom_flag'         
# 
_pdbx_database_status.status_code                     REL 
_pdbx_database_status.status_code_sf                  REL 
_pdbx_database_status.status_code_mr                  ? 
_pdbx_database_status.entry_id                        6I0N 
_pdbx_database_status.recvd_initial_deposition_date   2018-10-26 
_pdbx_database_status.SG_entry                        N 
_pdbx_database_status.deposit_site                    PDBE 
_pdbx_database_status.process_site                    PDBE 
_pdbx_database_status.status_code_cs                  ? 
_pdbx_database_status.methods_development_category    ? 
_pdbx_database_status.pdb_format_compatible           Y 
_pdbx_database_status.status_code_nmr_data            ? 
# 
loop_
_audit_author.name 
_audit_author.pdbx_ordinal 
_audit_author.identifier_ORCID 
'Alcorlo, M.'   1 0000-0001-8337-6203 
'Hermoso, J.A.' 2 0000-0002-1862-8950 
# 
_citation.abstract                  ? 
_citation.abstract_id_CAS           ? 
_citation.book_id_ISBN              ? 
_citation.book_publisher            ? 
_citation.book_publisher_city       ? 
_citation.book_title                ? 
_citation.coordinate_linkage        ? 
_citation.country                   UK 
_citation.database_id_Medline       ? 
_citation.details                   ? 
_citation.id                        primary 
_citation.journal_abbrev            'Nat Commun' 
_citation.journal_id_ASTM           ? 
_citation.journal_id_CSD            ? 
_citation.journal_id_ISSN           2041-1723 
_citation.journal_full              ? 
_citation.journal_issue             ? 
_citation.journal_volume            10 
_citation.language                  ? 
_citation.page_first                5567 
_citation.page_last                 5567 
_citation.title                     'Structural basis of denuded glycan recognition by SPOR domains in bacterial cell division.' 
_citation.year                      2019 
_citation.database_id_CSD           ? 
_citation.pdbx_database_id_DOI      10.1038/s41467-019-13354-4 
_citation.pdbx_database_id_PubMed   31804467 
_citation.unpublished_flag          ? 
# 
loop_
_citation_author.citation_id 
_citation_author.name 
_citation_author.ordinal 
_citation_author.identifier_ORCID 
primary 'Alcorlo, M.'       1  0000-0001-8337-6203 
primary 'Dik, D.A.'         2  ?                   
primary 'De Benedetti, S.'  3  ?                   
primary 'Mahasenan, K.V.'   4  0000-0001-5591-7324 
primary 'Lee, M.'           5  ?                   
primary 'Dominguez-Gil, T.' 6  ?                   
primary 'Hesek, D.'         7  ?                   
primary 'Lastochkin, E.'    8  ?                   
primary 'Lopez, D.'         9  0000-0002-8627-3813 
primary 'Boggess, B.'       10 ?                   
primary 'Mobashery, S.'     11 ?                   
primary 'Hermoso, J.A.'     12 ?                   
# 
loop_
_entity.id 
_entity.type 
_entity.src_method 
_entity.pdbx_description 
_entity.formula_weight 
_entity.pdbx_number_of_molecules 
_entity.pdbx_ec 
_entity.pdbx_mutation 
_entity.pdbx_fragment 
_entity.details 
1 polymer     man 'Endolytic peptidoglycan transglycosylase RlpA' 8173.327 1  4.2.2.- ? ? ? 
2 branched    man 
'2-acetamido-2-deoxy-beta-D-glucopyranose-(1-4)-N-acetyl-beta-muramic acid-(1-4)-2-acetamido-2-deoxy-beta-D-glucopyranose' 699.656 
1  ?       ? ? ? 
3 non-polymer man '2-(2-ACETYLAMINO-4-HYDROXY-6,8-DIOXA-BICYCLO[3.2.1]OCT-3-YLOXY)-PROPIONIC ACID' 275.255  1  ?       ? ? ? 
4 water       nat water 18.015   84 ?       ? ? ? 
# 
_entity_poly.entity_id                      1 
_entity_poly.type                           'polypeptide(L)' 
_entity_poly.nstd_linkage                   no 
_entity_poly.nstd_monomer                   no 
_entity_poly.pdbx_seq_one_letter_code       GLYLQVGAFANPDAAELLKAKLSGVTAAPVFISSVVRNQQILHRVRLGPIGSADEVSRTQDSIRVANLGQPTLVRPD 
_entity_poly.pdbx_seq_one_letter_code_can   GLYLQVGAFANPDAAELLKAKLSGVTAAPVFISSVVRNQQILHRVRLGPIGSADEVSRTQDSIRVANLGQPTLVRPD 
_entity_poly.pdbx_strand_id                 A 
_entity_poly.pdbx_target_identifier         ? 
# 
loop_
_pdbx_entity_nonpoly.entity_id 
_pdbx_entity_nonpoly.name 
_pdbx_entity_nonpoly.comp_id 
3 '2-(2-ACETYLAMINO-4-HYDROXY-6,8-DIOXA-BICYCLO[3.2.1]OCT-3-YLOXY)-PROPIONIC ACID' AH0 
4 water                                                                            HOH 
# 
loop_
_entity_poly_seq.entity_id 
_entity_poly_seq.num 
_entity_poly_seq.mon_id 
_entity_poly_seq.hetero 
1 1  GLY n 
1 2  LEU n 
1 3  TYR n 
1 4  LEU n 
1 5  GLN n 
1 6  VAL n 
1 7  GLY n 
1 8  ALA n 
1 9  PHE n 
1 10 ALA n 
1 11 ASN n 
1 12 PRO n 
1 13 ASP n 
1 14 ALA n 
1 15 ALA n 
1 16 GLU n 
1 17 LEU n 
1 18 LEU n 
1 19 LYS n 
1 20 ALA n 
1 21 LYS n 
1 22 LEU n 
1 23 SER n 
1 24 GLY n 
1 25 VAL n 
1 26 THR n 
1 27 ALA n 
1 28 ALA n 
1 29 PRO n 
1 30 VAL n 
1 31 PHE n 
1 32 ILE n 
1 33 SER n 
1 34 SER n 
1 35 VAL n 
1 36 VAL n 
1 37 ARG n 
1 38 ASN n 
1 39 GLN n 
1 40 GLN n 
1 41 ILE n 
1 42 LEU n 
1 43 HIS n 
1 44 ARG n 
1 45 VAL n 
1 46 ARG n 
1 47 LEU n 
1 48 GLY n 
1 49 PRO n 
1 50 ILE n 
1 51 GLY n 
1 52 SER n 
1 53 ALA n 
1 54 ASP n 
1 55 GLU n 
1 56 VAL n 
1 57 SER n 
1 58 ARG n 
1 59 THR n 
1 60 GLN n 
1 61 ASP n 
1 62 SER n 
1 63 ILE n 
1 64 ARG n 
1 65 VAL n 
1 66 ALA n 
1 67 ASN n 
1 68 LEU n 
1 69 GLY n 
1 70 GLN n 
1 71 PRO n 
1 72 THR n 
1 73 LEU n 
1 74 VAL n 
1 75 ARG n 
1 76 PRO n 
1 77 ASP n 
# 
_entity_src_gen.entity_id                          1 
_entity_src_gen.pdbx_src_id                        1 
_entity_src_gen.pdbx_alt_source_flag               sample 
_entity_src_gen.pdbx_seq_type                      'Biological sequence' 
_entity_src_gen.pdbx_beg_seq_num                   1 
_entity_src_gen.pdbx_end_seq_num                   77 
_entity_src_gen.gene_src_common_name               ? 
_entity_src_gen.gene_src_genus                     ? 
_entity_src_gen.pdbx_gene_src_gene                 'rlpA, PAMH19_1027' 
_entity_src_gen.gene_src_species                   ? 
_entity_src_gen.gene_src_strain                    ? 
_entity_src_gen.gene_src_tissue                    ? 
_entity_src_gen.gene_src_tissue_fraction           ? 
_entity_src_gen.gene_src_details                   ? 
_entity_src_gen.pdbx_gene_src_fragment             ? 
_entity_src_gen.pdbx_gene_src_scientific_name      'Pseudomonas aeruginosa' 
_entity_src_gen.pdbx_gene_src_ncbi_taxonomy_id     287 
_entity_src_gen.pdbx_gene_src_variant              ? 
_entity_src_gen.pdbx_gene_src_cell_line            ? 
_entity_src_gen.pdbx_gene_src_atcc                 ? 
_entity_src_gen.pdbx_gene_src_organ                ? 
_entity_src_gen.pdbx_gene_src_organelle            ? 
_entity_src_gen.pdbx_gene_src_cell                 ? 
_entity_src_gen.pdbx_gene_src_cellular_location    ? 
_entity_src_gen.host_org_common_name               ? 
_entity_src_gen.pdbx_host_org_scientific_name      'Escherichia coli' 
_entity_src_gen.pdbx_host_org_ncbi_taxonomy_id     562 
_entity_src_gen.host_org_genus                     ? 
_entity_src_gen.pdbx_host_org_gene                 ? 
_entity_src_gen.pdbx_host_org_organ                ? 
_entity_src_gen.host_org_species                   ? 
_entity_src_gen.pdbx_host_org_tissue               ? 
_entity_src_gen.pdbx_host_org_tissue_fraction      ? 
_entity_src_gen.pdbx_host_org_strain               ? 
_entity_src_gen.pdbx_host_org_variant              ? 
_entity_src_gen.pdbx_host_org_cell_line            ? 
_entity_src_gen.pdbx_host_org_atcc                 ? 
_entity_src_gen.pdbx_host_org_culture_collection   ? 
_entity_src_gen.pdbx_host_org_cell                 ? 
_entity_src_gen.pdbx_host_org_organelle            ? 
_entity_src_gen.pdbx_host_org_cellular_location    ? 
_entity_src_gen.pdbx_host_org_vector_type          ? 
_entity_src_gen.pdbx_host_org_vector               ? 
_entity_src_gen.host_org_details                   ? 
_entity_src_gen.expression_system_id               ? 
_entity_src_gen.plasmid_name                       ? 
_entity_src_gen.plasmid_details                    ? 
_entity_src_gen.pdbx_description                   ? 
# 
_pdbx_entity_branch.entity_id   2 
_pdbx_entity_branch.type        oligosaccharide 
# 
loop_
_pdbx_entity_branch_descriptor.ordinal 
_pdbx_entity_branch_descriptor.entity_id 
_pdbx_entity_branch_descriptor.descriptor 
_pdbx_entity_branch_descriptor.type 
_pdbx_entity_branch_descriptor.program 
_pdbx_entity_branch_descriptor.program_version 
1 2 DGlcpNAcb1-4MurNAc1-4DGlcpNAcb1-ROH                                                                    
'Glycam Condensed Sequence' GMML       1.0   
2 2 'WURCS=2.0/2,3,2/[a2122h-1b_1-5_2*NCC/3=O][a2122h-1b_1-5_2*NCC/3=O_3*OC^RCO/4=O/3C]/1-2-1/a4-b1_b4-c1' WURCS PDB2Glycan 1.1.0 
3 2 '[][D-1-deoxy-GlcpNAc]{[(4+1)][b-D-GlcpNAc]{[(3+1)][&lt;C3O2&gt;]{}[(4+1)][b-D-GlcpNAc]{}}}'           LINUCS PDB-CARE   ?     
# 
loop_
_pdbx_entity_branch_link.link_id 
_pdbx_entity_branch_link.entity_id 
_pdbx_entity_branch_link.entity_branch_list_num_1 
_pdbx_entity_branch_link.comp_id_1 
_pdbx_entity_branch_link.atom_id_1 
_pdbx_entity_branch_link.leaving_atom_id_1 
_pdbx_entity_branch_link.entity_branch_list_num_2 
_pdbx_entity_branch_link.comp_id_2 
_pdbx_entity_branch_link.atom_id_2 
_pdbx_entity_branch_link.leaving_atom_id_2 
_pdbx_entity_branch_link.value_order 
_pdbx_entity_branch_link.details 
1 2 2 AMU C1 O1 1 NAG O4 HO4 sing ? 
2 2 3 NAG C1 O1 2 AMU O4 HO4 sing ? 
# 
loop_
_chem_comp.id 
_chem_comp.type 
_chem_comp.mon_nstd_flag 
_chem_comp.name 
_chem_comp.pdbx_synonyms 
_chem_comp.formula 
_chem_comp.formula_weight 
AH0 non-polymer                  . '2-(2-ACETYLAMINO-4-HYDROXY-6,8-DIOXA-BICYCLO[3.2.1]OCT-3-YLOXY)-PROPIONIC ACID' 
'1,6-anhydro-N-acetylmuramic acid' 'C11 H17 N O7'   275.255 
ALA 'L-peptide linking'          y ALANINE                                                                          ? 'C3 H7 N O2' 
89.093  
AMU 'D-saccharide, beta linking' . 'N-acetyl-beta-muramic acid'                                                     
'N-acetyl-muramic acid; BETA-N-ACETYLMURAMIC ACID' 'C11 H19 N O8'   293.270 
ARG 'L-peptide linking'          y ARGININE                                                                         ? 
'C6 H15 N4 O2 1' 175.209 
ASN 'L-peptide linking'          y ASPARAGINE                                                                       ? 
'C4 H8 N2 O3'    132.118 
ASP 'L-peptide linking'          y 'ASPARTIC ACID'                                                                  ? 'C4 H7 N O4' 
133.103 
GLN 'L-peptide linking'          y GLUTAMINE                                                                        ? 
'C5 H10 N2 O3'   146.144 
GLU 'L-peptide linking'          y 'GLUTAMIC ACID'                                                                  ? 'C5 H9 N O4' 
147.129 
GLY 'peptide linking'            y GLYCINE                                                                          ? 'C2 H5 N O2' 
75.067  
HIS 'L-peptide linking'          y HISTIDINE                                                                        ? 
'C6 H10 N3 O2 1' 156.162 
HOH non-polymer                  . WATER                                                                            ? 'H2 O' 
18.015  
ILE 'L-peptide linking'          y ISOLEUCINE                                                                       ? 
'C6 H13 N O2'    131.173 
LEU 'L-peptide linking'          y LEUCINE                                                                          ? 
'C6 H13 N O2'    131.173 
LYS 'L-peptide linking'          y LYSINE                                                                           ? 
'C6 H15 N2 O2 1' 147.195 
NAG 'D-saccharide, beta linking' . 2-acetamido-2-deoxy-beta-D-glucopyranose                                         
;N-acetyl-beta-D-glucosamine; 2-acetamido-2-deoxy-beta-D-glucose; 2-acetamido-2-deoxy-D-glucose; 2-acetamido-2-deoxy-glucose; N-ACETYL-D-GLUCOSAMINE
;
'C8 H15 N O6'    221.208 
PHE 'L-peptide linking'          y PHENYLALANINE                                                                    ? 
'C9 H11 N O2'    165.189 
PRO 'L-peptide linking'          y PROLINE                                                                          ? 'C5 H9 N O2' 
115.130 
SER 'L-peptide linking'          y SERINE                                                                           ? 'C3 H7 N O3' 
105.093 
THR 'L-peptide linking'          y THREONINE                                                                        ? 'C4 H9 N O3' 
119.119 
TYR 'L-peptide linking'          y TYROSINE                                                                         ? 
'C9 H11 N O3'    181.189 
VAL 'L-peptide linking'          y VALINE                                                                           ? 
'C5 H11 N O2'    117.146 
# 
loop_
_pdbx_chem_comp_identifier.comp_id 
_pdbx_chem_comp_identifier.type 
_pdbx_chem_comp_identifier.program 
_pdbx_chem_comp_identifier.program_version 
_pdbx_chem_comp_identifier.identifier 
AMU 'IUPAC CARBOHYDRATE SYMBOL'           PDB-CARE 1.0 b-D-GlcpNAc3<C3O2>             
AMU 'SNFG CARBOHYDRATE SYMBOL'            GMML     1.0 MurNAc                         
NAG 'CONDENSED IUPAC CARBOHYDRATE SYMBOL' GMML     1.0 DGlcpNAcb                      
NAG 'COMMON NAME'                         GMML     1.0 N-acetyl-b-D-glucopyranosamine 
NAG 'IUPAC CARBOHYDRATE SYMBOL'           PDB-CARE 1.0 b-D-GlcpNAc                    
NAG 'SNFG CARBOHYDRATE SYMBOL'            GMML     1.0 GlcNAc                         
# 
loop_
_pdbx_poly_seq_scheme.asym_id 
_pdbx_poly_seq_scheme.entity_id 
_pdbx_poly_seq_scheme.seq_id 
_pdbx_poly_seq_scheme.mon_id 
_pdbx_poly_seq_scheme.ndb_seq_num 
_pdbx_poly_seq_scheme.pdb_seq_num 
_pdbx_poly_seq_scheme.auth_seq_num 
_pdbx_poly_seq_scheme.pdb_mon_id 
_pdbx_poly_seq_scheme.auth_mon_id 
_pdbx_poly_seq_scheme.pdb_strand_id 
_pdbx_poly_seq_scheme.pdb_ins_code 
_pdbx_poly_seq_scheme.hetero 
A 1 1  GLY 1  266 266 GLY GLY A . n 
A 1 2  LEU 2  267 267 LEU LEU A . n 
A 1 3  TYR 3  268 268 TYR TYR A . n 
A 1 4  LEU 4  269 269 LEU LEU A . n 
A 1 5  GLN 5  270 270 GLN GLN A . n 
A 1 6  VAL 6  271 271 VAL VAL A . n 
A 1 7  GLY 7  272 272 GLY GLY A . n 
A 1 8  ALA 8  273 273 ALA ALA A . n 
A 1 9  PHE 9  274 274 PHE PHE A . n 
A 1 10 ALA 10 275 275 ALA ALA A . n 
A 1 11 ASN 11 276 276 ASN ASN A . n 
A 1 12 PRO 12 277 277 PRO PRO A . n 
A 1 13 ASP 13 278 278 ASP ASP A . n 
A 1 14 ALA 14 279 279 ALA ALA A . n 
A 1 15 ALA 15 280 280 ALA ALA A . n 
A 1 16 GLU 16 281 281 GLU GLU A . n 
A 1 17 LEU 17 282 282 LEU LEU A . n 
A 1 18 LEU 18 283 283 LEU LEU A . n 
A 1 19 LYS 19 284 284 LYS LYS A . n 
A 1 20 ALA 20 285 285 ALA ALA A . n 
A 1 21 LYS 21 286 286 LYS LYS A . n 
A 1 22 LEU 22 287 287 LEU LEU A . n 
A 1 23 SER 23 288 288 SER SER A . n 
A 1 24 GLY 24 289 289 GLY GLY A . n 
A 1 25 VAL 25 290 290 VAL VAL A . n 
A 1 26 THR 26 291 291 THR THR A . n 
A 1 27 ALA 27 292 292 ALA ALA A . n 
A 1 28 ALA 28 293 293 ALA ALA A . n 
A 1 29 PRO 29 294 294 PRO PRO A . n 
A 1 30 VAL 30 295 295 VAL VAL A . n 
A 1 31 PHE 31 296 296 PHE PHE A . n 
A 1 32 ILE 32 297 297 ILE ILE A . n 
A 1 33 SER 33 298 298 SER SER A . n 
A 1 34 SER 34 299 299 SER SER A . n 
A 1 35 VAL 35 300 300 VAL VAL A . n 
A 1 36 VAL 36 301 301 VAL VAL A . n 
A 1 37 ARG 37 302 302 ARG ARG A . n 
A 1 38 ASN 38 303 303 ASN ASN A . n 
A 1 39 GLN 39 304 304 GLN GLN A . n 
A 1 40 GLN 40 305 305 GLN GLN A . n 
A 1 41 ILE 41 306 306 ILE ILE A . n 
A 1 42 LEU 42 307 307 LEU LEU A . n 
A 1 43 HIS 43 308 308 HIS HIS A . n 
A 1 44 ARG 44 309 309 ARG ARG A . n 
A 1 45 VAL 45 310 310 VAL VAL A . n 
A 1 46 ARG 46 311 311 ARG ARG A . n 
A 1 47 LEU 47 312 312 LEU LEU A . n 
A 1 48 GLY 48 313 313 GLY GLY A . n 
A 1 49 PRO 49 314 314 PRO PRO A . n 
A 1 50 ILE 50 315 315 ILE ILE A . n 
A 1 51 GLY 51 316 316 GLY GLY A . n 
A 1 52 SER 52 317 317 SER SER A . n 
A 1 53 ALA 53 318 318 ALA ALA A . n 
A 1 54 ASP 54 319 319 ASP ASP A . n 
A 1 55 GLU 55 320 320 GLU GLU A . n 
A 1 56 VAL 56 321 321 VAL VAL A . n 
A 1 57 SER 57 322 322 SER SER A . n 
A 1 58 ARG 58 323 323 ARG ARG A . n 
A 1 59 THR 59 324 324 THR THR A . n 
A 1 60 GLN 60 325 325 GLN GLN A . n 
A 1 61 ASP 61 326 326 ASP ASP A . n 
A 1 62 SER 62 327 327 SER SER A . n 
A 1 63 ILE 63 328 328 ILE ILE A . n 
A 1 64 ARG 64 329 329 ARG ARG A . n 
A 1 65 VAL 65 330 330 VAL VAL A . n 
A 1 66 ALA 66 331 331 ALA ALA A . n 
A 1 67 ASN 67 332 332 ASN ASN A . n 
A 1 68 LEU 68 333 333 LEU LEU A . n 
A 1 69 GLY 69 334 334 GLY GLY A . n 
A 1 70 GLN 70 335 335 GLN GLN A . n 
A 1 71 PRO 71 336 336 PRO PRO A . n 
A 1 72 THR 72 337 337 THR THR A . n 
A 1 73 LEU 73 338 338 LEU LEU A . n 
A 1 74 VAL 74 339 339 VAL VAL A . n 
A 1 75 ARG 75 340 340 ARG ARG A . n 
A 1 76 PRO 76 341 341 PRO PRO A . n 
A 1 77 ASP 77 342 342 ASP ASP A . n 
# 
loop_
_pdbx_branch_scheme.asym_id 
_pdbx_branch_scheme.entity_id 
_pdbx_branch_scheme.mon_id 
_pdbx_branch_scheme.num 
_pdbx_branch_scheme.pdb_asym_id 
_pdbx_branch_scheme.pdb_mon_id 
_pdbx_branch_scheme.pdb_seq_num 
_pdbx_branch_scheme.auth_asym_id 
_pdbx_branch_scheme.auth_mon_id 
_pdbx_branch_scheme.auth_seq_num 
_pdbx_branch_scheme.hetero 
B 2 NAG 1 B NAG 1 A NAG 402 n 
B 2 AMU 2 B AMU 2 A AMU 403 n 
B 2 NAG 3 B NAG 3 A NAG 404 n 
# 
loop_
_pdbx_nonpoly_scheme.asym_id 
_pdbx_nonpoly_scheme.entity_id 
_pdbx_nonpoly_scheme.mon_id 
_pdbx_nonpoly_scheme.ndb_seq_num 
_pdbx_nonpoly_scheme.pdb_seq_num 
_pdbx_nonpoly_scheme.auth_seq_num 
_pdbx_nonpoly_scheme.pdb_mon_id 
_pdbx_nonpoly_scheme.auth_mon_id 
_pdbx_nonpoly_scheme.pdb_strand_id 
_pdbx_nonpoly_scheme.pdb_ins_code 
C 3 AH0 1  401 401 AH0 AH0 A . 
D 4 HOH 1  501 582 HOH HOH A . 
D 4 HOH 2  502 502 HOH HOH A . 
D 4 HOH 3  503 501 HOH HOH A . 
D 4 HOH 4  504 507 HOH HOH A . 
D 4 HOH 5  505 505 HOH HOH A . 
D 4 HOH 6  506 512 HOH HOH A . 
D 4 HOH 7  507 511 HOH HOH A . 
D 4 HOH 8  508 509 HOH HOH A . 
D 4 HOH 9  509 521 HOH HOH A . 
D 4 HOH 10 510 524 HOH HOH A . 
D 4 HOH 11 511 513 HOH HOH A . 
D 4 HOH 12 512 515 HOH HOH A . 
D 4 HOH 13 513 506 HOH HOH A . 
D 4 HOH 14 514 536 HOH HOH A . 
D 4 HOH 15 515 510 HOH HOH A . 
D 4 HOH 16 516 527 HOH HOH A . 
D 4 HOH 17 517 514 HOH HOH A . 
D 4 HOH 18 518 528 HOH HOH A . 
D 4 HOH 19 519 518 HOH HOH A . 
D 4 HOH 20 520 516 HOH HOH A . 
D 4 HOH 21 521 517 HOH HOH A . 
D 4 HOH 22 522 519 HOH HOH A . 
D 4 HOH 23 523 520 HOH HOH A . 
D 4 HOH 24 524 535 HOH HOH A . 
D 4 HOH 25 525 522 HOH HOH A . 
D 4 HOH 26 526 526 HOH HOH A . 
D 4 HOH 27 527 530 HOH HOH A . 
D 4 HOH 28 528 523 HOH HOH A . 
D 4 HOH 29 529 531 HOH HOH A . 
D 4 HOH 30 530 537 HOH HOH A . 
D 4 HOH 31 531 533 HOH HOH A . 
D 4 HOH 32 532 555 HOH HOH A . 
D 4 HOH 33 533 547 HOH HOH A . 
D 4 HOH 34 534 529 HOH HOH A . 
D 4 HOH 35 535 548 HOH HOH A . 
D 4 HOH 36 536 532 HOH HOH A . 
D 4 HOH 37 537 538 HOH HOH A . 
D 4 HOH 38 538 541 HOH HOH A . 
D 4 HOH 39 539 558 HOH HOH A . 
D 4 HOH 40 540 549 HOH HOH A . 
D 4 HOH 41 541 540 HOH HOH A . 
D 4 HOH 42 542 539 HOH HOH A . 
D 4 HOH 43 543 543 HOH HOH A . 
D 4 HOH 44 544 544 HOH HOH A . 
D 4 HOH 45 545 546 HOH HOH A . 
D 4 HOH 46 546 542 HOH HOH A . 
D 4 HOH 47 547 534 HOH HOH A . 
D 4 HOH 48 548 550 HOH HOH A . 
D 4 HOH 49 549 552 HOH HOH A . 
D 4 HOH 50 550 525 HOH HOH A . 
D 4 HOH 51 551 545 HOH HOH A . 
D 4 HOH 52 552 551 HOH HOH A . 
D 4 HOH 53 553 559 HOH HOH A . 
D 4 HOH 54 554 561 HOH HOH A . 
D 4 HOH 55 555 562 HOH HOH A . 
D 4 HOH 56 556 503 HOH HOH A . 
D 4 HOH 57 557 560 HOH HOH A . 
D 4 HOH 58 558 554 HOH HOH A . 
D 4 HOH 59 559 556 HOH HOH A . 
D 4 HOH 60 560 553 HOH HOH A . 
D 4 HOH 61 561 557 HOH HOH A . 
D 4 HOH 62 562 565 HOH HOH A . 
D 4 HOH 63 563 569 HOH HOH A . 
D 4 HOH 64 564 563 HOH HOH A . 
D 4 HOH 65 565 568 HOH HOH A . 
D 4 HOH 66 566 566 HOH HOH A . 
D 4 HOH 67 567 570 HOH HOH A . 
D 4 HOH 68 568 564 HOH HOH A . 
D 4 HOH 69 569 572 HOH HOH A . 
D 4 HOH 70 570 571 HOH HOH A . 
D 4 HOH 71 571 573 HOH HOH A . 
D 4 HOH 72 572 578 HOH HOH A . 
D 4 HOH 73 573 575 HOH HOH A . 
D 4 HOH 74 574 574 HOH HOH A . 
D 4 HOH 75 575 576 HOH HOH A . 
D 4 HOH 76 576 577 HOH HOH A . 
D 4 HOH 77 577 580 HOH HOH A . 
D 4 HOH 78 578 583 HOH HOH A . 
D 4 HOH 79 579 579 HOH HOH A . 
D 4 HOH 80 580 585 HOH HOH A . 
D 4 HOH 81 581 584 HOH HOH A . 
D 4 HOH 82 582 587 HOH HOH A . 
D 4 HOH 83 583 586 HOH HOH A . 
D 4 HOH 84 584 588 HOH HOH A . 
# 
loop_
_software.citation_id 
_software.classification 
_software.compiler_name 
_software.compiler_version 
_software.contact_author 
_software.contact_author_email 
_software.date 
_software.description 
_software.dependencies 
_software.hardware 
_software.language 
_software.location 
_software.mods 
_software.name 
_software.os 
_software.os_version 
_software.type 
_software.version 
_software.pdbx_ordinal 
? refinement       ? ? ? ? ? ? ? ? ? ? ? PHENIX  ? ? ? 1.15.2_3472 1 
? refinement       ? ? ? ? ? ? ? ? ? ? ? PHENIX  ? ? ? 1.15.2_3472 2 
? 'data reduction' ? ? ? ? ? ? ? ? ? ? ? XDS     ? ? ? .           3 
? 'data scaling'   ? ? ? ? ? ? ? ? ? ? ? Aimless ? ? ? .           4 
? phasing          ? ? ? ? ? ? ? ? ? ? ? MOLREP  ? ? ? .           5 
# 
_cell.angle_alpha                  90.000 
_cell.angle_alpha_esd              ? 
_cell.angle_beta                   90.000 
_cell.angle_beta_esd               ? 
_cell.angle_gamma                  90.000 
_cell.angle_gamma_esd              ? 
_cell.entry_id                     6I0N 
_cell.details                      ? 
_cell.formula_units_Z              ? 
_cell.length_a                     67.133 
_cell.length_a_esd                 ? 
_cell.length_b                     68.424 
_cell.length_b_esd                 ? 
_cell.length_c                     38.863 
_cell.length_c_esd                 ? 
_cell.volume                       178517.517 
_cell.volume_esd                   ? 
_cell.Z_PDB                        8 
_cell.reciprocal_angle_alpha       ? 
_cell.reciprocal_angle_beta        ? 
_cell.reciprocal_angle_gamma       ? 
_cell.reciprocal_angle_alpha_esd   ? 
_cell.reciprocal_angle_beta_esd    ? 
_cell.reciprocal_angle_gamma_esd   ? 
_cell.reciprocal_length_a          ? 
_cell.reciprocal_length_b          ? 
_cell.reciprocal_length_c          ? 
_cell.reciprocal_length_a_esd      ? 
_cell.reciprocal_length_b_esd      ? 
_cell.reciprocal_length_c_esd      ? 
_cell.pdbx_unique_axis             ? 
# 
_symmetry.entry_id                         6I0N 
_symmetry.cell_setting                     ? 
_symmetry.Int_Tables_number                20 
_symmetry.space_group_name_Hall            'C 2c 2' 
_symmetry.space_group_name_H-M             'C 2 2 21' 
_symmetry.pdbx_full_space_group_name_H-M   ? 
# 
_exptl.absorpt_coefficient_mu     ? 
_exptl.absorpt_correction_T_max   ? 
_exptl.absorpt_correction_T_min   ? 
_exptl.absorpt_correction_type    ? 
_exptl.absorpt_process_details    ? 
_exptl.entry_id                   6I0N 
_exptl.crystals_number            1 
_exptl.details                    ? 
_exptl.method                     'X-RAY DIFFRACTION' 
_exptl.method_details             ? 
# 
_exptl_crystal.colour                      ? 
_exptl_crystal.density_diffrn              ? 
_exptl_crystal.density_Matthews            2.69 
_exptl_crystal.density_method              ? 
_exptl_crystal.density_percent_sol         54.31 
_exptl_crystal.description                 ? 
_exptl_crystal.F_000                       ? 
_exptl_crystal.id                          1 
_exptl_crystal.preparation                 ? 
_exptl_crystal.size_max                    ? 
_exptl_crystal.size_mid                    ? 
_exptl_crystal.size_min                    ? 
_exptl_crystal.size_rad                    ? 
_exptl_crystal.colour_lustre               ? 
_exptl_crystal.colour_modifier             ? 
_exptl_crystal.colour_primary              ? 
_exptl_crystal.density_meas                ? 
_exptl_crystal.density_meas_esd            ? 
_exptl_crystal.density_meas_gt             ? 
_exptl_crystal.density_meas_lt             ? 
_exptl_crystal.density_meas_temp           ? 
_exptl_crystal.density_meas_temp_esd       ? 
_exptl_crystal.density_meas_temp_gt        ? 
_exptl_crystal.density_meas_temp_lt        ? 
_exptl_crystal.pdbx_crystal_image_url      ? 
_exptl_crystal.pdbx_crystal_image_format   ? 
_exptl_crystal.pdbx_mosaicity              ? 
_exptl_crystal.pdbx_mosaicity_esd          ? 
# 
_exptl_crystal_grow.apparatus       ? 
_exptl_crystal_grow.atmosphere      ? 
_exptl_crystal_grow.crystal_id      1 
_exptl_crystal_grow.details         ? 
_exptl_crystal_grow.method          'VAPOR DIFFUSION, SITTING DROP' 
_exptl_crystal_grow.method_ref      ? 
_exptl_crystal_grow.pH              ? 
_exptl_crystal_grow.pressure        ? 
_exptl_crystal_grow.pressure_esd    ? 
_exptl_crystal_grow.seeding         ? 
_exptl_crystal_grow.seeding_ref     ? 
_exptl_crystal_grow.temp            291 
_exptl_crystal_grow.temp_details    ? 
_exptl_crystal_grow.temp_esd        ? 
_exptl_crystal_grow.time            ? 
_exptl_crystal_grow.pdbx_details    '0.15 M NaF and 16% (w/v) PEG3350' 
_exptl_crystal_grow.pdbx_pH_range   ? 
# 
_diffrn.ambient_environment              ? 
_diffrn.ambient_temp                     100 
_diffrn.ambient_temp_details             ? 
_diffrn.ambient_temp_esd                 ? 
_diffrn.crystal_id                       1 
_diffrn.crystal_support                  ? 
_diffrn.crystal_treatment                ? 
_diffrn.details                          ? 
_diffrn.id                               1 
_diffrn.ambient_pressure                 ? 
_diffrn.ambient_pressure_esd             ? 
_diffrn.ambient_pressure_gt              ? 
_diffrn.ambient_pressure_lt              ? 
_diffrn.ambient_temp_gt                  ? 
_diffrn.ambient_temp_lt                  ? 
_diffrn.pdbx_serial_crystal_experiment   N 
# 
_diffrn_detector.details                      ? 
_diffrn_detector.detector                     PIXEL 
_diffrn_detector.diffrn_id                    1 
_diffrn_detector.type                         'DECTRIS PILATUS3 S 6M' 
_diffrn_detector.area_resol_mean              ? 
_diffrn_detector.dtime                        ? 
_diffrn_detector.pdbx_frames_total            ? 
_diffrn_detector.pdbx_collection_time_total   ? 
_diffrn_detector.pdbx_collection_date         2018-04-19 
_diffrn_detector.pdbx_frequency               ? 
# 
_diffrn_radiation.collimation                      ? 
_diffrn_radiation.diffrn_id                        1 
_diffrn_radiation.filter_edge                      ? 
_diffrn_radiation.inhomogeneity                    ? 
_diffrn_radiation.monochromator                    ? 
_diffrn_radiation.polarisn_norm                    ? 
_diffrn_radiation.polarisn_ratio                   ? 
_diffrn_radiation.probe                            ? 
_diffrn_radiation.type                             ? 
_diffrn_radiation.xray_symbol                      ? 
_diffrn_radiation.wavelength_id                    1 
_diffrn_radiation.pdbx_monochromatic_or_laue_m_l   M 
_diffrn_radiation.pdbx_wavelength_list             ? 
_diffrn_radiation.pdbx_wavelength                  ? 
_diffrn_radiation.pdbx_diffrn_protocol             'SINGLE WAVELENGTH' 
_diffrn_radiation.pdbx_analyzer                    ? 
_diffrn_radiation.pdbx_scattering_type             x-ray 
# 
_diffrn_radiation_wavelength.id           1 
_diffrn_radiation_wavelength.wavelength   0.97918 
_diffrn_radiation_wavelength.wt           1.0 
# 
_diffrn_source.current                     ? 
_diffrn_source.details                     ? 
_diffrn_source.diffrn_id                   1 
_diffrn_source.power                       ? 
_diffrn_source.size                        ? 
_diffrn_source.source                      SYNCHROTRON 
_diffrn_source.target                      ? 
_diffrn_source.type                        'ALBA BEAMLINE XALOC' 
_diffrn_source.voltage                     ? 
_diffrn_source.take-off_angle              ? 
_diffrn_source.pdbx_wavelength_list        0.97918 
_diffrn_source.pdbx_wavelength             ? 
_diffrn_source.pdbx_synchrotron_beamline   XALOC 
_diffrn_source.pdbx_synchrotron_site       ALBA 
# 
_reflns.B_iso_Wilson_estimate            16.46 
_reflns.entry_id                         6I0N 
_reflns.data_reduction_details           ? 
_reflns.data_reduction_method            ? 
_reflns.d_resolution_high                1.4 
_reflns.d_resolution_low                 47.92 
_reflns.details                          ? 
_reflns.limit_h_max                      ? 
_reflns.limit_h_min                      ? 
_reflns.limit_k_max                      ? 
_reflns.limit_k_min                      ? 
_reflns.limit_l_max                      ? 
_reflns.limit_l_min                      ? 
_reflns.number_all                       ? 
_reflns.number_obs                       18010 
_reflns.observed_criterion               ? 
_reflns.observed_criterion_F_max         ? 
_reflns.observed_criterion_F_min         ? 
_reflns.observed_criterion_I_max         ? 
_reflns.observed_criterion_I_min         ? 
_reflns.observed_criterion_sigma_F       ? 
_reflns.observed_criterion_sigma_I       ? 
_reflns.percent_possible_obs             99.88 
_reflns.R_free_details                   ? 
_reflns.Rmerge_F_all                     ? 
_reflns.Rmerge_F_obs                     ? 
_reflns.Friedel_coverage                 ? 
_reflns.number_gt                        ? 
_reflns.threshold_expression             ? 
_reflns.pdbx_redundancy                  8.8 
_reflns.pdbx_Rmerge_I_obs                0.051 
_reflns.pdbx_Rmerge_I_all                ? 
_reflns.pdbx_Rsym_value                  ? 
_reflns.pdbx_netI_over_av_sigmaI         ? 
_reflns.pdbx_netI_over_sigmaI            20.7 
_reflns.pdbx_res_netI_over_av_sigmaI_2   ? 
_reflns.pdbx_res_netI_over_sigmaI_2      ? 
_reflns.pdbx_chi_squared                 ? 
_reflns.pdbx_scaling_rejects             ? 
_reflns.pdbx_d_res_high_opt              ? 
_reflns.pdbx_d_res_low_opt               ? 
_reflns.pdbx_d_res_opt_method            ? 
_reflns.phase_calculation_details        ? 
_reflns.pdbx_Rrim_I_all                  ? 
_reflns.pdbx_Rpim_I_all                  0.018 
_reflns.pdbx_d_opt                       ? 
_reflns.pdbx_number_measured_all         ? 
_reflns.pdbx_diffrn_id                   1 
_reflns.pdbx_ordinal                     1 
_reflns.pdbx_CC_half                     ? 
_reflns.pdbx_R_split                     ? 
# 
_reflns_shell.d_res_high                  1.4 
_reflns_shell.d_res_low                   1.45 
_reflns_shell.meanI_over_sigI_all         ? 
_reflns_shell.meanI_over_sigI_obs         2.7 
_reflns_shell.number_measured_all         ? 
_reflns_shell.number_measured_obs         ? 
_reflns_shell.number_possible             ? 
_reflns_shell.number_unique_all           ? 
_reflns_shell.number_unique_obs           1767 
_reflns_shell.percent_possible_all        100 
_reflns_shell.percent_possible_obs        ? 
_reflns_shell.Rmerge_F_all                ? 
_reflns_shell.Rmerge_F_obs                ? 
_reflns_shell.Rmerge_I_all                ? 
_reflns_shell.Rmerge_I_obs                0.884 
_reflns_shell.meanI_over_sigI_gt          ? 
_reflns_shell.meanI_over_uI_all           ? 
_reflns_shell.meanI_over_uI_gt            ? 
_reflns_shell.number_measured_gt          ? 
_reflns_shell.number_unique_gt            ? 
_reflns_shell.percent_possible_gt         ? 
_reflns_shell.Rmerge_F_gt                 ? 
_reflns_shell.Rmerge_I_gt                 ? 
_reflns_shell.pdbx_redundancy             9.1 
_reflns_shell.pdbx_Rsym_value             ? 
_reflns_shell.pdbx_chi_squared            ? 
_reflns_shell.pdbx_netI_over_sigmaI_all   ? 
_reflns_shell.pdbx_netI_over_sigmaI_obs   ? 
_reflns_shell.pdbx_Rrim_I_all             ? 
_reflns_shell.pdbx_Rpim_I_all             0.308 
_reflns_shell.pdbx_rejects                ? 
_reflns_shell.pdbx_ordinal                1 
_reflns_shell.pdbx_diffrn_id              1 
_reflns_shell.pdbx_CC_half                0.85 
_reflns_shell.pdbx_R_split                ? 
# 
_refine.aniso_B[1][1]                            ? 
_refine.aniso_B[1][2]                            ? 
_refine.aniso_B[1][3]                            ? 
_refine.aniso_B[2][2]                            ? 
_refine.aniso_B[2][3]                            ? 
_refine.aniso_B[3][3]                            ? 
_refine.B_iso_max                                ? 
_refine.B_iso_mean                               27.74 
_refine.B_iso_min                                ? 
_refine.correlation_coeff_Fo_to_Fc               ? 
_refine.correlation_coeff_Fo_to_Fc_free          ? 
_refine.details                                  ? 
_refine.diff_density_max                         ? 
_refine.diff_density_max_esd                     ? 
_refine.diff_density_min                         ? 
_refine.diff_density_min_esd                     ? 
_refine.diff_density_rms                         ? 
_refine.diff_density_rms_esd                     ? 
_refine.entry_id                                 6I0N 
_refine.pdbx_refine_id                           'X-RAY DIFFRACTION' 
_refine.ls_abs_structure_details                 ? 
_refine.ls_abs_structure_Flack                   ? 
_refine.ls_abs_structure_Flack_esd               ? 
_refine.ls_abs_structure_Rogers                  ? 
_refine.ls_abs_structure_Rogers_esd              ? 
_refine.ls_d_res_high                            1.4 
_refine.ls_d_res_low                             47.92 
_refine.ls_extinction_coef                       ? 
_refine.ls_extinction_coef_esd                   ? 
_refine.ls_extinction_expression                 ? 
_refine.ls_extinction_method                     ? 
_refine.ls_goodness_of_fit_all                   ? 
_refine.ls_goodness_of_fit_all_esd               ? 
_refine.ls_goodness_of_fit_obs                   ? 
_refine.ls_goodness_of_fit_obs_esd               ? 
_refine.ls_hydrogen_treatment                    ? 
_refine.ls_matrix_type                           ? 
_refine.ls_number_constraints                    ? 
_refine.ls_number_parameters                     ? 
_refine.ls_number_reflns_all                     ? 
_refine.ls_number_reflns_obs                     17991 
_refine.ls_number_reflns_R_free                  828 
_refine.ls_number_reflns_R_work                  ? 
_refine.ls_number_restraints                     ? 
_refine.ls_percent_reflns_obs                    99.90 
_refine.ls_percent_reflns_R_free                 4.60 
_refine.ls_R_factor_all                          ? 
_refine.ls_R_factor_obs                          0.1577 
_refine.ls_R_factor_R_free                       0.1839 
_refine.ls_R_factor_R_free_error                 ? 
_refine.ls_R_factor_R_free_error_details         ? 
_refine.ls_R_factor_R_work                       0.1564 
_refine.ls_R_Fsqd_factor_obs                     ? 
_refine.ls_R_I_factor_obs                        ? 
_refine.ls_redundancy_reflns_all                 ? 
_refine.ls_redundancy_reflns_obs                 ? 
_refine.ls_restrained_S_all                      ? 
_refine.ls_restrained_S_obs                      ? 
_refine.ls_shift_over_esd_max                    ? 
_refine.ls_shift_over_esd_mean                   ? 
_refine.ls_structure_factor_coef                 ? 
_refine.ls_weighting_details                     ? 
_refine.ls_weighting_scheme                      ? 
_refine.ls_wR_factor_all                         ? 
_refine.ls_wR_factor_obs                         ? 
_refine.ls_wR_factor_R_free                      ? 
_refine.ls_wR_factor_R_work                      ? 
_refine.occupancy_max                            ? 
_refine.occupancy_min                            ? 
_refine.solvent_model_details                    ? 
_refine.solvent_model_param_bsol                 ? 
_refine.solvent_model_param_ksol                 ? 
_refine.ls_R_factor_gt                           ? 
_refine.ls_goodness_of_fit_gt                    ? 
_refine.ls_goodness_of_fit_ref                   ? 
_refine.ls_shift_over_su_max                     ? 
_refine.ls_shift_over_su_max_lt                  ? 
_refine.ls_shift_over_su_mean                    ? 
_refine.ls_shift_over_su_mean_lt                 ? 
_refine.pdbx_ls_sigma_I                          ? 
_refine.pdbx_ls_sigma_F                          1.34 
_refine.pdbx_ls_sigma_Fsqd                       ? 
_refine.pdbx_data_cutoff_high_absF               ? 
_refine.pdbx_data_cutoff_high_rms_absF           ? 
_refine.pdbx_data_cutoff_low_absF                ? 
_refine.pdbx_isotropic_thermal_model             ? 
_refine.pdbx_ls_cross_valid_method               THROUGHOUT 
_refine.pdbx_method_to_determine_struct          'MOLECULAR REPLACEMENT' 
_refine.pdbx_starting_model                      6I05 
_refine.pdbx_stereochemistry_target_values       ? 
_refine.pdbx_R_Free_selection_details            ? 
_refine.pdbx_stereochem_target_val_spec_case     ? 
_refine.pdbx_overall_ESU_R                       ? 
_refine.pdbx_overall_ESU_R_Free                  ? 
_refine.pdbx_solvent_vdw_probe_radii             1.1100 
_refine.pdbx_solvent_ion_probe_radii             ? 
_refine.pdbx_solvent_shrinkage_radii             0.9000 
_refine.pdbx_real_space_R                        ? 
_refine.pdbx_density_correlation                 ? 
_refine.pdbx_pd_number_of_powder_patterns        ? 
_refine.pdbx_pd_number_of_points                 ? 
_refine.pdbx_pd_meas_number_of_points            ? 
_refine.pdbx_pd_proc_ls_prof_R_factor            ? 
_refine.pdbx_pd_proc_ls_prof_wR_factor           ? 
_refine.pdbx_pd_Marquardt_correlation_coeff      ? 
_refine.pdbx_pd_Fsqrd_R_factor                   ? 
_refine.pdbx_pd_ls_matrix_band_width             ? 
_refine.pdbx_overall_phase_error                 21.0128 
_refine.pdbx_overall_SU_R_free_Cruickshank_DPI   ? 
_refine.pdbx_overall_SU_R_free_Blow_DPI          ? 
_refine.pdbx_overall_SU_R_Blow_DPI               ? 
_refine.pdbx_TLS_residual_ADP_flag               ? 
_refine.pdbx_diffrn_id                           1 
_refine.overall_SU_B                             ? 
_refine.overall_SU_ML                            0.1258 
_refine.overall_SU_R_Cruickshank_DPI             ? 
_refine.overall_SU_R_free                        ? 
_refine.overall_FOM_free_R_set                   ? 
_refine.overall_FOM_work_R_set                   ? 
_refine.pdbx_average_fsc_overall                 ? 
_refine.pdbx_average_fsc_work                    ? 
_refine.pdbx_average_fsc_free                    ? 
# 
_refine_hist.pdbx_refine_id                   'X-RAY DIFFRACTION' 
_refine_hist.cycle_id                         LAST 
_refine_hist.details                          ? 
_refine_hist.d_res_high                       1.4 
_refine_hist.d_res_low                        47.92 
_refine_hist.number_atoms_solvent             84 
_refine_hist.number_atoms_total               726 
_refine_hist.number_reflns_all                ? 
_refine_hist.number_reflns_obs                ? 
_refine_hist.number_reflns_R_free             ? 
_refine_hist.number_reflns_R_work             ? 
_refine_hist.R_factor_all                     ? 
_refine_hist.R_factor_obs                     ? 
_refine_hist.R_factor_R_free                  ? 
_refine_hist.R_factor_R_work                  ? 
_refine_hist.pdbx_number_residues_total       ? 
_refine_hist.pdbx_B_iso_mean_ligand           ? 
_refine_hist.pdbx_B_iso_mean_solvent          ? 
_refine_hist.pdbx_number_atoms_protein        576 
_refine_hist.pdbx_number_atoms_nucleic_acid   0 
_refine_hist.pdbx_number_atoms_ligand         66 
_refine_hist.pdbx_number_atoms_lipid          ? 
_refine_hist.pdbx_number_atoms_carb           ? 
_refine_hist.pdbx_pseudo_atom_details         ? 
# 
loop_
_refine_ls_restr.pdbx_refine_id 
_refine_ls_restr.criterion 
_refine_ls_restr.dev_ideal 
_refine_ls_restr.dev_ideal_target 
_refine_ls_restr.number 
_refine_ls_restr.rejects 
_refine_ls_restr.type 
_refine_ls_restr.weight 
_refine_ls_restr.pdbx_restraint_function 
'X-RAY DIFFRACTION' ? 0.0048  ? 710 ? f_bond_d           ? ? 
'X-RAY DIFFRACTION' ? 0.8867  ? 980 ? f_angle_d          ? ? 
'X-RAY DIFFRACTION' ? 0.0708  ? 125 ? f_chiral_restr     ? ? 
'X-RAY DIFFRACTION' ? 0.0039  ? 127 ? f_plane_restr      ? ? 
'X-RAY DIFFRACTION' ? 12.0480 ? 493 ? f_dihedral_angle_d ? ? 
# 
loop_
_refine_ls_shell.pdbx_refine_id 
_refine_ls_shell.d_res_high 
_refine_ls_shell.d_res_low 
_refine_ls_shell.number_reflns_all 
_refine_ls_shell.number_reflns_obs 
_refine_ls_shell.number_reflns_R_free 
_refine_ls_shell.number_reflns_R_work 
_refine_ls_shell.percent_reflns_obs 
_refine_ls_shell.percent_reflns_R_free 
_refine_ls_shell.R_factor_all 
_refine_ls_shell.R_factor_obs 
_refine_ls_shell.R_factor_R_free 
_refine_ls_shell.R_factor_R_free_error 
_refine_ls_shell.R_factor_R_work 
_refine_ls_shell.redundancy_reflns_all 
_refine_ls_shell.redundancy_reflns_obs 
_refine_ls_shell.wR_factor_all 
_refine_ls_shell.wR_factor_obs 
_refine_ls_shell.wR_factor_R_free 
_refine_ls_shell.wR_factor_R_work 
_refine_ls_shell.pdbx_total_number_of_bins_used 
_refine_ls_shell.pdbx_phase_error 
_refine_ls_shell.pdbx_fsc_work 
_refine_ls_shell.pdbx_fsc_free 
'X-RAY DIFFRACTION' 1.40 1.49  . . 118 2820 100.00 . . . 0.2655 . 0.1894 . . . . . . . . . . 
'X-RAY DIFFRACTION' 1.49 1.60  . . 128 2836 99.90  . . . 0.2338 . 0.1511 . . . . . . . . . . 
'X-RAY DIFFRACTION' 1.60 1.76  . . 139 2834 99.97  . . . 0.1757 . 0.1425 . . . . . . . . . . 
'X-RAY DIFFRACTION' 1.76 2.02  . . 142 2836 99.90  . . . 0.1862 . 0.1390 . . . . . . . . . . 
'X-RAY DIFFRACTION' 2.02 2.54  . . 151 2863 99.93  . . . 0.1825 . 0.1558 . . . . . . . . . . 
'X-RAY DIFFRACTION' 2.54 34.21 . . 150 2975 99.71  . . . 0.1744 . 0.1615 . . . . . . . . . . 
# 
_struct.entry_id                     6I0N 
_struct.title                        
'Crystal structure of RlpA SPOR domain from Pseudomonas aeruginosa in complex with denuded glycan ended in anhNAM' 
_struct.pdbx_model_details           ? 
_struct.pdbx_formula_weight          ? 
_struct.pdbx_formula_weight_method   ? 
_struct.pdbx_model_type_details      ? 
_struct.pdbx_CASP_flag               N 
# 
_struct_keywords.entry_id        6I0N 
_struct_keywords.text            
'Lytic transglycosylase, septum, SPOR domain, cell division, divisome, murein, denuded glycan, CELL CYCLE, anhNAM' 
_struct_keywords.pdbx_keywords   'CELL CYCLE' 
# 
loop_
_struct_asym.id 
_struct_asym.pdbx_blank_PDB_chainid_flag 
_struct_asym.pdbx_modified 
_struct_asym.entity_id 
_struct_asym.details 
A N N 1 ? 
B N N 2 ? 
C N N 3 ? 
D N N 4 ? 
# 
_struct_ref.id                         1 
_struct_ref.db_name                    UNP 
_struct_ref.db_code                    A0A0A8RDC6_PSEAI 
_struct_ref.pdbx_db_accession          A0A0A8RDC6 
_struct_ref.pdbx_db_isoform            ? 
_struct_ref.entity_id                  1 
_struct_ref.pdbx_seq_one_letter_code   GLYLQVGAFANPDAAELLKAKLSGVTAAPVFISSVVRNQQILHRVRLGPIGSADEVSRTQDSIRVANLGQPTLVRPD 
_struct_ref.pdbx_align_begin           266 
# 
_struct_ref_seq.align_id                      1 
_struct_ref_seq.ref_id                        1 
_struct_ref_seq.pdbx_PDB_id_code              6I0N 
_struct_ref_seq.pdbx_strand_id                A 
_struct_ref_seq.seq_align_beg                 1 
_struct_ref_seq.pdbx_seq_align_beg_ins_code   ? 
_struct_ref_seq.seq_align_end                 77 
_struct_ref_seq.pdbx_seq_align_end_ins_code   ? 
_struct_ref_seq.pdbx_db_accession             A0A0A8RDC6 
_struct_ref_seq.db_align_beg                  266 
_struct_ref_seq.pdbx_db_align_beg_ins_code    ? 
_struct_ref_seq.db_align_end                  342 
_struct_ref_seq.pdbx_db_align_end_ins_code    ? 
_struct_ref_seq.pdbx_auth_seq_align_beg       266 
_struct_ref_seq.pdbx_auth_seq_align_end       342 
# 
_pdbx_struct_assembly.id                   1 
_pdbx_struct_assembly.details              author_defined_assembly 
_pdbx_struct_assembly.method_details       ? 
_pdbx_struct_assembly.oligomeric_details   monomeric 
_pdbx_struct_assembly.oligomeric_count     1 
# 
loop_
_pdbx_struct_assembly_prop.biol_id 
_pdbx_struct_assembly_prop.type 
_pdbx_struct_assembly_prop.value 
_pdbx_struct_assembly_prop.details 
1 'ABSA (A^2)' 1040 ? 
1 MORE         12   ? 
1 'SSA (A^2)'  4960 ? 
# 
_pdbx_struct_assembly_gen.assembly_id       1 
_pdbx_struct_assembly_gen.oper_expression   1 
_pdbx_struct_assembly_gen.asym_id_list      A,B,C,D 
# 
_pdbx_struct_assembly_auth_evidence.id                     1 
_pdbx_struct_assembly_auth_evidence.assembly_id            1 
_pdbx_struct_assembly_auth_evidence.experimental_support   'mass spectrometry' 
_pdbx_struct_assembly_auth_evidence.details                ? 
# 
_pdbx_struct_oper_list.id                   1 
_pdbx_struct_oper_list.type                 'identity operation' 
_pdbx_struct_oper_list.name                 1_555 
_pdbx_struct_oper_list.symmetry_operation   x,y,z 
_pdbx_struct_oper_list.matrix[1][1]         1.0000000000 
_pdbx_struct_oper_list.matrix[1][2]         0.0000000000 
_pdbx_struct_oper_list.matrix[1][3]         0.0000000000 
_pdbx_struct_oper_list.vector[1]            0.0000000000 
_pdbx_struct_oper_list.matrix[2][1]         0.0000000000 
_pdbx_struct_oper_list.matrix[2][2]         1.0000000000 
_pdbx_struct_oper_list.matrix[2][3]         0.0000000000 
_pdbx_struct_oper_list.vector[2]            0.0000000000 
_pdbx_struct_oper_list.matrix[3][1]         0.0000000000 
_pdbx_struct_oper_list.matrix[3][2]         0.0000000000 
_pdbx_struct_oper_list.matrix[3][3]         1.0000000000 
_pdbx_struct_oper_list.vector[3]            0.0000000000 
# 
loop_
_struct_conf.conf_type_id 
_struct_conf.id 
_struct_conf.pdbx_PDB_helix_id 
_struct_conf.beg_label_comp_id 
_struct_conf.beg_label_asym_id 
_struct_conf.beg_label_seq_id 
_struct_conf.pdbx_beg_PDB_ins_code 
_struct_conf.end_label_comp_id 
_struct_conf.end_label_asym_id 
_struct_conf.end_label_seq_id 
_struct_conf.pdbx_end_PDB_ins_code 
_struct_conf.beg_auth_comp_id 
_struct_conf.beg_auth_asym_id 
_struct_conf.beg_auth_seq_id 
_struct_conf.end_auth_comp_id 
_struct_conf.end_auth_asym_id 
_struct_conf.end_auth_seq_id 
_struct_conf.pdbx_PDB_helix_class 
_struct_conf.details 
_struct_conf.pdbx_PDB_helix_length 
HELX_P HELX_P1 AA1 ASN A 11 ? GLY A 24 ? ASN A 276 GLY A 289 1 ? 14 
HELX_P HELX_P2 AA2 SER A 52 ? ALA A 66 ? SER A 317 ALA A 331 1 ? 15 
# 
_struct_conf_type.id          HELX_P 
_struct_conf_type.criteria    ? 
_struct_conf_type.reference   ? 
# 
loop_
_struct_conn.id 
_struct_conn.conn_type_id 
_struct_conn.pdbx_leaving_atom_flag 
_struct_conn.pdbx_PDB_id 
_struct_conn.ptnr1_label_asym_id 
_struct_conn.ptnr1_label_comp_id 
_struct_conn.ptnr1_label_seq_id 
_struct_conn.ptnr1_label_atom_id 
_struct_conn.pdbx_ptnr1_label_alt_id 
_struct_conn.pdbx_ptnr1_PDB_ins_code 
_struct_conn.pdbx_ptnr1_standard_comp_id 
_struct_conn.ptnr1_symmetry 
_struct_conn.ptnr2_label_asym_id 
_struct_conn.ptnr2_label_comp_id 
_struct_conn.ptnr2_label_seq_id 
_struct_conn.ptnr2_label_atom_id 
_struct_conn.pdbx_ptnr2_label_alt_id 
_struct_conn.pdbx_ptnr2_PDB_ins_code 
_struct_conn.ptnr1_auth_asym_id 
_struct_conn.ptnr1_auth_comp_id 
_struct_conn.ptnr1_auth_seq_id 
_struct_conn.ptnr2_auth_asym_id 
_struct_conn.ptnr2_auth_comp_id 
_struct_conn.ptnr2_auth_seq_id 
_struct_conn.ptnr2_symmetry 
_struct_conn.pdbx_ptnr3_label_atom_id 
_struct_conn.pdbx_ptnr3_label_seq_id 
_struct_conn.pdbx_ptnr3_label_comp_id 
_struct_conn.pdbx_ptnr3_label_asym_id 
_struct_conn.pdbx_ptnr3_label_alt_id 
_struct_conn.pdbx_ptnr3_PDB_ins_code 
_struct_conn.details 
_struct_conn.pdbx_dist_value 
_struct_conn.pdbx_value_order 
_struct_conn.pdbx_role 
covale1 covale one  ? C AH0 . O4 ? ? ? 1_555 B NAG . C1 ? ? A AH0 401 B NAG 1 1_555 ? ? ? ? ? ? ? 1.375 ? ? 
covale2 covale both ? B NAG . O4 ? ? ? 1_555 B AMU . C1 ? ? B NAG 1   B AMU 2 1_555 ? ? ? ? ? ? ? 1.373 ? ? 
covale3 covale both ? B AMU . O4 ? ? ? 1_555 B NAG . C1 ? ? B AMU 2   B NAG 3 1_555 ? ? ? ? ? ? ? 1.374 ? ? 
# 
_struct_conn_type.id          covale 
_struct_conn_type.criteria    ? 
_struct_conn_type.reference   ? 
# 
_struct_mon_prot_cis.pdbx_id                1 
_struct_mon_prot_cis.label_comp_id          GLY 
_struct_mon_prot_cis.label_seq_id           48 
_struct_mon_prot_cis.label_asym_id          A 
_struct_mon_prot_cis.label_alt_id           . 
_struct_mon_prot_cis.pdbx_PDB_ins_code      ? 
_struct_mon_prot_cis.auth_comp_id           GLY 
_struct_mon_prot_cis.auth_seq_id            313 
_struct_mon_prot_cis.auth_asym_id           A 
_struct_mon_prot_cis.pdbx_label_comp_id_2   PRO 
_struct_mon_prot_cis.pdbx_label_seq_id_2    49 
_struct_mon_prot_cis.pdbx_label_asym_id_2   A 
_struct_mon_prot_cis.pdbx_PDB_ins_code_2    ? 
_struct_mon_prot_cis.pdbx_auth_comp_id_2    PRO 
_struct_mon_prot_cis.pdbx_auth_seq_id_2     314 
_struct_mon_prot_cis.pdbx_auth_asym_id_2    A 
_struct_mon_prot_cis.pdbx_PDB_model_num     1 
_struct_mon_prot_cis.pdbx_omega_angle       6.93 
# 
_struct_sheet.id               AA1 
_struct_sheet.type             ? 
_struct_sheet.number_strands   4 
_struct_sheet.details          ? 
# 
loop_
_struct_sheet_order.sheet_id 
_struct_sheet_order.range_id_1 
_struct_sheet_order.range_id_2 
_struct_sheet_order.offset 
_struct_sheet_order.sense 
AA1 1 2 ? anti-parallel 
AA1 2 3 ? anti-parallel 
AA1 3 4 ? anti-parallel 
# 
loop_
_struct_sheet_range.sheet_id 
_struct_sheet_range.id 
_struct_sheet_range.beg_label_comp_id 
_struct_sheet_range.beg_label_asym_id 
_struct_sheet_range.beg_label_seq_id 
_struct_sheet_range.pdbx_beg_PDB_ins_code 
_struct_sheet_range.end_label_comp_id 
_struct_sheet_range.end_label_asym_id 
_struct_sheet_range.end_label_seq_id 
_struct_sheet_range.pdbx_end_PDB_ins_code 
_struct_sheet_range.beg_auth_comp_id 
_struct_sheet_range.beg_auth_asym_id 
_struct_sheet_range.beg_auth_seq_id 
_struct_sheet_range.end_auth_comp_id 
_struct_sheet_range.end_auth_asym_id 
_struct_sheet_range.end_auth_seq_id 
AA1 1 VAL A 30 ? ARG A 37 ? VAL A 295 ARG A 302 
AA1 2 GLN A 40 ? ILE A 50 ? GLN A 305 ILE A 315 
AA1 3 LEU A 2  ? PHE A 9  ? LEU A 267 PHE A 274 
AA1 4 THR A 72 ? VAL A 74 ? THR A 337 VAL A 339 
# 
loop_
_pdbx_struct_sheet_hbond.sheet_id 
_pdbx_struct_sheet_hbond.range_id_1 
_pdbx_struct_sheet_hbond.range_id_2 
_pdbx_struct_sheet_hbond.range_1_label_atom_id 
_pdbx_struct_sheet_hbond.range_1_label_comp_id 
_pdbx_struct_sheet_hbond.range_1_label_asym_id 
_pdbx_struct_sheet_hbond.range_1_label_seq_id 
_pdbx_struct_sheet_hbond.range_1_PDB_ins_code 
_pdbx_struct_sheet_hbond.range_1_auth_atom_id 
_pdbx_struct_sheet_hbond.range_1_auth_comp_id 
_pdbx_struct_sheet_hbond.range_1_auth_asym_id 
_pdbx_struct_sheet_hbond.range_1_auth_seq_id 
_pdbx_struct_sheet_hbond.range_2_label_atom_id 
_pdbx_struct_sheet_hbond.range_2_label_comp_id 
_pdbx_struct_sheet_hbond.range_2_label_asym_id 
_pdbx_struct_sheet_hbond.range_2_label_seq_id 
_pdbx_struct_sheet_hbond.range_2_PDB_ins_code 
_pdbx_struct_sheet_hbond.range_2_auth_atom_id 
_pdbx_struct_sheet_hbond.range_2_auth_comp_id 
_pdbx_struct_sheet_hbond.range_2_auth_asym_id 
_pdbx_struct_sheet_hbond.range_2_auth_seq_id 
AA1 1 2 N PHE A 31 ? N PHE A 296 O ARG A 46 ? O ARG A 311 
AA1 2 3 O ILE A 50 ? O ILE A 315 N LEU A 2  ? N LEU A 267 
AA1 3 4 N GLN A 5  ? N GLN A 270 O THR A 72 ? O THR A 337 
# 
loop_
_pdbx_validate_close_contact.id 
_pdbx_validate_close_contact.PDB_model_num 
_pdbx_validate_close_contact.auth_atom_id_1 
_pdbx_validate_close_contact.auth_asym_id_1 
_pdbx_validate_close_contact.auth_comp_id_1 
_pdbx_validate_close_contact.auth_seq_id_1 
_pdbx_validate_close_contact.PDB_ins_code_1 
_pdbx_validate_close_contact.label_alt_id_1 
_pdbx_validate_close_contact.auth_atom_id_2 
_pdbx_validate_close_contact.auth_asym_id_2 
_pdbx_validate_close_contact.auth_comp_id_2 
_pdbx_validate_close_contact.auth_seq_id_2 
_pdbx_validate_close_contact.PDB_ins_code_2 
_pdbx_validate_close_contact.label_alt_id_2 
_pdbx_validate_close_contact.dist 
1 1 NH2 A ARG 340 ? ? O  A HOH 501 ? ? 2.04 
2 1 O4  B NAG 1   ? ? O5 B AMU 2   ? ? 2.12 
3 1 O5  B NAG 1   ? ? O4 A AH0 401 ? ? 2.19 
# 
loop_
_pdbx_struct_special_symmetry.id 
_pdbx_struct_special_symmetry.PDB_model_num 
_pdbx_struct_special_symmetry.auth_asym_id 
_pdbx_struct_special_symmetry.auth_comp_id 
_pdbx_struct_special_symmetry.auth_seq_id 
_pdbx_struct_special_symmetry.PDB_ins_code 
_pdbx_struct_special_symmetry.label_asym_id 
_pdbx_struct_special_symmetry.label_comp_id 
_pdbx_struct_special_symmetry.label_seq_id 
1 1 A HOH 521 ? D HOH . 
2 1 A HOH 565 ? D HOH . 
3 1 A HOH 584 ? D HOH . 
# 
_pdbx_entry_details.entry_id                 6I0N 
_pdbx_entry_details.nonpolymer_details       ? 
_pdbx_entry_details.sequence_details         ? 
_pdbx_entry_details.compound_details         ? 
_pdbx_entry_details.source_details           ? 
_pdbx_entry_details.has_ligand_of_interest   Y 
# 
loop_
_chem_comp_atom.comp_id 
_chem_comp_atom.atom_id 
_chem_comp_atom.type_symbol 
_chem_comp_atom.pdbx_aromatic_flag 
_chem_comp_atom.pdbx_stereo_config 
_chem_comp_atom.pdbx_ordinal 
AH0 C1   C N R 1   
AH0 C2   C N R 2   
AH0 N2   N N N 3   
AH0 C7   C N N 4   
AH0 O7   O N N 5   
AH0 C8   C N N 6   
AH0 C3   C N R 7   
AH0 O3   O N N 8   
AH0 C4   C N S 9   
AH0 O4   O N N 10  
AH0 C5   C N R 11  
AH0 O5   O N N 12  
AH0 C6   C N N 13  
AH0 O6   O N N 14  
AH0 CA   C N R 15  
AH0 CB   C N N 16  
AH0 C    C N N 17  
AH0 O    O N N 18  
AH0 OXT  O N N 19  
AH0 H1   H N N 20  
AH0 H2   H N N 21  
AH0 HN2  H N N 22  
AH0 H81  H N N 23  
AH0 H82  H N N 24  
AH0 H83  H N N 25  
AH0 H3   H N N 26  
AH0 H4   H N N 27  
AH0 HO4  H N N 28  
AH0 H5   H N N 29  
AH0 H61  H N N 30  
AH0 H62  H N N 31  
AH0 HA   H N N 32  
AH0 HB1  H N N 33  
AH0 HB2  H N N 34  
AH0 HB3  H N N 35  
AH0 HXT  H N N 36  
ALA N    N N N 37  
ALA CA   C N S 38  
ALA C    C N N 39  
ALA O    O N N 40  
ALA CB   C N N 41  
ALA OXT  O N N 42  
ALA H    H N N 43  
ALA H2   H N N 44  
ALA HA   H N N 45  
ALA HB1  H N N 46  
ALA HB2  H N N 47  
ALA HB3  H N N 48  
ALA HXT  H N N 49  
AMU C1   C N R 50  
AMU C2   C N R 51  
AMU C3   C N R 52  
AMU C4   C N S 53  
AMU C5   C N R 54  
AMU C6   C N N 55  
AMU C7   C N N 56  
AMU C8   C N N 57  
AMU C9   C N R 58  
AMU C10  C N N 59  
AMU C11  C N N 60  
AMU O1   O N N 61  
AMU O3   O N N 62  
AMU O4   O N N 63  
AMU O5   O N N 64  
AMU O6   O N N 65  
AMU O7   O N N 66  
AMU O10  O N N 67  
AMU O11  O N N 68  
AMU N2   N N N 69  
AMU H1   H N N 70  
AMU H2   H N N 71  
AMU H3   H N N 72  
AMU H4   H N N 73  
AMU H5   H N N 74  
AMU H61  H N N 75  
AMU H62  H N N 76  
AMU H81  H N N 77  
AMU H82  H N N 78  
AMU H83  H N N 79  
AMU H9   H N N 80  
AMU H111 H N N 81  
AMU H112 H N N 82  
AMU H113 H N N 83  
AMU HO1  H N N 84  
AMU HO4  H N N 85  
AMU HO6  H N N 86  
AMU HO11 H N N 87  
AMU HN2  H N N 88  
ARG N    N N N 89  
ARG CA   C N S 90  
ARG C    C N N 91  
ARG O    O N N 92  
ARG CB   C N N 93  
ARG CG   C N N 94  
ARG CD   C N N 95  
ARG NE   N N N 96  
ARG CZ   C N N 97  
ARG NH1  N N N 98  
ARG NH2  N N N 99  
ARG OXT  O N N 100 
ARG H    H N N 101 
ARG H2   H N N 102 
ARG HA   H N N 103 
ARG HB2  H N N 104 
ARG HB3  H N N 105 
ARG HG2  H N N 106 
ARG HG3  H N N 107 
ARG HD2  H N N 108 
ARG HD3  H N N 109 
ARG HE   H N N 110 
ARG HH11 H N N 111 
ARG HH12 H N N 112 
ARG HH21 H N N 113 
ARG HH22 H N N 114 
ARG HXT  H N N 115 
ASN N    N N N 116 
ASN CA   C N S 117 
ASN C    C N N 118 
ASN O    O N N 119 
ASN CB   C N N 120 
ASN CG   C N N 121 
ASN OD1  O N N 122 
ASN ND2  N N N 123 
ASN OXT  O N N 124 
ASN H    H N N 125 
ASN H2   H N N 126 
ASN HA   H N N 127 
ASN HB2  H N N 128 
ASN HB3  H N N 129 
ASN HD21 H N N 130 
ASN HD22 H N N 131 
ASN HXT  H N N 132 
ASP N    N N N 133 
ASP CA   C N S 134 
ASP C    C N N 135 
ASP O    O N N 136 
ASP CB   C N N 137 
ASP CG   C N N 138 
ASP OD1  O N N 139 
ASP OD2  O N N 140 
ASP OXT  O N N 141 
ASP H    H N N 142 
ASP H2   H N N 143 
ASP HA   H N N 144 
ASP HB2  H N N 145 
ASP HB3  H N N 146 
ASP HD2  H N N 147 
ASP HXT  H N N 148 
GLN N    N N N 149 
GLN CA   C N S 150 
GLN C    C N N 151 
GLN O    O N N 152 
GLN CB   C N N 153 
GLN CG   C N N 154 
GLN CD   C N N 155 
GLN OE1  O N N 156 
GLN NE2  N N N 157 
GLN OXT  O N N 158 
GLN H    H N N 159 
GLN H2   H N N 160 
GLN HA   H N N 161 
GLN HB2  H N N 162 
GLN HB3  H N N 163 
GLN HG2  H N N 164 
GLN HG3  H N N 165 
GLN HE21 H N N 166 
GLN HE22 H N N 167 
GLN HXT  H N N 168 
GLU N    N N N 169 
GLU CA   C N S 170 
GLU C    C N N 171 
GLU O    O N N 172 
GLU CB   C N N 173 
GLU CG   C N N 174 
GLU CD   C N N 175 
GLU OE1  O N N 176 
GLU OE2  O N N 177 
GLU OXT  O N N 178 
GLU H    H N N 179 
GLU H2   H N N 180 
GLU HA   H N N 181 
GLU HB2  H N N 182 
GLU HB3  H N N 183 
GLU HG2  H N N 184 
GLU HG3  H N N 185 
GLU HE2  H N N 186 
GLU HXT  H N N 187 
GLY N    N N N 188 
GLY CA   C N N 189 
GLY C    C N N 190 
GLY O    O N N 191 
GLY OXT  O N N 192 
GLY H    H N N 193 
GLY H2   H N N 194 
GLY HA2  H N N 195 
GLY HA3  H N N 196 
GLY HXT  H N N 197 
HIS N    N N N 198 
HIS CA   C N S 199 
HIS C    C N N 200 
HIS O    O N N 201 
HIS CB   C N N 202 
HIS CG   C Y N 203 
HIS ND1  N Y N 204 
HIS CD2  C Y N 205 
HIS CE1  C Y N 206 
HIS NE2  N Y N 207 
HIS OXT  O N N 208 
HIS H    H N N 209 
HIS H2   H N N 210 
HIS HA   H N N 211 
HIS HB2  H N N 212 
HIS HB3  H N N 213 
HIS HD1  H N N 214 
HIS HD2  H N N 215 
HIS HE1  H N N 216 
HIS HE2  H N N 217 
HIS HXT  H N N 218 
HOH O    O N N 219 
HOH H1   H N N 220 
HOH H2   H N N 221 
ILE N    N N N 222 
ILE CA   C N S 223 
ILE C    C N N 224 
ILE O    O N N 225 
ILE CB   C N S 226 
ILE CG1  C N N 227 
ILE CG2  C N N 228 
ILE CD1  C N N 229 
ILE OXT  O N N 230 
ILE H    H N N 231 
ILE H2   H N N 232 
ILE HA   H N N 233 
ILE HB   H N N 234 
ILE HG12 H N N 235 
ILE HG13 H N N 236 
ILE HG21 H N N 237 
ILE HG22 H N N 238 
ILE HG23 H N N 239 
ILE HD11 H N N 240 
ILE HD12 H N N 241 
ILE HD13 H N N 242 
ILE HXT  H N N 243 
LEU N    N N N 244 
LEU CA   C N S 245 
LEU C    C N N 246 
LEU O    O N N 247 
LEU CB   C N N 248 
LEU CG   C N N 249 
LEU CD1  C N N 250 
LEU CD2  C N N 251 
LEU OXT  O N N 252 
LEU H    H N N 253 
LEU H2   H N N 254 
LEU HA   H N N 255 
LEU HB2  H N N 256 
LEU HB3  H N N 257 
LEU HG   H N N 258 
LEU HD11 H N N 259 
LEU HD12 H N N 260 
LEU HD13 H N N 261 
LEU HD21 H N N 262 
LEU HD22 H N N 263 
LEU HD23 H N N 264 
LEU HXT  H N N 265 
LYS N    N N N 266 
LYS CA   C N S 267 
LYS C    C N N 268 
LYS O    O N N 269 
LYS CB   C N N 270 
LYS CG   C N N 271 
LYS CD   C N N 272 
LYS CE   C N N 273 
LYS NZ   N N N 274 
LYS OXT  O N N 275 
LYS H    H N N 276 
LYS H2   H N N 277 
LYS HA   H N N 278 
LYS HB2  H N N 279 
LYS HB3  H N N 280 
LYS HG2  H N N 281 
LYS HG3  H N N 282 
LYS HD2  H N N 283 
LYS HD3  H N N 284 
LYS HE2  H N N 285 
LYS HE3  H N N 286 
LYS HZ1  H N N 287 
LYS HZ2  H N N 288 
LYS HZ3  H N N 289 
LYS HXT  H N N 290 
NAG C1   C N R 291 
NAG C2   C N R 292 
NAG C3   C N R 293 
NAG C4   C N S 294 
NAG C5   C N R 295 
NAG C6   C N N 296 
NAG C7   C N N 297 
NAG C8   C N N 298 
NAG N2   N N N 299 
NAG O1   O N N 300 
NAG O3   O N N 301 
NAG O4   O N N 302 
NAG O5   O N N 303 
NAG O6   O N N 304 
NAG O7   O N N 305 
NAG H1   H N N 306 
NAG H2   H N N 307 
NAG H3   H N N 308 
NAG H4   H N N 309 
NAG H5   H N N 310 
NAG H61  H N N 311 
NAG H62  H N N 312 
NAG H81  H N N 313 
NAG H82  H N N 314 
NAG H83  H N N 315 
NAG HN2  H N N 316 
NAG HO1  H N N 317 
NAG HO3  H N N 318 
NAG HO4  H N N 319 
NAG HO6  H N N 320 
PHE N    N N N 321 
PHE CA   C N S 322 
PHE C    C N N 323 
PHE O    O N N 324 
PHE CB   C N N 325 
PHE CG   C Y N 326 
PHE CD1  C Y N 327 
PHE CD2  C Y N 328 
PHE CE1  C Y N 329 
PHE CE2  C Y N 330 
PHE CZ   C Y N 331 
PHE OXT  O N N 332 
PHE H    H N N 333 
PHE H2   H N N 334 
PHE HA   H N N 335 
PHE HB2  H N N 336 
PHE HB3  H N N 337 
PHE HD1  H N N 338 
PHE HD2  H N N 339 
PHE HE1  H N N 340 
PHE HE2  H N N 341 
PHE HZ   H N N 342 
PHE HXT  H N N 343 
PRO N    N N N 344 
PRO CA   C N S 345 
PRO C    C N N 346 
PRO O    O N N 347 
PRO CB   C N N 348 
PRO CG   C N N 349 
PRO CD   C N N 350 
PRO OXT  O N N 351 
PRO H    H N N 352 
PRO HA   H N N 353 
PRO HB2  H N N 354 
PRO HB3  H N N 355 
PRO HG2  H N N 356 
PRO HG3  H N N 357 
PRO HD2  H N N 358 
PRO HD3  H N N 359 
PRO HXT  H N N 360 
SER N    N N N 361 
SER CA   C N S 362 
SER C    C N N 363 
SER O    O N N 364 
SER CB   C N N 365 
SER OG   O N N 366 
SER OXT  O N N 367 
SER H    H N N 368 
SER H2   H N N 369 
SER HA   H N N 370 
SER HB2  H N N 371 
SER HB3  H N N 372 
SER HG   H N N 373 
SER HXT  H N N 374 
THR N    N N N 375 
THR CA   C N S 376 
THR C    C N N 377 
THR O    O N N 378 
THR CB   C N R 379 
THR OG1  O N N 380 
THR CG2  C N N 381 
THR OXT  O N N 382 
THR H    H N N 383 
THR H2   H N N 384 
THR HA   H N N 385 
THR HB   H N N 386 
THR HG1  H N N 387 
THR HG21 H N N 388 
THR HG22 H N N 389 
THR HG23 H N N 390 
THR HXT  H N N 391 
TYR N    N N N 392 
TYR CA   C N S 393 
TYR C    C N N 394 
TYR O    O N N 395 
TYR CB   C N N 396 
TYR CG   C Y N 397 
TYR CD1  C Y N 398 
TYR CD2  C Y N 399 
TYR CE1  C Y N 400 
TYR CE2  C Y N 401 
TYR CZ   C Y N 402 
TYR OH   O N N 403 
TYR OXT  O N N 404 
TYR H    H N N 405 
TYR H2   H N N 406 
TYR HA   H N N 407 
TYR HB2  H N N 408 
TYR HB3  H N N 409 
TYR HD1  H N N 410 
TYR HD2  H N N 411 
TYR HE1  H N N 412 
TYR HE2  H N N 413 
TYR HH   H N N 414 
TYR HXT  H N N 415 
VAL N    N N N 416 
VAL CA   C N S 417 
VAL C    C N N 418 
VAL O    O N N 419 
VAL CB   C N N 420 
VAL CG1  C N N 421 
VAL CG2  C N N 422 
VAL OXT  O N N 423 
VAL H    H N N 424 
VAL H2   H N N 425 
VAL HA   H N N 426 
VAL HB   H N N 427 
VAL HG11 H N N 428 
VAL HG12 H N N 429 
VAL HG13 H N N 430 
VAL HG21 H N N 431 
VAL HG22 H N N 432 
VAL HG23 H N N 433 
VAL HXT  H N N 434 
# 
loop_
_chem_comp_bond.comp_id 
_chem_comp_bond.atom_id_1 
_chem_comp_bond.atom_id_2 
_chem_comp_bond.value_order 
_chem_comp_bond.pdbx_aromatic_flag 
_chem_comp_bond.pdbx_stereo_config 
_chem_comp_bond.pdbx_ordinal 
AH0 C1  C2   sing N N 1   
AH0 C1  O5   sing N N 2   
AH0 C1  O6   sing N N 3   
AH0 C1  H1   sing N N 4   
AH0 C2  N2   sing N N 5   
AH0 C2  C3   sing N N 6   
AH0 C2  H2   sing N N 7   
AH0 N2  C7   sing N N 8   
AH0 N2  HN2  sing N N 9   
AH0 C7  O7   doub N N 10  
AH0 C7  C8   sing N N 11  
AH0 C8  H81  sing N N 12  
AH0 C8  H82  sing N N 13  
AH0 C8  H83  sing N N 14  
AH0 C3  O3   sing N N 15  
AH0 C3  C4   sing N N 16  
AH0 C3  H3   sing N N 17  
AH0 O3  CA   sing N N 18  
AH0 C4  O4   sing N N 19  
AH0 C4  C5   sing N N 20  
AH0 C4  H4   sing N N 21  
AH0 O4  HO4  sing N N 22  
AH0 C5  O5   sing N N 23  
AH0 C5  C6   sing N N 24  
AH0 C5  H5   sing N N 25  
AH0 C6  O6   sing N N 26  
AH0 C6  H61  sing N N 27  
AH0 C6  H62  sing N N 28  
AH0 CA  CB   sing N N 29  
AH0 CA  C    sing N N 30  
AH0 CA  HA   sing N N 31  
AH0 CB  HB1  sing N N 32  
AH0 CB  HB2  sing N N 33  
AH0 CB  HB3  sing N N 34  
AH0 C   O    doub N N 35  
AH0 C   OXT  sing N N 36  
AH0 OXT HXT  sing N N 37  
ALA N   CA   sing N N 38  
ALA N   H    sing N N 39  
ALA N   H2   sing N N 40  
ALA CA  C    sing N N 41  
ALA CA  CB   sing N N 42  
ALA CA  HA   sing N N 43  
ALA C   O    doub N N 44  
ALA C   OXT  sing N N 45  
ALA CB  HB1  sing N N 46  
ALA CB  HB2  sing N N 47  
ALA CB  HB3  sing N N 48  
ALA OXT HXT  sing N N 49  
AMU C1  C2   sing N N 50  
AMU C1  O1   sing N N 51  
AMU C1  O5   sing N N 52  
AMU C1  H1   sing N N 53  
AMU C2  C3   sing N N 54  
AMU C2  N2   sing N N 55  
AMU C2  H2   sing N N 56  
AMU C3  C4   sing N N 57  
AMU C3  O3   sing N N 58  
AMU C3  H3   sing N N 59  
AMU C4  C5   sing N N 60  
AMU C4  O4   sing N N 61  
AMU C4  H4   sing N N 62  
AMU C5  C6   sing N N 63  
AMU C5  O5   sing N N 64  
AMU C5  H5   sing N N 65  
AMU C6  O6   sing N N 66  
AMU C6  H61  sing N N 67  
AMU C6  H62  sing N N 68  
AMU C7  C8   sing N N 69  
AMU C7  O7   doub N N 70  
AMU C7  N2   sing N N 71  
AMU C8  H81  sing N N 72  
AMU C8  H82  sing N N 73  
AMU C8  H83  sing N N 74  
AMU C9  C10  sing N N 75  
AMU C9  C11  sing N N 76  
AMU C9  O3   sing N N 77  
AMU C9  H9   sing N N 78  
AMU C10 O10  doub N N 79  
AMU C10 O11  sing N N 80  
AMU C11 H111 sing N N 81  
AMU C11 H112 sing N N 82  
AMU C11 H113 sing N N 83  
AMU O1  HO1  sing N N 84  
AMU O4  HO4  sing N N 85  
AMU O6  HO6  sing N N 86  
AMU O11 HO11 sing N N 87  
AMU N2  HN2  sing N N 88  
ARG N   CA   sing N N 89  
ARG N   H    sing N N 90  
ARG N   H2   sing N N 91  
ARG CA  C    sing N N 92  
ARG CA  CB   sing N N 93  
ARG CA  HA   sing N N 94  
ARG C   O    doub N N 95  
ARG C   OXT  sing N N 96  
ARG CB  CG   sing N N 97  
ARG CB  HB2  sing N N 98  
ARG CB  HB3  sing N N 99  
ARG CG  CD   sing N N 100 
ARG CG  HG2  sing N N 101 
ARG CG  HG3  sing N N 102 
ARG CD  NE   sing N N 103 
ARG CD  HD2  sing N N 104 
ARG CD  HD3  sing N N 105 
ARG NE  CZ   sing N N 106 
ARG NE  HE   sing N N 107 
ARG CZ  NH1  sing N N 108 
ARG CZ  NH2  doub N N 109 
ARG NH1 HH11 sing N N 110 
ARG NH1 HH12 sing N N 111 
ARG NH2 HH21 sing N N 112 
ARG NH2 HH22 sing N N 113 
ARG OXT HXT  sing N N 114 
ASN N   CA   sing N N 115 
ASN N   H    sing N N 116 
ASN N   H2   sing N N 117 
ASN CA  C    sing N N 118 
ASN CA  CB   sing N N 119 
ASN CA  HA   sing N N 120 
ASN C   O    doub N N 121 
ASN C   OXT  sing N N 122 
ASN CB  CG   sing N N 123 
ASN CB  HB2  sing N N 124 
ASN CB  HB3  sing N N 125 
ASN CG  OD1  doub N N 126 
ASN CG  ND2  sing N N 127 
ASN ND2 HD21 sing N N 128 
ASN ND2 HD22 sing N N 129 
ASN OXT HXT  sing N N 130 
ASP N   CA   sing N N 131 
ASP N   H    sing N N 132 
ASP N   H2   sing N N 133 
ASP CA  C    sing N N 134 
ASP CA  CB   sing N N 135 
ASP CA  HA   sing N N 136 
ASP C   O    doub N N 137 
ASP C   OXT  sing N N 138 
ASP CB  CG   sing N N 139 
ASP CB  HB2  sing N N 140 
ASP CB  HB3  sing N N 141 
ASP CG  OD1  doub N N 142 
ASP CG  OD2  sing N N 143 
ASP OD2 HD2  sing N N 144 
ASP OXT HXT  sing N N 145 
GLN N   CA   sing N N 146 
GLN N   H    sing N N 147 
GLN N   H2   sing N N 148 
GLN CA  C    sing N N 149 
GLN CA  CB   sing N N 150 
GLN CA  HA   sing N N 151 
GLN C   O    doub N N 152 
GLN C   OXT  sing N N 153 
GLN CB  CG   sing N N 154 
GLN CB  HB2  sing N N 155 
GLN CB  HB3  sing N N 156 
GLN CG  CD   sing N N 157 
GLN CG  HG2  sing N N 158 
GLN CG  HG3  sing N N 159 
GLN CD  OE1  doub N N 160 
GLN CD  NE2  sing N N 161 
GLN NE2 HE21 sing N N 162 
GLN NE2 HE22 sing N N 163 
GLN OXT HXT  sing N N 164 
GLU N   CA   sing N N 165 
GLU N   H    sing N N 166 
GLU N   H2   sing N N 167 
GLU CA  C    sing N N 168 
GLU CA  CB   sing N N 169 
GLU CA  HA   sing N N 170 
GLU C   O    doub N N 171 
GLU C   OXT  sing N N 172 
GLU CB  CG   sing N N 173 
GLU CB  HB2  sing N N 174 
GLU CB  HB3  sing N N 175 
GLU CG  CD   sing N N 176 
GLU CG  HG2  sing N N 177 
GLU CG  HG3  sing N N 178 
GLU CD  OE1  doub N N 179 
GLU CD  OE2  sing N N 180 
GLU OE2 HE2  sing N N 181 
GLU OXT HXT  sing N N 182 
GLY N   CA   sing N N 183 
GLY N   H    sing N N 184 
GLY N   H2   sing N N 185 
GLY CA  C    sing N N 186 
GLY CA  HA2  sing N N 187 
GLY CA  HA3  sing N N 188 
GLY C   O    doub N N 189 
GLY C   OXT  sing N N 190 
GLY OXT HXT  sing N N 191 
HIS N   CA   sing N N 192 
HIS N   H    sing N N 193 
HIS N   H2   sing N N 194 
HIS CA  C    sing N N 195 
HIS CA  CB   sing N N 196 
HIS CA  HA   sing N N 197 
HIS C   O    doub N N 198 
HIS C   OXT  sing N N 199 
HIS CB  CG   sing N N 200 
HIS CB  HB2  sing N N 201 
HIS CB  HB3  sing N N 202 
HIS CG  ND1  sing Y N 203 
HIS CG  CD2  doub Y N 204 
HIS ND1 CE1  doub Y N 205 
HIS ND1 HD1  sing N N 206 
HIS CD2 NE2  sing Y N 207 
HIS CD2 HD2  sing N N 208 
HIS CE1 NE2  sing Y N 209 
HIS CE1 HE1  sing N N 210 
HIS NE2 HE2  sing N N 211 
HIS OXT HXT  sing N N 212 
HOH O   H1   sing N N 213 
HOH O   H2   sing N N 214 
ILE N   CA   sing N N 215 
ILE N   H    sing N N 216 
ILE N   H2   sing N N 217 
ILE CA  C    sing N N 218 
ILE CA  CB   sing N N 219 
ILE CA  HA   sing N N 220 
ILE C   O    doub N N 221 
ILE C   OXT  sing N N 222 
ILE CB  CG1  sing N N 223 
ILE CB  CG2  sing N N 224 
ILE CB  HB   sing N N 225 
ILE CG1 CD1  sing N N 226 
ILE CG1 HG12 sing N N 227 
ILE CG1 HG13 sing N N 228 
ILE CG2 HG21 sing N N 229 
ILE CG2 HG22 sing N N 230 
ILE CG2 HG23 sing N N 231 
ILE CD1 HD11 sing N N 232 
ILE CD1 HD12 sing N N 233 
ILE CD1 HD13 sing N N 234 
ILE OXT HXT  sing N N 235 
LEU N   CA   sing N N 236 
LEU N   H    sing N N 237 
LEU N   H2   sing N N 238 
LEU CA  C    sing N N 239 
LEU CA  CB   sing N N 240 
LEU CA  HA   sing N N 241 
LEU C   O    doub N N 242 
LEU C   OXT  sing N N 243 
LEU CB  CG   sing N N 244 
LEU CB  HB2  sing N N 245 
LEU CB  HB3  sing N N 246 
LEU CG  CD1  sing N N 247 
LEU CG  CD2  sing N N 248 
LEU CG  HG   sing N N 249 
LEU CD1 HD11 sing N N 250 
LEU CD1 HD12 sing N N 251 
LEU CD1 HD13 sing N N 252 
LEU CD2 HD21 sing N N 253 
LEU CD2 HD22 sing N N 254 
LEU CD2 HD23 sing N N 255 
LEU OXT HXT  sing N N 256 
LYS N   CA   sing N N 257 
LYS N   H    sing N N 258 
LYS N   H2   sing N N 259 
LYS CA  C    sing N N 260 
LYS CA  CB   sing N N 261 
LYS CA  HA   sing N N 262 
LYS C   O    doub N N 263 
LYS C   OXT  sing N N 264 
LYS CB  CG   sing N N 265 
LYS CB  HB2  sing N N 266 
LYS CB  HB3  sing N N 267 
LYS CG  CD   sing N N 268 
LYS CG  HG2  sing N N 269 
LYS CG  HG3  sing N N 270 
LYS CD  CE   sing N N 271 
LYS CD  HD2  sing N N 272 
LYS CD  HD3  sing N N 273 
LYS CE  NZ   sing N N 274 
LYS CE  HE2  sing N N 275 
LYS CE  HE3  sing N N 276 
LYS NZ  HZ1  sing N N 277 
LYS NZ  HZ2  sing N N 278 
LYS NZ  HZ3  sing N N 279 
LYS OXT HXT  sing N N 280 
NAG C1  C2   sing N N 281 
NAG C1  O1   sing N N 282 
NAG C1  O5   sing N N 283 
NAG C1  H1   sing N N 284 
NAG C2  C3   sing N N 285 
NAG C2  N2   sing N N 286 
NAG C2  H2   sing N N 287 
NAG C3  C4   sing N N 288 
NAG C3  O3   sing N N 289 
NAG C3  H3   sing N N 290 
NAG C4  C5   sing N N 291 
NAG C4  O4   sing N N 292 
NAG C4  H4   sing N N 293 
NAG C5  C6   sing N N 294 
NAG C5  O5   sing N N 295 
NAG C5  H5   sing N N 296 
NAG C6  O6   sing N N 297 
NAG C6  H61  sing N N 298 
NAG C6  H62  sing N N 299 
NAG C7  C8   sing N N 300 
NAG C7  N2   sing N N 301 
NAG C7  O7   doub N N 302 
NAG C8  H81  sing N N 303 
NAG C8  H82  sing N N 304 
NAG C8  H83  sing N N 305 
NAG N2  HN2  sing N N 306 
NAG O1  HO1  sing N N 307 
NAG O3  HO3  sing N N 308 
NAG O4  HO4  sing N N 309 
NAG O6  HO6  sing N N 310 
PHE N   CA   sing N N 311 
PHE N   H    sing N N 312 
PHE N   H2   sing N N 313 
PHE CA  C    sing N N 314 
PHE CA  CB   sing N N 315 
PHE CA  HA   sing N N 316 
PHE C   O    doub N N 317 
PHE C   OXT  sing N N 318 
PHE CB  CG   sing N N 319 
PHE CB  HB2  sing N N 320 
PHE CB  HB3  sing N N 321 
PHE CG  CD1  doub Y N 322 
PHE CG  CD2  sing Y N 323 
PHE CD1 CE1  sing Y N 324 
PHE CD1 HD1  sing N N 325 
PHE CD2 CE2  doub Y N 326 
PHE CD2 HD2  sing N N 327 
PHE CE1 CZ   doub Y N 328 
PHE CE1 HE1  sing N N 329 
PHE CE2 CZ   sing Y N 330 
PHE CE2 HE2  sing N N 331 
PHE CZ  HZ   sing N N 332 
PHE OXT HXT  sing N N 333 
PRO N   CA   sing N N 334 
PRO N   CD   sing N N 335 
PRO N   H    sing N N 336 
PRO CA  C    sing N N 337 
PRO CA  CB   sing N N 338 
PRO CA  HA   sing N N 339 
PRO C   O    doub N N 340 
PRO C   OXT  sing N N 341 
PRO CB  CG   sing N N 342 
PRO CB  HB2  sing N N 343 
PRO CB  HB3  sing N N 344 
PRO CG  CD   sing N N 345 
PRO CG  HG2  sing N N 346 
PRO CG  HG3  sing N N 347 
PRO CD  HD2  sing N N 348 
PRO CD  HD3  sing N N 349 
PRO OXT HXT  sing N N 350 
SER N   CA   sing N N 351 
SER N   H    sing N N 352 
SER N   H2   sing N N 353 
SER CA  C    sing N N 354 
SER CA  CB   sing N N 355 
SER CA  HA   sing N N 356 
SER C   O    doub N N 357 
SER C   OXT  sing N N 358 
SER CB  OG   sing N N 359 
SER CB  HB2  sing N N 360 
SER CB  HB3  sing N N 361 
SER OG  HG   sing N N 362 
SER OXT HXT  sing N N 363 
THR N   CA   sing N N 364 
THR N   H    sing N N 365 
THR N   H2   sing N N 366 
THR CA  C    sing N N 367 
THR CA  CB   sing N N 368 
THR CA  HA   sing N N 369 
THR C   O    doub N N 370 
THR C   OXT  sing N N 371 
THR CB  OG1  sing N N 372 
THR CB  CG2  sing N N 373 
THR CB  HB   sing N N 374 
THR OG1 HG1  sing N N 375 
THR CG2 HG21 sing N N 376 
THR CG2 HG22 sing N N 377 
THR CG2 HG23 sing N N 378 
THR OXT HXT  sing N N 379 
TYR N   CA   sing N N 380 
TYR N   H    sing N N 381 
TYR N   H2   sing N N 382 
TYR CA  C    sing N N 383 
TYR CA  CB   sing N N 384 
TYR CA  HA   sing N N 385 
TYR C   O    doub N N 386 
TYR C   OXT  sing N N 387 
TYR CB  CG   sing N N 388 
TYR CB  HB2  sing N N 389 
TYR CB  HB3  sing N N 390 
TYR CG  CD1  doub Y N 391 
TYR CG  CD2  sing Y N 392 
TYR CD1 CE1  sing Y N 393 
TYR CD1 HD1  sing N N 394 
TYR CD2 CE2  doub Y N 395 
TYR CD2 HD2  sing N N 396 
TYR CE1 CZ   doub Y N 397 
TYR CE1 HE1  sing N N 398 
TYR CE2 CZ   sing Y N 399 
TYR CE2 HE2  sing N N 400 
TYR CZ  OH   sing N N 401 
TYR OH  HH   sing N N 402 
TYR OXT HXT  sing N N 403 
VAL N   CA   sing N N 404 
VAL N   H    sing N N 405 
VAL N   H2   sing N N 406 
VAL CA  C    sing N N 407 
VAL CA  CB   sing N N 408 
VAL CA  HA   sing N N 409 
VAL C   O    doub N N 410 
VAL C   OXT  sing N N 411 
VAL CB  CG1  sing N N 412 
VAL CB  CG2  sing N N 413 
VAL CB  HB   sing N N 414 
VAL CG1 HG11 sing N N 415 
VAL CG1 HG12 sing N N 416 
VAL CG1 HG13 sing N N 417 
VAL CG2 HG21 sing N N 418 
VAL CG2 HG22 sing N N 419 
VAL CG2 HG23 sing N N 420 
VAL OXT HXT  sing N N 421 
# 
_pdbx_audit_support.funding_organization   'Spanish Ministry of Economy and Competitiveness' 
_pdbx_audit_support.country                Spain 
_pdbx_audit_support.grant_number           'BFU2014-59389-P and BFU2017-90030-P to JAH' 
_pdbx_audit_support.ordinal                1 
# 
loop_
_pdbx_entity_branch_list.entity_id 
_pdbx_entity_branch_list.comp_id 
_pdbx_entity_branch_list.num 
_pdbx_entity_branch_list.hetero 
2 NAG 1 n 
2 AMU 2 n 
2 NAG 3 n 
# 
loop_
_pdbx_entity_instance_feature.ordinal 
_pdbx_entity_instance_feature.comp_id 
_pdbx_entity_instance_feature.asym_id 
_pdbx_entity_instance_feature.seq_num 
_pdbx_entity_instance_feature.auth_comp_id 
_pdbx_entity_instance_feature.auth_asym_id 
_pdbx_entity_instance_feature.auth_seq_num 
_pdbx_entity_instance_feature.feature_type 
_pdbx_entity_instance_feature.details 
1 AH0 ? ? AH0 ? ? 'SUBJECT OF INVESTIGATION' ? 
2 AMU ? ? AMU ? ? 'SUBJECT OF INVESTIGATION' ? 
3 NAG ? ? NAG ? ? 'SUBJECT OF INVESTIGATION' ? 
# 
_pdbx_initial_refinement_model.id               1 
_pdbx_initial_refinement_model.entity_id_list   ? 
_pdbx_initial_refinement_model.type             'experimental model' 
_pdbx_initial_refinement_model.source_name      PDB 
_pdbx_initial_refinement_model.accession_code   6I05 
_pdbx_initial_refinement_model.details          ? 
# 
_atom_sites.entry_id                    6I0N 
_atom_sites.Cartn_transf_matrix[1][1]   ? 
_atom_sites.Cartn_transf_matrix[1][2]   ? 
_atom_sites.Cartn_transf_matrix[1][3]   ? 
_atom_sites.Cartn_transf_matrix[2][1]   ? 
_atom_sites.Cartn_transf_matrix[2][2]   ? 
_atom_sites.Cartn_transf_matrix[2][3]   ? 
_atom_sites.Cartn_transf_matrix[3][1]   ? 
_atom_sites.Cartn_transf_matrix[3][2]   ? 
_atom_sites.Cartn_transf_matrix[3][3]   ? 
_atom_sites.Cartn_transf_vector[1]      ? 
_atom_sites.Cartn_transf_vector[2]      ? 
_atom_sites.Cartn_transf_vector[3]      ? 
_atom_sites.fract_transf_matrix[1][1]   -0.00153186 
_atom_sites.fract_transf_matrix[1][2]   0.00835070 
_atom_sites.fract_transf_matrix[1][3]   -0.01223969 
_atom_sites.fract_transf_matrix[2][1]   -0.00800991 
_atom_sites.fract_transf_matrix[2][2]   -0.01054168 
_atom_sites.fract_transf_matrix[2][3]   -0.00618972 
_atom_sites.fract_transf_matrix[3][1]   -0.02135912 
_atom_sites.fract_transf_matrix[3][2]   0.01046673 
_atom_sites.fract_transf_matrix[3][3]   0.00981427 
_atom_sites.fract_transf_vector[1]      0.350832 
_atom_sites.fract_transf_vector[2]      0.806900 
_atom_sites.fract_transf_vector[3]      0.009479 
_atom_sites.solution_primary            ? 
_atom_sites.solution_secondary          ? 
_atom_sites.solution_hydrogens          ? 
_atom_sites.special_details             ? 
# 
loop_
_atom_type.symbol 
C 
H 
N 
O 
# 
loop_
_atom_site.group_PDB 
_atom_site.id 
_atom_site.type_symbol 
_atom_site.label_atom_id 
_atom_site.label_alt_id 
_atom_site.label_comp_id 
_atom_site.label_asym_id 
_atom_site.label_entity_id 
_atom_site.label_seq_id 
_atom_site.pdbx_PDB_ins_code 
_atom_site.Cartn_x 
_atom_site.Cartn_y 
_atom_site.Cartn_z 
_atom_site.occupancy 
_atom_site.B_iso_or_equiv 
_atom_site.pdbx_formal_charge 
_atom_site.auth_seq_id 
_atom_site.auth_comp_id 
_atom_site.auth_asym_id 
_atom_site.auth_atom_id 
_atom_site.pdbx_PDB_model_num 
ATOM   1   N N   . GLY A 1 1  ? -2.33973  -14.09330 5.81172   1.000 32.64392  ?  266 GLY A N   1 
ATOM   2   C CA  . GLY A 1 1  ? -2.58991  -12.84497 5.11773   1.000 26.45329  ?  266 GLY A CA  1 
ATOM   3   C C   . GLY A 1 1  ? -1.33528  -12.03459 4.84718   1.000 25.12955  ?  266 GLY A C   1 
ATOM   4   O O   . GLY A 1 1  ? -0.55983  -11.72719 5.74988   1.000 27.42191  ?  266 GLY A O   1 
ATOM   5   N N   . LEU A 1 2  ? -1.13626  -11.68411 3.58559   1.000 19.04225  ?  267 LEU A N   1 
ATOM   6   C CA  . LEU A 1 2  ? 0.04271   -10.95133 3.14878   1.000 15.53402  ?  267 LEU A CA  1 
ATOM   7   C C   . LEU A 1 2  ? -0.35900  -9.51084  2.86390   1.000 13.42065  ?  267 LEU A C   1 
ATOM   8   O O   . LEU A 1 2  ? -1.45392  -9.25675  2.35675   1.000 14.79684  ?  267 LEU A O   1 
ATOM   9   C CB  . LEU A 1 2  ? 0.60220   -11.60840 1.89259   1.000 16.37565  ?  267 LEU A CB  1 
ATOM   10  C CG  . LEU A 1 2  ? 0.97506   -13.07653 2.11537   1.000 17.33717  ?  267 LEU A CG  1 
ATOM   11  C CD1 . LEU A 1 2  ? 1.15808   -13.82058 0.79266   1.000 19.91052  ?  267 LEU A CD1 1 
ATOM   12  C CD2 . LEU A 1 2  ? 2.22884   -13.19469 2.96257   1.000 19.68692  ?  267 LEU A CD2 1 
ATOM   13  N N   . TYR A 1 3  ? 0.52608   -8.56373  3.19577   1.000 14.26197  ?  268 TYR A N   1 
ATOM   14  C CA  . TYR A 1 3  ? 0.22957   -7.14639  3.05202   1.000 13.00314  ?  268 TYR A CA  1 
ATOM   15  C C   . TYR A 1 3  ? 1.34390   -6.46122  2.28606   1.000 11.95778  ?  268 TYR A C   1 
ATOM   16  O O   . TYR A 1 3  ? 2.52189   -6.81488  2.43305   1.000 14.85471  ?  268 TYR A O   1 
ATOM   17  C CB  . TYR A 1 3  ? 0.09024   -6.46716  4.41539   1.000 14.94631  ?  268 TYR A CB  1 
ATOM   18  C CG  . TYR A 1 3  ? -1.12783  -6.93305  5.17808   1.000 15.38738  ?  268 TYR A CG  1 
ATOM   19  C CD1 . TYR A 1 3  ? -1.08421  -8.07566  5.97267   1.000 16.69141  ?  268 TYR A CD1 1 
ATOM   20  C CD2 . TYR A 1 3  ? -2.32614  -6.23413  5.10260   1.000 15.76602  ?  268 TYR A CD2 1 
ATOM   21  C CE1 . TYR A 1 3  ? -2.20207  -8.50997  6.66456   1.000 17.59425  ?  268 TYR A CE1 1 
ATOM   22  C CE2 . TYR A 1 3  ? -3.44237  -6.65820  5.79656   1.000 17.29701  ?  268 TYR A CE2 1 
ATOM   23  C CZ  . TYR A 1 3  ? -3.37494  -7.79745  6.57414   1.000 17.94754  ?  268 TYR A CZ  1 
ATOM   24  O OH  . TYR A 1 3  ? -4.48242  -8.21900  7.27342   1.000 20.56730  ?  268 TYR A OH  1 
ATOM   25  N N   . LEU A 1 4  ? 0.96175   -5.49304  1.45895   1.000 12.32530  ?  269 LEU A N   1 
ATOM   26  C CA  . LEU A 1 4  ? 1.89030   -4.63209  0.73974   1.000 12.18959  ?  269 LEU A CA  1 
ATOM   27  C C   . LEU A 1 4  ? 1.76630   -3.21485  1.27282   1.000 13.30728  ?  269 LEU A C   1 
ATOM   28  O O   . LEU A 1 4  ? 0.68663   -2.78763  1.67425   1.000 14.97954  ?  269 LEU A O   1 
ATOM   29  C CB  . LEU A 1 4  ? 1.55648   -4.58042  -0.75401  1.000 12.57295  ?  269 LEU A CB  1 
ATOM   30  C CG  . LEU A 1 4  ? 1.84122   -5.85475  -1.55111  1.000 12.50549  ?  269 LEU A CG  1 
ATOM   31  C CD1 . LEU A 1 4  ? 1.24004   -5.77101  -2.93503  1.000 13.93511  ?  269 LEU A CD1 1 
ATOM   32  C CD2 . LEU A 1 4  ? 3.34008   -6.11318  -1.64868  1.000 13.23414  ?  269 LEU A CD2 1 
ATOM   33  N N   . GLN A 1 5  ? 2.87074   -2.47798  1.25490   1.000 12.47671  ?  270 GLN A N   1 
ATOM   34  C CA  . GLN A 1 5  ? 2.85034   -1.04486  1.50014   1.000 12.50294  ?  270 GLN A CA  1 
ATOM   35  C C   . GLN A 1 5  ? 3.32550   -0.36418  0.22794   1.000 13.33456  ?  270 GLN A C   1 
ATOM   36  O O   . GLN A 1 5  ? 4.31926   -0.78804  -0.37246  1.000 13.90839  ?  270 GLN A O   1 
ATOM   37  C CB  . GLN A 1 5  ? 3.76003   -0.66943  2.66833   1.000 13.50525  ?  270 GLN A CB  1 
ATOM   38  C CG  . GLN A 1 5  ? 3.81380   0.83325   2.97150   1.000 14.57402  ?  270 GLN A CG  1 
ATOM   39  C CD  . GLN A 1 5  ? 4.43019   1.14980   4.32170   1.000 16.45332  ?  270 GLN A CD  1 
ATOM   40  O OE1 . GLN A 1 5  ? 4.01166   0.62441   5.34772   1.000 17.35284  ?  270 GLN A OE1 1 
ATOM   41  N NE2 . GLN A 1 5  ? 5.44157   2.01186   4.31896   1.000 18.05780  ?  270 GLN A NE2 1 
ATOM   42  N N   . VAL A 1 6  ? 2.62559   0.68848   -0.17925  1.000 14.57026  ?  271 VAL A N   1 
ATOM   43  C CA  . VAL A 1 6  ? 2.93833   1.37367   -1.42625  1.000 15.23558  ?  271 VAL A CA  1 
ATOM   44  C C   . VAL A 1 6  ? 3.55291   2.75004   -1.20302  1.000 16.71785  ?  271 VAL A C   1 
ATOM   45  O O   . VAL A 1 6  ? 4.29465   3.23268   -2.07671  1.000 19.97314  ?  271 VAL A O   1 
ATOM   46  C CB  . VAL A 1 6  ? 1.70376   1.43923   -2.35666  1.000 17.06041  ?  271 VAL A CB  1 
ATOM   47  C CG1 . VAL A 1 6  ? 2.04185   2.01311   -3.73125  1.000 19.00210  ?  271 VAL A CG1 1 
ATOM   48  C CG2 . VAL A 1 6  ? 1.09429   0.04836   -2.49306  1.000 17.66552  ?  271 VAL A CG2 1 
ATOM   49  N N   . GLY A 1 7  ? 3.29341   3.38286   -0.06657  1.000 15.16936  ?  272 GLY A N   1 
ATOM   50  C CA  . GLY A 1 7  ? 3.95606   4.62808   0.25601   1.000 16.92650  ?  272 GLY A CA  1 
ATOM   51  C C   . GLY A 1 7  ? 3.66392   5.00973   1.68606   1.000 15.96031  ?  272 GLY A C   1 
ATOM   52  O O   . GLY A 1 7  ? 2.81836   4.41373   2.35089   1.000 15.95372  ?  272 GLY A O   1 
ATOM   53  N N   . ALA A 1 8  ? 4.39119   6.01101   2.15417   1.000 17.79091  ?  273 ALA A N   1 
ATOM   54  C CA  . ALA A 1 8  ? 4.19989   6.53207   3.49771   1.000 18.38459  ?  273 ALA A CA  1 
ATOM   55  C C   . ALA A 1 8  ? 4.38848   8.03820   3.43351   1.000 19.71495  ?  273 ALA A C   1 
ATOM   56  O O   . ALA A 1 8  ? 5.37745   8.50747   2.86803   1.000 22.64094  ?  273 ALA A O   1 
ATOM   57  C CB  . ALA A 1 8  ? 5.20258   5.89880   4.47006   1.000 19.83672  ?  273 ALA A CB  1 
ATOM   58  N N   . PHE A 1 9  ? 3.43134   8.79037   3.98085   1.000 19.00684  ?  274 PHE A N   1 
ATOM   59  C CA  . PHE A 1 9  ? 3.33244   10.22074  3.73100   1.000 18.59404  ?  274 PHE A CA  1 
ATOM   60  C C   . PHE A 1 9  ? 3.09026   10.97733  5.02331   1.000 20.19051  ?  274 PHE A C   1 
ATOM   61  O O   . PHE A 1 9  ? 2.36642   10.50595  5.90586   1.000 20.43694  ?  274 PHE A O   1 
ATOM   62  C CB  . PHE A 1 9  ? 2.15329   10.52564  2.79833   1.000 20.58341  ?  274 PHE A CB  1 
ATOM   63  C CG  . PHE A 1 9  ? 2.24062   9.83533   1.47989   1.000 21.34978  ?  274 PHE A CG  1 
ATOM   64  C CD1 . PHE A 1 9  ? 2.93021   10.41327  0.42394   1.000 24.09658  ?  274 PHE A CD1 1 
ATOM   65  C CD2 . PHE A 1 9  ? 1.64200   8.59661   1.29304   1.000 21.88083  ?  274 PHE A CD2 1 
ATOM   66  C CE1 . PHE A 1 9  ? 3.01785   9.76349   -0.79945  1.000 24.64737  ?  274 PHE A CE1 1 
ATOM   67  C CE2 . PHE A 1 9  ? 1.72031   7.94346   0.06973   1.000 23.66802  ?  274 PHE A CE2 1 
ATOM   68  C CZ  . PHE A 1 9  ? 2.41182   8.52840   -0.97534  1.000 24.78469  ?  274 PHE A CZ  1 
ATOM   69  N N   . ALA A 1 10 ? 3.67998   12.17257  5.10582   1.000 22.73815  ?  275 ALA A N   1 
ATOM   70  C CA  . ALA A 1 10 ? 3.33717   13.10640  6.16855   1.000 24.47695  ?  275 ALA A CA  1 
ATOM   71  C C   . ALA A 1 10 ? 2.04087   13.84744  5.86566   1.000 26.84266  ?  275 ALA A C   1 
ATOM   72  O O   . ALA A 1 10 ? 1.30565   14.20550  6.79266   1.000 29.16919  ?  275 ALA A O   1 
ATOM   73  C CB  . ALA A 1 10 ? 4.48605   14.09174  6.39472   1.000 26.68863  ?  275 ALA A CB  1 
ATOM   74  N N   . ASN A 1 11 ? 1.74683   14.08055  4.59029   1.000 29.03841  ?  276 ASN A N   1 
ATOM   75  C CA  . ASN A 1 11 ? 0.51387   14.75526  4.18904   1.000 30.24917  ?  276 ASN A CA  1 
ATOM   76  C C   . ASN A 1 11 ? -0.62228  13.73895  4.13185   1.000 28.62906  ?  276 ASN A C   1 
ATOM   77  O O   . ASN A 1 11 ? -0.56026  12.80267  3.32705   1.000 28.01314  ?  276 ASN A O   1 
ATOM   78  C CB  . ASN A 1 11 ? 0.71684   15.38702  2.81205   1.000 34.50388  ?  276 ASN A CB  1 
ATOM   79  C CG  . ASN A 1 11 ? -0.54591  16.05002  2.25506   1.000 37.97531  ?  276 ASN A CG  1 
ATOM   80  O OD1 . ASN A 1 11 ? -1.59815  16.07857  2.89409   1.000 41.11514  ?  276 ASN A OD1 1 
ATOM   81  N ND2 . ASN A 1 11 ? -0.43235  16.59319  1.04659   1.000 39.87566  ?  276 ASN A ND2 1 
ATOM   82  N N   . PRO A 1 12 ? -1.66679  13.87801  4.95412   1.000 28.02133  ?  277 PRO A N   1 
ATOM   83  C CA  . PRO A 1 12 ? -2.76777  12.90277  4.89181   1.000 26.98312  ?  277 PRO A CA  1 
ATOM   84  C C   . PRO A 1 12 ? -3.52114  12.90918  3.57205   1.000 24.57982  ?  277 PRO A C   1 
ATOM   85  O O   . PRO A 1 12 ? -3.99792  11.84918  3.14981   1.000 23.25283  ?  277 PRO A O   1 
ATOM   86  C CB  . PRO A 1 12 ? -3.66158  13.29290  6.07695   1.000 28.76699  ?  277 PRO A CB  1 
ATOM   87  C CG  . PRO A 1 12 ? -3.32943  14.70895  6.34994   1.000 30.05219  ?  277 PRO A CG  1 
ATOM   88  C CD  . PRO A 1 12 ? -1.88506  14.89746  5.99406   1.000 29.32262  ?  277 PRO A CD  1 
ATOM   89  N N   . ASP A 1 13 ? -3.64084  14.06016  2.89866   1.000 25.11092  ?  278 ASP A N   1 
ATOM   90  C CA  . ASP A 1 13 ? -4.31749  14.06799  1.60267   1.000 25.18675  ?  278 ASP A CA  1 
ATOM   91  C C   . ASP A 1 13 ? -3.55560  13.23850  0.57556   1.000 22.79640  ?  278 ASP A C   1 
ATOM   92  O O   . ASP A 1 13 ? -4.16525  12.55990  -0.25979  1.000 22.10533  ?  278 ASP A O   1 
ATOM   93  C CB  . ASP A 1 13 ? -4.51297  15.49804  1.10169   1.000 27.40036  ?  278 ASP A CB  1 
ATOM   94  C CG  . ASP A 1 13 ? -5.76497  16.15247  1.65839   1.000 31.81382  ?  278 ASP A CG  1 
ATOM   95  O OD1 . ASP A 1 13 ? -6.46025  15.53194  2.49331   1.000 33.90261  ?  278 ASP A OD1 1 
ATOM   96  O OD2 . ASP A 1 13 ? -6.04945  17.29801  1.24728   1.000 34.24188  -1 278 ASP A OD2 1 
ATOM   97  N N   . ALA A 1 14 ? -2.22039  13.28212  0.61898   1.000 20.40983  ?  279 ALA A N   1 
ATOM   98  C CA  . ALA A 1 14 ? -1.42885  12.46781  -0.29653  1.000 20.24619  ?  279 ALA A CA  1 
ATOM   99  C C   . ALA A 1 14 ? -1.66583  10.98354  -0.05292  1.000 18.23276  ?  279 ALA A C   1 
ATOM   100 O O   . ALA A 1 14 ? -1.77569  10.19716  -1.00208  1.000 19.27646  ?  279 ALA A O   1 
ATOM   101 C CB  . ALA A 1 14 ? 0.05668   12.79992  -0.14714  1.000 20.93506  ?  279 ALA A CB  1 
ATOM   102 N N   . ALA A 1 15 ? -1.73525  10.58030  1.21632   1.000 18.43604  ?  280 ALA A N   1 
ATOM   103 C CA  . ALA A 1 15 ? -2.00719  9.18475   1.53974   1.000 17.86208  ?  280 ALA A CA  1 
ATOM   104 C C   . ALA A 1 15 ? -3.40830  8.78213   1.09364   1.000 16.32105  ?  280 ALA A C   1 
ATOM   105 O O   . ALA A 1 15 ? -3.59635  7.71828   0.49037   1.000 16.39312  ?  280 ALA A O   1 
ATOM   106 C CB  . ALA A 1 15 ? -1.82275  8.94867   3.03810   1.000 19.13260  ?  280 ALA A CB  1 
ATOM   107 N N   . GLU A 1 16 ? -4.41097  9.62099   1.38448   1.000 16.60387  ?  281 GLU A N   1 
ATOM   108 C CA  . GLU A 1 16 ? -5.77071  9.30656   0.94918   1.000 18.60174  ?  281 GLU A CA  1 
ATOM   109 C C   . GLU A 1 16 ? -5.88467  9.25156   -0.56616  1.000 17.58302  ?  281 GLU A C   1 
ATOM   110 O O   . GLU A 1 16 ? -6.62915  8.42691   -1.10588  1.000 17.62373  ?  281 GLU A O   1 
ATOM   111 C CB  . GLU A 1 16 ? -6.79888  10.27587  1.53810   1.000 21.57211  ?  281 GLU A CB  1 
ATOM   112 C CG  . GLU A 1 16 ? -6.71760  10.41074  3.04131   1.000 26.26223  ?  281 GLU A CG  1 
ATOM   113 C CD  . GLU A 1 16 ? -7.62000  9.41522   3.73387   1.000 36.66643  ?  281 GLU A CD  1 
ATOM   114 O OE1 . GLU A 1 16 ? -7.53485  9.27617   4.97592   1.000 43.37098  ?  281 GLU A OE1 1 
ATOM   115 O OE2 . GLU A 1 16 ? -8.39309  8.74281   3.02016   1.000 41.43724  -1 281 GLU A OE2 1 
ATOM   116 N N   . LEU A 1 17 ? -5.16918  10.13036  -1.27109  1.000 17.16385  ?  282 LEU A N   1 
ATOM   117 C CA  . LEU A 1 17 ? -5.21063  10.11264  -2.72806  1.000 16.80909  ?  282 LEU A CA  1 
ATOM   118 C C   . LEU A 1 17 ? -4.62577  8.81518   -3.26947  1.000 15.86621  ?  282 LEU A C   1 
ATOM   119 O O   . LEU A 1 17 ? -5.21790  8.17452   -4.14817  1.000 17.33615  ?  282 LEU A O   1 
ATOM   120 C CB  . LEU A 1 17 ? -4.46612  11.32354  -3.28675  1.000 17.19478  ?  282 LEU A CB  1 
ATOM   121 C CG  . LEU A 1 17 ? -4.34693  11.38416  -4.80500  1.000 17.15392  ?  282 LEU A CG  1 
ATOM   122 C CD1 . LEU A 1 17 ? -5.71984  11.31954  -5.44343  1.000 18.07618  ?  282 LEU A CD1 1 
ATOM   123 C CD2 . LEU A 1 17 ? -3.62259  12.64840  -5.20960  1.000 18.73482  ?  282 LEU A CD2 1 
ATOM   124 N N   . LEU A 1 18 ? -3.47516  8.39075   -2.73207  1.000 15.86988  ?  283 LEU A N   1 
ATOM   125 C CA  . LEU A 1 18 ? -2.89154  7.12742   -3.17562  1.000 16.10598  ?  283 LEU A CA  1 
ATOM   126 C C   . LEU A 1 18 ? -3.82757  5.96555   -2.87643  1.000 15.15102  ?  283 LEU A C   1 
ATOM   127 O O   . LEU A 1 18 ? -3.99652  5.06385   -3.70545  1.000 16.35782  ?  283 LEU A O   1 
ATOM   128 C CB  . LEU A 1 18 ? -1.52798  6.90581   -2.52363  1.000 15.43623  ?  283 LEU A CB  1 
ATOM   129 C CG  . LEU A 1 18 ? -0.83698  5.59386   -2.91777  1.000 16.02179  ?  283 LEU A CG  1 
ATOM   130 C CD1 . LEU A 1 18 ? -0.66072  5.48407   -4.43263  1.000 19.41381  ?  283 LEU A CD1 1 
ATOM   131 C CD2 . LEU A 1 18 ? 0.50058   5.48751   -2.20188  1.000 16.21119  ?  283 LEU A CD2 1 
ATOM   132 N N   . LYS A 1 19 ? -4.44309  5.96659   -1.69477  1.000 14.63547  ?  284 LYS A N   1 
ATOM   133 C CA  . LYS A 1 19 ? -5.40769  4.92117   -1.36651  1.000 15.58190  ?  284 LYS A CA  1 
ATOM   134 C C   . LYS A 1 19 ? -6.52230  4.85672   -2.40761  1.000 15.70624  ?  284 LYS A C   1 
ATOM   135 O O   . LYS A 1 19 ? -6.87301  3.77451   -2.89467  1.000 16.41279  ?  284 LYS A O   1 
ATOM   136 C CB  . LYS A 1 19 ? -5.98200  5.14871   0.03526   1.000 16.32728  ?  284 LYS A CB  1 
ATOM   137 C CG  . LYS A 1 19 ? -7.21856  4.32321   0.33491   1.000 17.91515  ?  284 LYS A CG  1 
ATOM   138 C CD  . LYS A 1 19 ? -7.61835  4.46710   1.79371   1.000 20.23197  ?  284 LYS A CD  1 
ATOM   139 C CE  . LYS A 1 19 ? -8.91755  3.75125   2.06923   1.000 24.34282  ?  284 LYS A CE  1 
ATOM   140 N NZ  . LYS A 1 19 ? -10.03721 4.50461   1.47131   1.000 29.68279  ?  284 LYS A NZ  1 
ATOM   141 N N   . ALA A 1 20 ? -7.08384  6.01681   -2.76759  1.000 17.06246  ?  285 ALA A N   1 
ATOM   142 C CA  . ALA A 1 20 ? -8.15838  6.05305   -3.75703  1.000 18.14915  ?  285 ALA A CA  1 
ATOM   143 C C   . ALA A 1 20 ? -7.68964  5.53038   -5.11431  1.000 18.79680  ?  285 ALA A C   1 
ATOM   144 O O   . ALA A 1 20 ? -8.41170  4.77668   -5.78005  1.000 20.85204  ?  285 ALA A O   1 
ATOM   145 C CB  . ALA A 1 20 ? -8.71454  7.47533   -3.87516  1.000 18.79835  ?  285 ALA A CB  1 
ATOM   146 N N   . LYS A 1 21 ? -6.48826  5.92419   -5.54849  1.000 17.98886  ?  286 LYS A N   1 
ATOM   147 C CA  . LYS A 1 21 ? -5.98956  5.44226   -6.83288  1.000 18.79768  ?  286 LYS A CA  1 
ATOM   148 C C   . LYS A 1 21 ? -5.77283  3.93531   -6.81574  1.000 17.88731  ?  286 LYS A C   1 
ATOM   149 O O   . LYS A 1 21 ? -6.07500  3.24338   -7.80006  1.000 19.84892  ?  286 LYS A O   1 
ATOM   150 C CB  . LYS A 1 21 ? -4.69649  6.16076   -7.20073  1.000 19.45246  ?  286 LYS A CB  1 
ATOM   151 C CG  . LYS A 1 21 ? -4.89231  7.61131   -7.58659  1.000 22.27251  ?  286 LYS A CG  1 
ATOM   152 C CD  . LYS A 1 21 ? -3.57907  8.22925   -8.02288  1.000 26.05415  ?  286 LYS A CD  1 
ATOM   153 C CE  . LYS A 1 21 ? -3.73354  9.71046   -8.29592  1.000 29.85853  ?  286 LYS A CE  1 
ATOM   154 N NZ  . LYS A 1 21 ? -2.41200  10.37945  -8.44113  1.000 34.18030  ?  286 LYS A NZ  1 
ATOM   155 N N   . LEU A 1 22 ? -5.23562  3.41018   -5.71146  1.000 16.35833  ?  287 LEU A N   1 
ATOM   156 C CA  . LEU A 1 22 ? -4.98130  1.97592   -5.61584  1.000 16.66514  ?  287 LEU A CA  1 
ATOM   157 C C   . LEU A 1 22 ? -6.26862  1.17742   -5.69668  1.000 18.33284  ?  287 LEU A C   1 
ATOM   158 O O   . LEU A 1 22 ? -6.28137  0.07085   -6.24650  1.000 18.59922  ?  287 LEU A O   1 
ATOM   159 C CB  . LEU A 1 22 ? -4.24890  1.65262   -4.31974  1.000 15.94803  ?  287 LEU A CB  1 
ATOM   160 C CG  . LEU A 1 22 ? -2.76274  1.99137   -4.32167  1.000 15.38177  ?  287 LEU A CG  1 
ATOM   161 C CD1 . LEU A 1 22 ? -2.22956  1.97184   -2.89890  1.000 15.35074  ?  287 LEU A CD1 1 
ATOM   162 C CD2 . LEU A 1 22 ? -1.99409  1.02001   -5.20900  1.000 16.29824  ?  287 LEU A CD2 1 
ATOM   163 N N   A SER A 1 23 ? -7.36394  1.71839   -5.16255  0.673 19.17154  ?  288 SER A N   1 
ATOM   164 N N   B SER A 1 23 ? -7.36402  1.71874   -5.15696  0.327 19.86518  ?  288 SER A N   1 
ATOM   165 C CA  A SER A 1 23 ? -8.63342  1.01066   -5.23249  0.673 20.82915  ?  288 SER A CA  1 
ATOM   166 C CA  B SER A 1 23 ? -8.64402  1.02627   -5.23493  0.327 21.51501  ?  288 SER A CA  1 
ATOM   167 C C   A SER A 1 23 ? -9.08052  0.77408   -6.66963  0.673 22.27406  ?  288 SER A C   1 
ATOM   168 C C   B SER A 1 23 ? -9.06873  0.76738   -6.67376  0.327 22.59791  ?  288 SER A C   1 
ATOM   169 O O   A SER A 1 23 ? -9.89267  -0.12349  -6.91362  0.673 24.50709  ?  288 SER A O   1 
ATOM   170 O O   B SER A 1 23 ? -9.86003  -0.14895  -6.91957  0.327 23.76827  ?  288 SER A O   1 
ATOM   171 C CB  A SER A 1 23 ? -9.69045  1.77052   -4.43283  0.673 22.79088  ?  288 SER A CB  1 
ATOM   172 C CB  B SER A 1 23 ? -9.72295  1.82316   -4.49958  0.327 22.66467  ?  288 SER A CB  1 
ATOM   173 O OG  A SER A 1 23 ? -9.31662  1.82752   -3.06525  0.673 24.53908  ?  288 SER A OG  1 
ATOM   174 O OG  B SER A 1 23 ? -10.31643 2.78320   -5.35387  0.327 24.00315  ?  288 SER A OG  1 
ATOM   175 N N   . GLY A 1 24 ? -8.55675  1.54107   -7.62720  1.000 22.84310  ?  289 GLY A N   1 
ATOM   176 C CA  . GLY A 1 24 ? -8.86912  1.33169   -9.02644  1.000 24.46369  ?  289 GLY A CA  1 
ATOM   177 C C   . GLY A 1 24 ? -8.00358  0.31747   -9.73640  1.000 24.72952  ?  289 GLY A C   1 
ATOM   178 O O   . GLY A 1 24 ? -8.27681  -0.01616  -10.89560 1.000 28.75749  ?  289 GLY A O   1 
ATOM   179 N N   A VAL A 1 25 ? -6.95804  -0.15723  -9.05903  0.333 23.30655  ?  290 VAL A N   1 
ATOM   180 N N   B VAL A 1 25 ? -6.97388  -0.22691  -9.08384  0.667 22.60292  ?  290 VAL A N   1 
ATOM   181 C CA  A VAL A 1 25 ? -6.00984  -1.09355  -9.63373  0.333 22.74967  ?  290 VAL A CA  1 
ATOM   182 C CA  B VAL A 1 25 ? -6.07934  -1.18231  -9.72722  0.667 22.87799  ?  290 VAL A CA  1 
ATOM   183 C C   A VAL A 1 25 ? -6.15807  -2.50020  -9.05894  0.333 22.34264  ?  290 VAL A C   1 
ATOM   184 C C   B VAL A 1 25 ? -5.94159  -2.49380  -8.96749  0.667 22.14303  ?  290 VAL A C   1 
ATOM   185 O O   A VAL A 1 25 ? -5.91391  -3.47772  -9.77575  0.333 23.73226  ?  290 VAL A O   1 
ATOM   186 O O   B VAL A 1 25 ? -5.23847  -3.39307  -9.43774  0.667 23.20868  ?  290 VAL A O   1 
ATOM   187 C CB  A VAL A 1 25 ? -4.56471  -0.57406  -9.45242  0.333 22.74539  ?  290 VAL A CB  1 
ATOM   188 C CB  B VAL A 1 25 ? -4.69048  -0.58643  -10.04175 0.667 24.55830  ?  290 VAL A CB  1 
ATOM   189 C CG1 A VAL A 1 25 ? -3.56252  -1.47481  -10.15651 0.333 23.08701  ?  290 VAL A CG1 1 
ATOM   190 C CG1 B VAL A 1 25 ? -4.81777  0.62994   -10.94850 0.667 25.61292  ?  290 VAL A CG1 1 
ATOM   191 C CG2 A VAL A 1 25 ? -4.44026  0.86304   -9.94483  0.333 22.17891  ?  290 VAL A CG2 1 
ATOM   192 C CG2 B VAL A 1 25 ? -3.95605  -0.24311  -8.76071  0.667 25.14192  ?  290 VAL A CG2 1 
ATOM   193 N N   . THR A 1 26 ? -6.56465  -2.63003  -7.79759  1.000 21.48694  ?  291 THR A N   1 
ATOM   194 C CA  . THR A 1 26 ? -6.60992  -3.90179  -7.09087  1.000 20.41481  ?  291 THR A CA  1 
ATOM   195 C C   . THR A 1 26 ? -7.98099  -4.05696  -6.45976  1.000 17.79245  ?  291 THR A C   1 
ATOM   196 O O   . THR A 1 26 ? -8.62740  -3.06799  -6.10799  1.000 17.52893  ?  291 THR A O   1 
ATOM   197 C CB  . THR A 1 26 ? -5.55873  -3.98294  -5.96515  1.000 21.28435  ?  291 THR A CB  1 
ATOM   198 O OG1 . THR A 1 26 ? -5.61424  -5.27471  -5.34076  1.000 22.89869  ?  291 THR A OG1 1 
ATOM   199 C CG2 . THR A 1 26 ? -5.81995  -2.92417  -4.89799  1.000 23.01199  ?  291 THR A CG2 1 
ATOM   200 N N   . ALA A 1 27 ? -8.40993  -5.31173  -6.30971  1.000 17.69102  ?  292 ALA A N   1 
ATOM   201 C CA  . ALA A 1 27 ? -9.59593  -5.65815  -5.54192  1.000 16.52608  ?  292 ALA A CA  1 
ATOM   202 C C   . ALA A 1 27 ? -9.30670  -5.91823  -4.06313  1.000 15.60241  ?  292 ALA A C   1 
ATOM   203 O O   . ALA A 1 27 ? -10.25584 -6.04953  -3.27775  1.000 17.12942  ?  292 ALA A O   1 
ATOM   204 C CB  . ALA A 1 27 ? -10.30095 -6.87145  -6.16359  1.000 16.70543  ?  292 ALA A CB  1 
ATOM   205 N N   . ALA A 1 28 ? -8.04043  -5.98390  -3.65187  1.000 18.34251  ?  293 ALA A N   1 
ATOM   206 C CA  . ALA A 1 28 ? -7.75189  -6.19497  -2.24390  1.000 19.34594  ?  293 ALA A CA  1 
ATOM   207 C C   . ALA A 1 28 ? -8.10310  -4.94076  -1.44273  1.000 17.83537  ?  293 ALA A C   1 
ATOM   208 O O   . ALA A 1 28 ? -8.06589  -3.82497  -1.97321  1.000 17.41255  ?  293 ALA A O   1 
ATOM   209 C CB  . ALA A 1 28 ? -6.27036  -6.49271  -2.04994  1.000 20.98764  ?  293 ALA A CB  1 
ATOM   210 N N   . PRO A 1 29 ? -8.43283  -5.09559  -0.15707  1.000 19.16169  ?  294 PRO A N   1 
ATOM   211 C CA  . PRO A 1 29 ? -8.68513  -3.91577  0.67791   1.000 16.99696  ?  294 PRO A CA  1 
ATOM   212 C C   . PRO A 1 29 ? -7.46784  -3.00600  0.69609   1.000 14.76473  ?  294 PRO A C   1 
ATOM   213 O O   . PRO A 1 29 ? -6.33281  -3.46258  0.82724   1.000 15.82230  ?  294 PRO A O   1 
ATOM   214 C CB  . PRO A 1 29 ? -8.93798  -4.51132  2.07064   1.000 20.00865  ?  294 PRO A CB  1 
ATOM   215 C CG  . PRO A 1 29 ? -9.35665  -5.91957  1.82276   1.000 21.96743  ?  294 PRO A CG  1 
ATOM   216 C CD  . PRO A 1 29 ? -8.59416  -6.35171  0.59832   1.000 21.21507  ?  294 PRO A CD  1 
ATOM   217 N N   . VAL A 1 30 ? -7.70877  -1.71086  0.56438   1.000 15.13881  ?  295 VAL A N   1 
ATOM   218 C CA  . VAL A 1 30 ? -6.66798  -0.69506  0.68354   1.000 13.82233  ?  295 VAL A CA  1 
ATOM   219 C C   . VAL A 1 30 ? -6.97147  0.13621   1.92257   1.000 13.76356  ?  295 VAL A C   1 
ATOM   220 O O   . VAL A 1 30 ? -8.12602  0.51258   2.16290   1.000 17.12860  ?  295 VAL A O   1 
ATOM   221 C CB  . VAL A 1 30 ? -6.59618  0.19641   -0.57329  1.000 14.59830  ?  295 VAL A CB  1 
ATOM   222 C CG1 . VAL A 1 30 ? -5.38034  1.12735   -0.48439  1.000 15.01937  ?  295 VAL A CG1 1 
ATOM   223 C CG2 . VAL A 1 30 ? -6.56405  -0.64838  -1.85867  1.000 17.02657  ?  295 VAL A CG2 1 
ATOM   224 N N   . PHE A 1 31 ? -5.94979  0.41001   2.72449   1.000 13.45140  ?  296 PHE A N   1 
ATOM   225 C CA  . PHE A 1 31 ? -6.19612  1.12346   3.96989   1.000 13.10073  ?  296 PHE A CA  1 
ATOM   226 C C   . PHE A 1 31 ? -4.98066  1.96015   4.32514   1.000 13.46923  ?  296 PHE A C   1 
ATOM   227 O O   . PHE A 1 31 ? -3.88837  1.76798   3.79188   1.000 13.85663  ?  296 PHE A O   1 
ATOM   228 C CB  . PHE A 1 31 ? -6.56388  0.15401   5.10504   1.000 14.40805  ?  296 PHE A CB  1 
ATOM   229 C CG  . PHE A 1 31 ? -5.51977  -0.89616  5.38423   1.000 14.70553  ?  296 PHE A CG  1 
ATOM   230 C CD1 . PHE A 1 31 ? -5.47714  -2.08025  4.65566   1.000 15.42781  ?  296 PHE A CD1 1 
ATOM   231 C CD2 . PHE A 1 31 ? -4.56517  -0.69307  6.38060   1.000 15.70153  ?  296 PHE A CD2 1 
ATOM   232 C CE1 . PHE A 1 31 ? -4.50547  -3.03872  4.92907   1.000 17.31785  ?  296 PHE A CE1 1 
ATOM   233 C CE2 . PHE A 1 31 ? -3.59434  -1.65237  6.64881   1.000 15.76116  ?  296 PHE A CE2 1 
ATOM   234 C CZ  . PHE A 1 31 ? -3.56599  -2.82208  5.91730   1.000 15.96843  ?  296 PHE A CZ  1 
ATOM   235 N N   . ILE A 1 32 ? -5.18059  2.88965   5.24748   1.000 14.07586  ?  297 ILE A N   1 
ATOM   236 C CA  . ILE A 1 32 ? -4.10047  3.71912   5.75782   1.000 14.49912  ?  297 ILE A CA  1 
ATOM   237 C C   . ILE A 1 32 ? -3.85825  3.32471   7.19920   1.000 15.27451  ?  297 ILE A C   1 
ATOM   238 O O   . ILE A 1 32 ? -4.80340  3.24744   7.98883   1.000 18.45890  ?  297 ILE A O   1 
ATOM   239 C CB  . ILE A 1 32 ? -4.40849  5.22166   5.62324   1.000 15.79583  ?  297 ILE A CB  1 
ATOM   240 C CG1 . ILE A 1 32 ? -4.49268  5.58774   4.13871   1.000 19.01741  ?  297 ILE A CG1 1 
ATOM   241 C CG2 . ILE A 1 32 ? -3.33351  6.05499   6.30545   1.000 17.00380  ?  297 ILE A CG2 1 
ATOM   242 C CD1 . ILE A 1 32 ? -5.15975  6.90207   3.88004   1.000 22.27086  ?  297 ILE A CD1 1 
ATOM   243 N N   . SER A 1 33 ? -2.60271  3.05179   7.53560   1.000 14.70859  ?  298 SER A N   1 
ATOM   244 C CA  . SER A 1 33 ? -2.17815  2.78435   8.90553   1.000 15.29434  ?  298 SER A CA  1 
ATOM   245 C C   . SER A 1 33 ? -1.28806  3.94241   9.32259   1.000 15.32872  ?  298 SER A C   1 
ATOM   246 O O   . SER A 1 33 ? -0.17786  4.08238   8.80916   1.000 17.78710  ?  298 SER A O   1 
ATOM   247 C CB  . SER A 1 33 ? -1.38266  1.47891   8.95251   1.000 18.75748  ?  298 SER A CB  1 
ATOM   248 O OG  . SER A 1 33 ? -0.83834  1.27276   10.24691  1.000 22.55977  ?  298 SER A OG  1 
ATOM   249 N N   . SER A 1 34 ? -1.75551  4.75702   10.26156  1.000 16.87028  ?  299 SER A N   1 
ATOM   250 C CA  . SER A 1 34 ? -1.01961  5.93700   10.68787  1.000 19.21307  ?  299 SER A CA  1 
ATOM   251 C C   . SER A 1 34 ? -0.36852  5.67115   12.03612  1.000 18.34178  ?  299 SER A C   1 
ATOM   252 O O   . SER A 1 34 ? -0.98755  5.08813   12.93273  1.000 20.25289  ?  299 SER A O   1 
ATOM   253 C CB  . SER A 1 34 ? -1.95296  7.14166   10.78818  1.000 21.84405  ?  299 SER A CB  1 
ATOM   254 O OG  . SER A 1 34 ? -2.54448  7.41865   9.52958   1.000 23.86188  ?  299 SER A OG  1 
ATOM   255 N N   . VAL A 1 35 ? 0.88732   6.10767   12.17801  1.000 17.39608  ?  300 VAL A N   1 
ATOM   256 C CA  . VAL A 1 35 ? 1.66315   5.87502   13.38885  1.000 17.35311  ?  300 VAL A CA  1 
ATOM   257 C C   . VAL A 1 35 ? 2.50141   7.10786   13.67123  1.000 16.31705  ?  300 VAL A C   1 
ATOM   258 O O   . VAL A 1 35 ? 2.74910   7.92819   12.78781  1.000 19.07881  ?  300 VAL A O   1 
ATOM   259 C CB  . VAL A 1 35 ? 2.57813   4.63519   13.29198  1.000 18.91804  ?  300 VAL A CB  1 
ATOM   260 C CG1 . VAL A 1 35 ? 1.74131   3.37320   13.16188  1.000 20.80710  ?  300 VAL A CG1 1 
ATOM   261 C CG2 . VAL A 1 35 ? 3.54066   4.76420   12.10744  1.000 20.24969  ?  300 VAL A CG2 1 
ATOM   262 N N   . VAL A 1 36 ? 2.93297   7.24062   14.92190  1.000 14.86785  ?  301 VAL A N   1 
ATOM   263 C CA  . VAL A 1 36 ? 3.90730   8.26630   15.27664  1.000 15.60644  ?  301 VAL A CA  1 
ATOM   264 C C   . VAL A 1 36 ? 5.30257   7.72824   15.00840  1.000 17.93286  ?  301 VAL A C   1 
ATOM   265 O O   . VAL A 1 36 ? 5.67598   6.65826   15.50702  1.000 19.40567  ?  301 VAL A O   1 
ATOM   266 C CB  . VAL A 1 36 ? 3.76923   8.68620   16.74634  1.000 16.32705  ?  301 VAL A CB  1 
ATOM   267 C CG1 . VAL A 1 36 ? 4.82945   9.74659   17.07331  1.000 17.29068  ?  301 VAL A CG1 1 
ATOM   268 C CG2 . VAL A 1 36 ? 2.38128   9.23001   17.02247  1.000 18.02375  ?  301 VAL A CG2 1 
ATOM   269 N N   A ARG A 1 37 ? 6.07552   8.46642   14.21791  0.533 17.24213  ?  302 ARG A N   1 
ATOM   270 N N   B ARG A 1 37 ? 6.07562   8.47035   14.21957  0.467 17.84691  ?  302 ARG A N   1 
ATOM   271 C CA  A ARG A 1 37 ? 7.45206   8.09970   13.92712  0.533 19.20007  ?  302 ARG A CA  1 
ATOM   272 C CA  B ARG A 1 37 ? 7.44588   8.10721   13.89232  0.467 20.18529  ?  302 ARG A CA  1 
ATOM   273 C C   A ARG A 1 37 ? 8.25681   9.38108   13.81781  0.533 19.32436  ?  302 ARG A C   1 
ATOM   274 C C   B ARG A 1 37 ? 8.25241   9.39138   13.81742  0.467 19.84143  ?  302 ARG A C   1 
ATOM   275 O O   A ARG A 1 37 ? 7.86442   10.30016  13.09482  0.533 19.64608  ?  302 ARG A O   1 
ATOM   276 O O   B ARG A 1 37 ? 7.85759   10.32581  13.11524  0.467 19.98668  ?  302 ARG A O   1 
ATOM   277 C CB  A ARG A 1 37 ? 7.55075   7.31133   12.61658  0.533 21.68178  ?  302 ARG A CB  1 
ATOM   278 C CB  B ARG A 1 37 ? 7.50926   7.39173   12.53698  0.467 23.35609  ?  302 ARG A CB  1 
ATOM   279 C CG  A ARG A 1 37 ? 8.94399   6.79651   12.30682  0.533 24.20921  ?  302 ARG A CG  1 
ATOM   280 C CG  B ARG A 1 37 ? 7.25873   5.89183   12.59960  0.467 26.23940  ?  302 ARG A CG  1 
ATOM   281 C CD  A ARG A 1 37 ? 8.88496   5.48813   11.53944  0.533 29.07050  ?  302 ARG A CD  1 
ATOM   282 C CD  B ARG A 1 37 ? 8.57165   5.13284   12.66650  0.467 30.48724  ?  302 ARG A CD  1 
ATOM   283 N NE  A ARG A 1 37 ? 10.22203  4.97587   11.24535  0.533 32.75875  ?  302 ARG A NE  1 
ATOM   284 N NE  B ARG A 1 37 ? 8.48121   3.80343   12.07221  0.467 34.11170  ?  302 ARG A NE  1 
ATOM   285 C CZ  A ARG A 1 37 ? 10.91962  5.29513   10.16062  0.533 36.56149  ?  302 ARG A CZ  1 
ATOM   286 C CZ  B ARG A 1 37 ? 9.11722   3.43547   10.96441  0.467 36.02049  ?  302 ARG A CZ  1 
ATOM   287 N NH1 A ARG A 1 37 ? 10.40802  6.12921   9.26452   0.533 38.65029  ?  302 ARG A NH1 1 
ATOM   288 N NH1 B ARG A 1 37 ? 9.89094   4.29978   10.32116  0.467 36.31641  ?  302 ARG A NH1 1 
ATOM   289 N NH2 A ARG A 1 37 ? 12.12860  4.78369   9.97209   0.533 35.48204  ?  302 ARG A NH2 1 
ATOM   290 N NH2 B ARG A 1 37 ? 8.98307   2.20241   10.50020  0.467 37.48042  ?  302 ARG A NH2 1 
ATOM   291 N N   . ASN A 1 38 ? 9.37321   9.43957   14.53780  1.000 19.76272  ?  303 ASN A N   1 
ATOM   292 C CA  . ASN A 1 38 ? 10.27216  10.59139  14.47575  1.000 20.78029  ?  303 ASN A CA  1 
ATOM   293 C C   . ASN A 1 38 ? 9.53488   11.89828  14.76968  1.000 21.43855  ?  303 ASN A C   1 
ATOM   294 O O   . ASN A 1 38 ? 9.73366   12.91084  14.09475  1.000 21.72443  ?  303 ASN A O   1 
ATOM   295 C CB  . ASN A 1 38 ? 11.00029  10.64816  13.13255  1.000 22.54952  ?  303 ASN A CB  1 
ATOM   296 C CG  . ASN A 1 38 ? 11.91025  9.46428   12.92347  1.000 23.56377  ?  303 ASN A CG  1 
ATOM   297 O OD1 . ASN A 1 38 ? 12.60760  9.05122   13.84719  1.000 24.24478  ?  303 ASN A OD1 1 
ATOM   298 N ND2 . ASN A 1 38 ? 11.91583  8.91032   11.70876  1.000 24.22882  ?  303 ASN A ND2 1 
ATOM   299 N N   . GLN A 1 39 ? 8.63742   11.85327  15.76024  1.000 20.01511  ?  304 GLN A N   1 
ATOM   300 C CA  . GLN A 1 39 ? 7.90566   13.01267  16.27214  1.000 21.43436  ?  304 GLN A CA  1 
ATOM   301 C C   . GLN A 1 39 ? 6.91155   13.57306  15.27230  1.000 22.00830  ?  304 GLN A C   1 
ATOM   302 O O   . GLN A 1 39 ? 6.46167   14.71645  15.40983  1.000 24.56651  ?  304 GLN A O   1 
ATOM   303 C CB  . GLN A 1 39 ? 8.83636   14.11630  16.77461  1.000 23.01961  ?  304 GLN A CB  1 
ATOM   304 C CG  . GLN A 1 39 ? 9.76331   13.66323  17.86015  1.000 24.14867  ?  304 GLN A CG  1 
ATOM   305 C CD  . GLN A 1 39 ? 10.50448  14.81965  18.48457  1.000 27.14397  ?  304 GLN A CD  1 
ATOM   306 O OE1 . GLN A 1 39 ? 11.40802  15.40363  17.87376  1.000 30.29981  ?  304 GLN A OE1 1 
ATOM   307 N NE2 . GLN A 1 39 ? 10.10717  15.18059  19.69566  1.000 29.01155  ?  304 GLN A NE2 1 
ATOM   308 N N   . GLN A 1 40 ? 6.55068   12.78003  14.27055  1.000 20.37234  ?  305 GLN A N   1 
ATOM   309 C CA  . GLN A 1 40 ? 5.58866   13.17579  13.25780  1.000 20.10330  ?  305 GLN A CA  1 
ATOM   310 C C   . GLN A 1 40 ? 4.59187   12.04478  13.06462  1.000 17.44510  ?  305 GLN A C   1 
ATOM   311 O O   . GLN A 1 40 ? 4.84358   10.89697  13.43593  1.000 18.91307  ?  305 GLN A O   1 
ATOM   312 C CB  . GLN A 1 40 ? 6.28014   13.40775  11.91221  1.000 23.31735  ?  305 GLN A CB  1 
ATOM   313 C CG  . GLN A 1 40 ? 6.83677   14.79377  11.68090  1.000 52.95136  ?  305 GLN A CG  1 
ATOM   314 C CD  . GLN A 1 40 ? 6.94262   15.10240  10.20088  1.000 102.02706 ?  305 GLN A CD  1 
ATOM   315 O OE1 . GLN A 1 40 ? 7.87645   14.66391  9.53200   1.000 59.84439  ?  305 GLN A OE1 1 
ATOM   316 N NE2 . GLN A 1 40 ? 5.97848   15.85365  9.67957   1.000 134.92077 ?  305 GLN A NE2 1 
ATOM   317 N N   . ILE A 1 41 ? 3.46058   12.37280  12.46281  1.000 17.25261  ?  306 ILE A N   1 
ATOM   318 C CA  . ILE A 1 41 ? 2.50554   11.35723  12.04588  1.000 18.01997  ?  306 ILE A CA  1 
ATOM   319 C C   . ILE A 1 41 ? 2.89084   10.88504  10.65420  1.000 19.21172  ?  306 ILE A C   1 
ATOM   320 O O   . ILE A 1 41 ? 3.09232   11.69792  9.74506   1.000 21.94392  ?  306 ILE A O   1 
ATOM   321 C CB  . ILE A 1 41 ? 1.07020   11.90134  12.06128  1.000 19.29705  ?  306 ILE A CB  1 
ATOM   322 C CG1 . ILE A 1 41 ? 0.74508   12.50957  13.42423  1.000 20.40948  ?  306 ILE A CG1 1 
ATOM   323 C CG2 . ILE A 1 41 ? 0.10084   10.78373  11.72069  1.000 22.22413  ?  306 ILE A CG2 1 
ATOM   324 C CD1 . ILE A 1 41 ? 0.90014   11.52602  14.55401  1.000 21.59319  ?  306 ILE A CD1 1 
ATOM   325 N N   . LEU A 1 42 ? 2.99989   9.57203   10.49057  1.000 18.67411  ?  307 LEU A N   1 
ATOM   326 C CA  . LEU A 1 42 ? 3.32534   8.95547   9.21428   1.000 18.12482  ?  307 LEU A CA  1 
ATOM   327 C C   . LEU A 1 42 ? 2.13321   8.11614   8.77540   1.000 17.08034  ?  307 LEU A C   1 
ATOM   328 O O   . LEU A 1 42 ? 1.69955   7.21733   9.50252   1.000 18.50333  ?  307 LEU A O   1 
ATOM   329 C CB  . LEU A 1 42 ? 4.56728   8.07923   9.37052   1.000 20.61949  ?  307 LEU A CB  1 
ATOM   330 C CG  . LEU A 1 42 ? 5.10244   7.40402   8.11634   1.000 22.97250  ?  307 LEU A CG  1 
ATOM   331 C CD1 . LEU A 1 42 ? 5.71405   8.45201   7.20260   1.000 24.05841  ?  307 LEU A CD1 1 
ATOM   332 C CD2 . LEU A 1 42 ? 6.13719   6.35122   8.50945   1.000 24.65449  ?  307 LEU A CD2 1 
ATOM   333 N N   . HIS A 1 43 ? 1.59602   8.42115   7.60223   1.000 17.41036  ?  308 HIS A N   1 
ATOM   334 C CA  . HIS A 1 43 ? 0.42047   7.73802   7.05985   1.000 15.91129  ?  308 HIS A CA  1 
ATOM   335 C C   . HIS A 1 43 ? 0.88140   6.71033   6.03123   1.000 15.77590  ?  308 HIS A C   1 
ATOM   336 O O   . HIS A 1 43 ? 1.28736   7.07207   4.92432   1.000 17.59608  ?  308 HIS A O   1 
ATOM   337 C CB  . HIS A 1 43 ? -0.50668  8.75987   6.41555   1.000 17.51767  ?  308 HIS A CB  1 
ATOM   338 C CG  . HIS A 1 43 ? -0.87189  9.88627   7.32265   1.000 20.11221  ?  308 HIS A CG  1 
ATOM   339 N ND1 . HIS A 1 43 ? -1.82669  9.75971   8.30826   1.000 21.24202  ?  308 HIS A ND1 1 
ATOM   340 C CD2 . HIS A 1 43 ? -0.39681  11.15073  7.41525   1.000 22.81124  ?  308 HIS A CD2 1 
ATOM   341 C CE1 . HIS A 1 43 ? -1.93492  10.90320  8.95992   1.000 23.20645  ?  308 HIS A CE1 1 
ATOM   342 N NE2 . HIS A 1 43 ? -1.07916  11.76367  8.43891   1.000 23.80886  ?  308 HIS A NE2 1 
ATOM   343 N N   A ARG A 1 44 ? 0.77383   5.42656   6.37430   0.662 14.10877  ?  309 ARG A N   1 
ATOM   344 N N   B ARG A 1 44 ? 0.85221   5.44025   6.41463   0.338 15.21963  ?  309 ARG A N   1 
ATOM   345 C CA  A ARG A 1 44 ? 1.27644   4.34454   5.53197   0.662 14.64494  ?  309 ARG A CA  1 
ATOM   346 C CA  B ARG A 1 44 ? 1.24412   4.36646   5.52048   0.338 14.42389  ?  309 ARG A CA  1 
ATOM   347 C C   A ARG A 1 44 ? 0.13453   3.72814   4.73571   0.662 14.19376  ?  309 ARG A C   1 
ATOM   348 C C   B ARG A 1 44 ? 0.04347   3.93938   4.70005   0.338 14.43861  ?  309 ARG A C   1 
ATOM   349 O O   A ARG A 1 44 ? -0.83626  3.24000   5.32055   0.662 14.73734  ?  309 ARG A O   1 
ATOM   350 O O   B ARG A 1 44 ? -1.06250  3.79910   5.22521   0.338 15.68019  ?  309 ARG A O   1 
ATOM   351 C CB  A ARG A 1 44 ? 1.97202   3.28802   6.39272   0.662 15.63299  ?  309 ARG A CB  1 
ATOM   352 C CB  B ARG A 1 44 ? 1.75198   3.17005   6.32127   0.338 13.89830  ?  309 ARG A CB  1 
ATOM   353 C CG  A ARG A 1 44 ? 3.00128   3.92236   7.32922   0.662 17.57499  ?  309 ARG A CG  1 
ATOM   354 C CG  B ARG A 1 44 ? 3.09361   3.41064   6.96449   0.338 15.51751  ?  309 ARG A CG  1 
ATOM   355 C CD  A ARG A 1 44 ? 3.55025   2.98728   8.38590   0.662 20.66765  ?  309 ARG A CD  1 
ATOM   356 C CD  B ARG A 1 44 ? 3.25911   2.57550   8.20771   0.338 19.54862  ?  309 ARG A CD  1 
ATOM   357 N NE  A ARG A 1 44 ? 2.52078   2.39225   9.23127   0.662 18.06304  ?  309 ARG A NE  1 
ATOM   358 N NE  B ARG A 1 44 ? 4.66172   2.24327   8.40204   0.338 23.38859  ?  309 ARG A NE  1 
ATOM   359 C CZ  A ARG A 1 44 ? 2.78262   1.47299   10.15287  0.662 17.80362  ?  309 ARG A CZ  1 
ATOM   360 C CZ  B ARG A 1 44 ? 5.15549   1.66407   9.48776   0.338 25.09395  ?  309 ARG A CZ  1 
ATOM   361 N NH1 A ARG A 1 44 ? 4.03356   1.09007   10.34926  0.662 21.30711  ?  309 ARG A NH1 1 
ATOM   362 N NH1 B ARG A 1 44 ? 4.35923   1.35300   10.49943  0.338 25.09963  ?  309 ARG A NH1 1 
ATOM   363 N NH2 A ARG A 1 44 ? 1.80908   0.93217   10.86522  0.662 18.82587  ?  309 ARG A NH2 1 
ATOM   364 N NH2 B ARG A 1 44 ? 6.45083   1.39711   9.55532   0.338 25.23570  ?  309 ARG A NH2 1 
ATOM   365 N N   . VAL A 1 45 ? 0.26224   3.73249   3.41042   1.000 13.33744  ?  310 VAL A N   1 
ATOM   366 C CA  . VAL A 1 45 ? -0.78508  3.24157   2.52822   1.000 12.57261  ?  310 VAL A CA  1 
ATOM   367 C C   . VAL A 1 45 ? -0.50488  1.77556   2.23340   1.000 11.91713  ?  310 VAL A C   1 
ATOM   368 O O   . VAL A 1 45 ? 0.54211   1.43827   1.66803   1.000 12.50864  ?  310 VAL A O   1 
ATOM   369 C CB  . VAL A 1 45 ? -0.88170  4.07666   1.24453   1.000 13.71986  ?  310 VAL A CB  1 
ATOM   370 C CG1 . VAL A 1 45 ? -2.02170  3.55161   0.37404   1.000 15.65978  ?  310 VAL A CG1 1 
ATOM   371 C CG2 . VAL A 1 45 ? -1.07973  5.55582   1.60795   1.000 15.35488  ?  310 VAL A CG2 1 
ATOM   372 N N   . ARG A 1 46 ? -1.42097  0.90462   2.64321   1.000 11.13556  ?  311 ARG A N   1 
ATOM   373 C CA  . ARG A 1 46 ? -1.21258  -0.53512  2.60402   1.000 11.72334  ?  311 ARG A CA  1 
ATOM   374 C C   . ARG A 1 46 ? -2.38105  -1.24456  1.94279   1.000 12.47676  ?  311 ARG A C   1 
ATOM   375 O O   . ARG A 1 46 ? -3.47439  -0.69316  1.78998   1.000 13.25518  ?  311 ARG A O   1 
ATOM   376 C CB  . ARG A 1 46 ? -1.00465  -1.10390  4.01027   1.000 12.33955  ?  311 ARG A CB  1 
ATOM   377 C CG  . ARG A 1 46 ? 0.30695   -0.64018  4.60738   1.000 12.97941  ?  311 ARG A CG  1 
ATOM   378 C CD  . ARG A 1 46 ? 0.52610   -1.11211  6.02631   1.000 14.18948  ?  311 ARG A CD  1 
ATOM   379 N NE  . ARG A 1 46 ? 1.88868   -0.79675  6.45213   1.000 13.84263  ?  311 ARG A NE  1 
ATOM   380 C CZ  . ARG A 1 46 ? 2.46448   -1.27200  7.54317   1.000 17.20694  ?  311 ARG A CZ  1 
ATOM   381 N NH1 . ARG A 1 46 ? 1.78132   -2.04288  8.38137   1.000 19.52817  ?  311 ARG A NH1 1 
ATOM   382 N NH2 . ARG A 1 46 ? 3.72831   -0.95193  7.80709   1.000 19.62322  ?  311 ARG A NH2 1 
ATOM   383 N N   . LEU A 1 47 ? -2.14969  -2.49613  1.56346   1.000 12.44813  ?  312 LEU A N   1 
ATOM   384 C CA  . LEU A 1 47 ? -3.27433  -3.28427  1.08776   1.000 14.08863  ?  312 LEU A CA  1 
ATOM   385 C C   . LEU A 1 47 ? -3.11826  -4.74144  1.48293   1.000 12.54273  ?  312 LEU A C   1 
ATOM   386 O O   . LEU A 1 47 ? -2.00663  -5.23404  1.69203   1.000 13.35293  ?  312 LEU A O   1 
ATOM   387 C CB  . LEU A 1 47 ? -3.55488  -3.09373  -0.39313  1.000 19.79256  ?  312 LEU A CB  1 
ATOM   388 C CG  . LEU A 1 47 ? -2.39086  -3.48114  -1.26195  1.000 18.89619  ?  312 LEU A CG  1 
ATOM   389 C CD1 . LEU A 1 47 ? -2.66764  -4.79888  -1.94674  1.000 23.92327  ?  312 LEU A CD1 1 
ATOM   390 C CD2 . LEU A 1 47 ? -2.13149  -2.36972  -2.26417  1.000 26.15617  ?  312 LEU A CD2 1 
ATOM   391 N N   . GLY A 1 48 ? -4.25564  -5.41322  1.61196   1.000 13.12780  ?  313 GLY A N   1 
ATOM   392 C CA  . GLY A 1 48 ? -4.27307  -6.77274  2.08052   1.000 13.92771  ?  313 GLY A CA  1 
ATOM   393 C C   . GLY A 1 48 ? -5.43749  -6.99350  3.01475   1.000 15.39517  ?  313 GLY A C   1 
ATOM   394 O O   . GLY A 1 48 ? -6.15978  -6.05309  3.35488   1.000 17.62074  ?  313 GLY A O   1 
ATOM   395 N N   . PRO A 1 49 ? -5.61273  -8.23093  3.49679   1.000 14.94674  ?  314 PRO A N   1 
ATOM   396 C CA  . PRO A 1 49 ? -4.68331  -9.34823  3.30356   1.000 14.63758  ?  314 PRO A CA  1 
ATOM   397 C C   . PRO A 1 49 ? -4.85194  -10.02183 1.94648   1.000 15.05232  ?  314 PRO A C   1 
ATOM   398 O O   . PRO A 1 49 ? -5.97906  -10.29711 1.50694   1.000 17.49790  ?  314 PRO A O   1 
ATOM   399 C CB  . PRO A 1 49 ? -5.09421  -10.32719 4.40011   1.000 15.05067  ?  314 PRO A CB  1 
ATOM   400 C CG  . PRO A 1 49 ? -6.55315  -10.04207 4.63985   1.000 16.51688  ?  314 PRO A CG  1 
ATOM   401 C CD  . PRO A 1 49 ? -6.72208  -8.56957  4.41060   1.000 16.18799  ?  314 PRO A CD  1 
ATOM   402 N N   . ILE A 1 50 ? -3.73093  -10.30802 1.30721   1.000 14.01196  ?  315 ILE A N   1 
ATOM   403 C CA  . ILE A 1 50 ? -3.70611  -11.02481 0.03676   1.000 14.45731  ?  315 ILE A CA  1 
ATOM   404 C C   . ILE A 1 50 ? -3.51671  -12.51236 0.30201   1.000 14.61217  ?  315 ILE A C   1 
ATOM   405 O O   . ILE A 1 50 ? -2.70791  -12.91002 1.14770   1.000 15.15612  ?  315 ILE A O   1 
ATOM   406 C CB  . ILE A 1 50 ? -2.60516  -10.44312 -0.86677  1.000 15.22768  ?  315 ILE A CB  1 
ATOM   407 C CG1 . ILE A 1 50 ? -2.90690  -8.96189  -1.13410  1.000 18.93062  ?  315 ILE A CG1 1 
ATOM   408 C CG2 . ILE A 1 50 ? -2.47226  -11.23513 -2.14527  1.000 15.48813  ?  315 ILE A CG2 1 
ATOM   409 C CD1 . ILE A 1 50 ? -1.82790  -8.21452  -1.87947  1.000 22.80675  ?  315 ILE A CD1 1 
ATOM   410 N N   . GLY A 1 51 ? -4.27744  -13.34926 -0.41202  1.000 13.92751  ?  316 GLY A N   1 
ATOM   411 C CA  . GLY A 1 51 ? -4.34668  -14.75414 -0.04759  1.000 14.75342  ?  316 GLY A CA  1 
ATOM   412 C C   . GLY A 1 51 ? -3.22876  -15.64975 -0.54512  1.000 15.71030  ?  316 GLY A C   1 
ATOM   413 O O   . GLY A 1 51 ? -3.16824  -16.80905 -0.11989  1.000 17.20508  ?  316 GLY A O   1 
ATOM   414 N N   . SER A 1 52 ? -2.35960  -15.17590 -1.43203  1.000 14.47448  ?  317 SER A N   1 
ATOM   415 C CA  . SER A 1 52 ? -1.32149  -16.05705 -1.95865  1.000 14.74939  ?  317 SER A CA  1 
ATOM   416 C C   . SER A 1 52 ? -0.13954  -15.23284 -2.43263  1.000 13.67897  ?  317 SER A C   1 
ATOM   417 O O   . SER A 1 52 ? -0.28791  -14.07063 -2.82642  1.000 13.51059  ?  317 SER A O   1 
ATOM   418 C CB  . SER A 1 52 ? -1.81084  -16.91507 -3.13065  1.000 15.94173  ?  317 SER A CB  1 
ATOM   419 O OG  . SER A 1 52 ? -2.07606  -16.11801 -4.27296  1.000 15.76343  ?  317 SER A OG  1 
ATOM   420 N N   . ALA A 1 53 ? 1.03245   -15.87478 -2.44381  1.000 14.93116  ?  318 ALA A N   1 
ATOM   421 C CA  . ALA A 1 53 ? 2.23154   -15.22031 -2.95013  1.000 15.96643  ?  318 ALA A CA  1 
ATOM   422 C C   . ALA A 1 53 ? 2.07162   -14.83869 -4.41751  1.000 15.44305  ?  318 ALA A C   1 
ATOM   423 O O   . ALA A 1 53 ? 2.48500   -13.75194 -4.83167  1.000 15.37710  ?  318 ALA A O   1 
ATOM   424 C CB  . ALA A 1 53 ? 3.44857   -16.12760 -2.74543  1.000 17.69927  ?  318 ALA A CB  1 
ATOM   425 N N   . ASP A 1 54 ? 1.45433   -15.70732 -5.22220  1.000 15.59440  ?  319 ASP A N   1 
ATOM   426 C CA  . ASP A 1 54 ? 1.29037   -15.37384 -6.63424  1.000 17.43561  ?  319 ASP A CA  1 
ATOM   427 C C   . ASP A 1 54 ? 0.41242   -14.14634 -6.82199  1.000 15.18430  ?  319 ASP A C   1 
ATOM   428 O O   . ASP A 1 54 ? 0.68692   -13.30350 -7.68578  1.000 15.38637  ?  319 ASP A O   1 
ATOM   429 C CB  . ASP A 1 54 ? 0.70632   -16.55400 -7.39105  1.000 20.80148  ?  319 ASP A CB  1 
ATOM   430 C CG  . ASP A 1 54 ? 1.74653   -17.59056 -7.72977  1.000 28.97871  ?  319 ASP A CG  1 
ATOM   431 O OD1 . ASP A 1 54 ? 2.94915   -17.31107 -7.53688  1.000 32.38905  ?  319 ASP A OD1 1 
ATOM   432 O OD2 . ASP A 1 54 ? 1.35189   -18.67344 -8.18092  1.000 34.31567  -1 319 ASP A OD2 1 
ATOM   433 N N   . GLU A 1 55 ? -0.65697  -14.02527 -6.03165  1.000 13.63205  ?  320 GLU A N   1 
ATOM   434 C CA  . GLU A 1 55 ? -1.44696  -12.80989 -6.13613  1.000 12.49386  ?  320 GLU A CA  1 
ATOM   435 C C   . GLU A 1 55 ? -0.65163  -11.59025 -5.67900  1.000 12.24101  ?  320 GLU A C   1 
ATOM   436 O O   . GLU A 1 55 ? -0.79504  -10.51118 -6.26602  1.000 12.72211  ?  320 GLU A O   1 
ATOM   437 C CB  . GLU A 1 55 ? -2.75214  -12.92179 -5.35638  1.000 13.30800  ?  320 GLU A CB  1 
ATOM   438 C CG  . GLU A 1 55 ? -3.58520  -11.67460 -5.54973  1.000 13.74249  ?  320 GLU A CG  1 
ATOM   439 C CD  . GLU A 1 55 ? -4.95714  -11.69005 -4.89271  1.000 15.37315  ?  320 GLU A CD  1 
ATOM   440 O OE1 . GLU A 1 55 ? -5.42758  -12.77132 -4.45254  1.000 16.03154  ?  320 GLU A OE1 1 
ATOM   441 O OE2 . GLU A 1 55 ? -5.55792  -10.59094 -4.80360  1.000 16.25313  -1 320 GLU A OE2 1 
ATOM   442 N N   . VAL A 1 56 ? 0.21193   -11.73007 -4.66332  1.000 12.33995  ?  321 VAL A N   1 
ATOM   443 C CA  . VAL A 1 56 ? 1.06510   -10.60254 -4.28916  1.000 11.92819  ?  321 VAL A CA  1 
ATOM   444 C C   . VAL A 1 56 ? 1.89397   -10.14908 -5.48815  1.000 13.14255  ?  321 VAL A C   1 
ATOM   445 O O   . VAL A 1 56 ? 1.96629   -8.95319  -5.80145  1.000 13.36691  ?  321 VAL A O   1 
ATOM   446 C CB  . VAL A 1 56 ? 1.96658   -10.95404 -3.08728  1.000 11.95885  ?  321 VAL A CB  1 
ATOM   447 C CG1 . VAL A 1 56 ? 3.02776   -9.87255  -2.89517  1.000 13.31365  ?  321 VAL A CG1 1 
ATOM   448 C CG2 . VAL A 1 56 ? 1.14603   -11.12076 -1.83180  1.000 13.07140  ?  321 VAL A CG2 1 
ATOM   449 N N   . SER A 1 57 ? 2.52622   -11.10228 -6.18402  1.000 13.20926  ?  322 SER A N   1 
ATOM   450 C CA  A SER A 1 57 ? 3.38464   -10.74076 -7.30675  0.509 13.52725  ?  322 SER A CA  1 
ATOM   451 C CA  B SER A 1 57 ? 3.38543   -10.73903 -7.30644  0.165 14.06872  ?  322 SER A CA  1 
ATOM   452 C CA  C SER A 1 57 ? 3.37533   -10.77535 -7.33222  0.325 14.19553  ?  322 SER A CA  1 
ATOM   453 C C   . SER A 1 57 ? 2.59959   -10.01386 -8.39643  1.000 13.60660  ?  322 SER A C   1 
ATOM   454 O O   . SER A 1 57 ? 3.05144   -8.98541  -8.91789  1.000 13.71178  ?  322 SER A O   1 
ATOM   455 C CB  A SER A 1 57 ? 4.08851   -11.98298 -7.85640  0.509 16.52240  ?  322 SER A CB  1 
ATOM   456 C CB  B SER A 1 57 ? 4.10329   -11.97487 -7.85517  0.165 15.91376  ?  322 SER A CB  1 
ATOM   457 C CB  C SER A 1 57 ? 3.89788   -12.06920 -7.95060  0.325 17.20224  ?  322 SER A CB  1 
ATOM   458 O OG  A SER A 1 57 ? 5.03847   -11.61937 -8.83733  0.509 18.31174  ?  322 SER A OG  1 
ATOM   459 O OG  B SER A 1 57 ? 3.18515   -12.90227 -8.40259  0.165 16.78964  ?  322 SER A OG  1 
ATOM   460 O OG  C SER A 1 57 ? 5.04357   -12.51382 -7.27899  0.325 19.08645  ?  322 SER A OG  1 
ATOM   461 N N   . ARG A 1 58 ? 1.42693   -10.53103 -8.75310  1.000 12.72904  ?  323 ARG A N   1 
ATOM   462 C CA  . ARG A 1 58 ? 0.63902   -9.88308  -9.79681  1.000 12.94995  ?  323 ARG A CA  1 
ATOM   463 C C   . ARG A 1 58 ? 0.10886   -8.53004  -9.34055  1.000 12.15951  ?  323 ARG A C   1 
ATOM   464 O O   . ARG A 1 58 ? -0.02344  -7.61310  -10.15945 1.000 14.28035  ?  323 ARG A O   1 
ATOM   465 C CB  . ARG A 1 58 ? -0.49453  -10.80420 -10.24974 1.000 15.76607  ?  323 ARG A CB  1 
ATOM   466 C CG  . ARG A 1 58 ? 0.03725   -11.95311 -11.09064 1.000 19.45193  ?  323 ARG A CG  1 
ATOM   467 C CD  . ARG A 1 58 ? -1.07385  -12.78544 -11.70446 1.000 22.74976  ?  323 ARG A CD  1 
ATOM   468 N NE  . ARG A 1 58 ? -1.73215  -13.58254 -10.68140 1.000 25.61009  ?  323 ARG A NE  1 
ATOM   469 C CZ  . ARG A 1 58 ? -1.41229  -14.83838 -10.38948 1.000 25.72139  ?  323 ARG A CZ  1 
ATOM   470 N NH1 . ARG A 1 58 ? -2.06902  -15.47413 -9.43337  1.000 25.30401  ?  323 ARG A NH1 1 
ATOM   471 N NH2 . ARG A 1 58 ? -0.43418  -15.45613 -11.04807 1.000 26.94883  ?  323 ARG A NH2 1 
ATOM   472 N N   . THR A 1 59 ? -0.17728  -8.37791  -8.04258  1.000 12.56306  ?  324 THR A N   1 
ATOM   473 C CA  . THR A 1 59 ? -0.62163  -7.09107  -7.53035  1.000 12.01812  ?  324 THR A CA  1 
ATOM   474 C C   . THR A 1 59 ? 0.52023   -6.07925  -7.57115  1.000 12.16988  ?  324 THR A C   1 
ATOM   475 O O   . THR A 1 59 ? 0.32273   -4.91833  -7.96151  1.000 13.34441  ?  324 THR A O   1 
ATOM   476 C CB  . THR A 1 59 ? -1.15916  -7.26623  -6.10654  1.000 12.25182  ?  324 THR A CB  1 
ATOM   477 O OG1 . THR A 1 59 ? -2.24091  -8.20451  -6.11901  1.000 14.36971  ?  324 THR A OG1 1 
ATOM   478 C CG2 . THR A 1 59 ? -1.70436  -5.94921  -5.57319  1.000 13.16204  ?  324 THR A CG2 1 
ATOM   479 N N   . GLN A 1 60 ? 1.73393   -6.50453  -7.19839  1.000 12.00943  ?  325 GLN A N   1 
ATOM   480 C CA  . GLN A 1 60 ? 2.90170   -5.64331  -7.34930  1.000 12.94958  ?  325 GLN A CA  1 
ATOM   481 C C   . GLN A 1 60 ? 3.04535   -5.18331  -8.79483  1.000 13.75285  ?  325 GLN A C   1 
ATOM   482 O O   . GLN A 1 60 ? 3.27209   -3.99571  -9.06813  1.000 14.15616  ?  325 GLN A O   1 
ATOM   483 C CB  . GLN A 1 60 ? 4.15843   -6.38929  -6.89240  1.000 13.59699  ?  325 GLN A CB  1 
ATOM   484 C CG  . GLN A 1 60 ? 4.21346   -6.57807  -5.38421  1.000 14.74482  ?  325 GLN A CG  1 
ATOM   485 C CD  . GLN A 1 60 ? 5.38908   -7.41759  -4.92338  1.000 16.03191  ?  325 GLN A CD  1 
ATOM   486 O OE1 . GLN A 1 60 ? 5.58086   -8.53386  -5.38209  1.000 19.21016  ?  325 GLN A OE1 1 
ATOM   487 N NE2 . GLN A 1 60 ? 6.18113   -6.87817  -4.01265  1.000 19.54998  ?  325 GLN A NE2 1 
ATOM   488 N N   . ASP A 1 61 ? 2.91570   -6.11682  -9.74119  1.000 13.13590  ?  326 ASP A N   1 
ATOM   489 C CA  . ASP A 1 61 ? 3.00681   -5.75951  -11.15591 1.000 14.46210  ?  326 ASP A CA  1 
ATOM   490 C C   . ASP A 1 61 ? 1.96575   -4.70706  -11.53188 1.000 14.41281  ?  326 ASP A C   1 
ATOM   491 O O   . ASP A 1 61 ? 2.28392   -3.72962  -12.22043 1.000 15.78109  ?  326 ASP A O   1 
ATOM   492 C CB  . ASP A 1 61 ? 2.82623   -6.99534  -12.04302 1.000 15.43854  ?  326 ASP A CB  1 
ATOM   493 C CG  . ASP A 1 61 ? 3.94000   -8.01049  -11.89989 1.000 19.01892  ?  326 ASP A CG  1 
ATOM   494 O OD1 . ASP A 1 61 ? 4.98997   -7.69982  -11.29702 1.000 20.00876  ?  326 ASP A OD1 1 
ATOM   495 O OD2 . ASP A 1 61 ? 3.73760   -9.15150  -12.38609 1.000 22.56048  -1 326 ASP A OD2 1 
ATOM   496 N N   . SER A 1 62 ? 0.70580   -4.89503  -11.10655 1.000 13.43824  ?  327 SER A N   1 
ATOM   497 C CA  A SER A 1 62 ? -0.34718  -3.95260  -11.47405 0.704 15.73986  ?  327 SER A CA  1 
ATOM   498 C CA  B SER A 1 62 ? -0.33949  -3.95076  -11.48707 0.296 14.68155  ?  327 SER A CA  1 
ATOM   499 C C   . SER A 1 62 ? -0.07342  -2.56511  -10.90735 1.000 14.90689  ?  327 SER A C   1 
ATOM   500 O O   . SER A 1 62 ? -0.36170  -1.54750  -11.55361 1.000 16.45289  ?  327 SER A O   1 
ATOM   501 C CB  A SER A 1 62 ? -1.69322  -4.46376  -10.97387 0.704 17.84163  ?  327 SER A CB  1 
ATOM   502 C CB  B SER A 1 62 ? -1.70561  -4.47012  -11.04422 0.296 14.95018  ?  327 SER A CB  1 
ATOM   503 O OG  A SER A 1 62 ? -2.02011  -5.67924  -11.60626 0.704 21.29994  ?  327 SER A OG  1 
ATOM   504 O OG  B SER A 1 62 ? -1.77076  -4.57326  -9.63618  0.296 16.18660  ?  327 SER A OG  1 
ATOM   505 N N   . ILE A 1 63 ? 0.47222   -2.50580  -9.69610  1.000 13.68381  ?  328 ILE A N   1 
ATOM   506 C CA  . ILE A 1 63 ? 0.77432   -1.21710  -9.08757  1.000 14.11364  ?  328 ILE A CA  1 
ATOM   507 C C   . ILE A 1 63 ? 1.89172   -0.52259  -9.85209  1.000 14.55159  ?  328 ILE A C   1 
ATOM   508 O O   . ILE A 1 63 ? 1.85137   0.69562   -10.06936 1.000 15.56227  ?  328 ILE A O   1 
ATOM   509 C CB  . ILE A 1 63 ? 1.10577   -1.40825  -7.59807  1.000 14.11210  ?  328 ILE A CB  1 
ATOM   510 C CG1 . ILE A 1 63 ? -0.15468  -1.83182  -6.83747  1.000 14.11003  ?  328 ILE A CG1 1 
ATOM   511 C CG2 . ILE A 1 63 ? 1.71791   -0.13980  -7.01704  1.000 16.05158  ?  328 ILE A CG2 1 
ATOM   512 C CD1 . ILE A 1 63 ? 0.13050   -2.44751  -5.48694  1.000 16.29544  ?  328 ILE A CD1 1 
ATOM   513 N N   . ARG A 1 64 ? 2.89441   -1.28709  -10.29960 1.000 14.15136  ?  329 ARG A N   1 
ATOM   514 C CA  . ARG A 1 64 ? 3.95908   -0.69215  -11.10043 1.000 16.41486  ?  329 ARG A CA  1 
ATOM   515 C C   . ARG A 1 64 ? 3.45167   -0.22561  -12.46375 1.000 16.54257  ?  329 ARG A C   1 
ATOM   516 O O   . ARG A 1 64 ? 3.86483   0.83334   -12.94851 1.000 16.93423  ?  329 ARG A O   1 
ATOM   517 C CB  . ARG A 1 64 ? 5.13568   -1.65920  -11.24559 1.000 16.21308  ?  329 ARG A CB  1 
ATOM   518 C CG  . ARG A 1 64 ? 5.89774   -1.89619  -9.93921  1.000 17.11143  ?  329 ARG A CG  1 
ATOM   519 C CD  . ARG A 1 64 ? 7.33592   -2.36625  -10.21218 1.000 20.80980  ?  329 ARG A CD  1 
ATOM   520 N NE  . ARG A 1 64 ? 8.14380   -2.32915  -8.99305  1.000 25.24922  ?  329 ARG A NE  1 
ATOM   521 C CZ  . ARG A 1 64 ? 8.23979   -3.33807  -8.13634  1.000 28.02401  ?  329 ARG A CZ  1 
ATOM   522 N NH1 . ARG A 1 64 ? 7.58298   -4.47199  -8.36542  1.000 28.53261  ?  329 ARG A NH1 1 
ATOM   523 N NH2 . ARG A 1 64 ? 8.98708   -3.21350  -7.04822  1.000 30.33239  ?  329 ARG A NH2 1 
ATOM   524 N N   . VAL A 1 65 ? 2.57009   -1.00538  -13.10375 1.000 16.06178  ?  330 VAL A N   1 
ATOM   525 C CA  . VAL A 1 65 ? 1.99310   -0.59169  -14.38260 1.000 16.12016  ?  330 VAL A CA  1 
ATOM   526 C C   . VAL A 1 65 ? 1.28383   0.74401   -14.24037 1.000 17.11870  ?  330 VAL A C   1 
ATOM   527 O O   . VAL A 1 65 ? 1.38247   1.61314   -15.11802 1.000 18.85154  ?  330 VAL A O   1 
ATOM   528 C CB  . VAL A 1 65 ? 1.05439   -1.67914  -14.93859 1.000 17.58051  ?  330 VAL A CB  1 
ATOM   529 C CG1 . VAL A 1 65 ? 0.25346   -1.14899  -16.11543 1.000 18.82379  ?  330 VAL A CG1 1 
ATOM   530 C CG2 . VAL A 1 65 ? 1.85095   -2.87232  -15.37484 1.000 18.06227  ?  330 VAL A CG2 1 
ATOM   531 N N   . ALA A 1 66 ? 0.57076   0.93326   -13.12408 1.000 16.85706  ?  331 ALA A N   1 
ATOM   532 C CA  . ALA A 1 66 ? -0.15157  2.16233   -12.82665 1.000 19.06287  ?  331 ALA A CA  1 
ATOM   533 C C   . ALA A 1 66 ? 0.76549   3.28658   -12.36844 1.000 18.90014  ?  331 ALA A C   1 
ATOM   534 O O   . ALA A 1 66 ? 0.28566   4.40495   -12.16241 1.000 20.31972  ?  331 ALA A O   1 
ATOM   535 C CB  . ALA A 1 66 ? -1.22298  1.89820   -11.76498 1.000 19.55128  ?  331 ALA A CB  1 
ATOM   536 N N   . ASN A 1 67 ? 2.06375   3.01724   -12.20944 1.000 18.88663  ?  332 ASN A N   1 
ATOM   537 C CA  . ASN A 1 67 ? 3.04825   4.02929   -11.83105 1.000 20.63506  ?  332 ASN A CA  1 
ATOM   538 C C   . ASN A 1 67 ? 2.71637   4.65715   -10.48045 1.000 19.83659  ?  332 ASN A C   1 
ATOM   539 O O   . ASN A 1 67 ? 2.88276   5.85733   -10.27986 1.000 22.40804  ?  332 ASN A O   1 
ATOM   540 C CB  . ASN A 1 67 ? 3.21884   5.08618   -12.92583 1.000 24.26220  ?  332 ASN A CB  1 
ATOM   541 C CG  . ASN A 1 67 ? 4.49376   5.88747   -12.77266 1.000 28.74065  ?  332 ASN A CG  1 
ATOM   542 O OD1 . ASN A 1 67 ? 5.45471   5.43291   -12.15774 1.000 31.21981  ?  332 ASN A OD1 1 
ATOM   543 N ND2 . ASN A 1 67 ? 4.50556   7.09308   -13.32994 1.000 31.40372  ?  332 ASN A ND2 1 
ATOM   544 N N   . LEU A 1 68 ? 2.26007   3.83188   -9.53827  1.000 19.99539  ?  333 LEU A N   1 
ATOM   545 C CA  . LEU A 1 68 ? 1.77698   4.32688   -8.25707  1.000 21.43896  ?  333 LEU A CA  1 
ATOM   546 C C   . LEU A 1 68 ? 2.79801   4.22778   -7.12699  1.000 25.44048  ?  333 LEU A C   1 
ATOM   547 O O   . LEU A 1 68 ? 2.55182   4.77372   -6.04488  1.000 27.55896  ?  333 LEU A O   1 
ATOM   548 C CB  . LEU A 1 68 ? 0.48125   3.61377   -7.85923  1.000 20.88988  ?  333 LEU A CB  1 
ATOM   549 C CG  . LEU A 1 68 ? -0.72124  4.02961   -8.69918  1.000 20.39597  ?  333 LEU A CG  1 
ATOM   550 C CD1 . LEU A 1 68 ? -1.94232  3.22042   -8.29584  1.000 21.84820  ?  333 LEU A CD1 1 
ATOM   551 C CD2 . LEU A 1 68 ? -0.98008  5.52996   -8.55549  1.000 22.47156  ?  333 LEU A CD2 1 
ATOM   552 N N   . GLY A 1 69 ? 3.93015   3.57343   -7.34184  1.000 24.85543  ?  334 GLY A N   1 
ATOM   553 C CA  . GLY A 1 69 ? 4.94836   3.48046   -6.32144  1.000 24.06623  ?  334 GLY A CA  1 
ATOM   554 C C   . GLY A 1 69 ? 5.64307   2.13941   -6.37016  1.000 22.45238  ?  334 GLY A C   1 
ATOM   555 O O   . GLY A 1 69 ? 5.46406   1.35554   -7.30001  1.000 25.56102  ?  334 GLY A O   1 
ATOM   556 N N   . GLN A 1 70 ? 6.45304   1.87797   -5.34520  1.000 21.60938  ?  335 GLN A N   1 
ATOM   557 C CA  . GLN A 1 70 ? 7.22259   0.64155   -5.25173  1.000 21.81642  ?  335 GLN A CA  1 
ATOM   558 C C   . GLN A 1 70 ? 6.56267   -0.24991  -4.21268  1.000 21.62943  ?  335 GLN A C   1 
ATOM   559 O O   . GLN A 1 70 ? 6.80913   -0.09088  -3.00827  1.000 25.51824  ?  335 GLN A O   1 
ATOM   560 C CB  . GLN A 1 70 ? 8.66898   0.94578   -4.84934  1.000 24.45823  ?  335 GLN A CB  1 
ATOM   561 C CG  . GLN A 1 70 ? 9.48690   1.70358   -5.89306  1.000 28.35088  ?  335 GLN A CG  1 
ATOM   562 C CD  . GLN A 1 70 ? 9.64667   0.95425   -7.20956  1.000 31.96433  ?  335 GLN A CD  1 
ATOM   563 O OE1 . GLN A 1 70 ? 9.50201   -0.26747  -7.27423  1.000 32.42947  ?  335 GLN A OE1 1 
ATOM   564 N NE2 . GLN A 1 70 ? 9.94773   1.69239   -8.26791  1.000 34.25424  ?  335 GLN A NE2 1 
ATOM   565 N N   . PRO A 1 71 ? 5.71618   -1.19123  -4.61816  1.000 17.72457  ?  336 PRO A N   1 
ATOM   566 C CA  . PRO A 1 71 ? 4.93397   -1.98063  -3.65246  1.000 17.82045  ?  336 PRO A CA  1 
ATOM   567 C C   . PRO A 1 71 ? 5.81588   -3.01429  -2.96364  1.000 17.56817  ?  336 PRO A C   1 
ATOM   568 O O   . PRO A 1 71 ? 6.39677   -3.88251  -3.61539  1.000 20.43537  ?  336 PRO A O   1 
ATOM   569 C CB  . PRO A 1 71 ? 3.87173   -2.64284  -4.53436  1.000 19.56994  ?  336 PRO A CB  1 
ATOM   570 C CG  . PRO A 1 71 ? 4.55054   -2.77112  -5.87928  1.000 21.86423  ?  336 PRO A CG  1 
ATOM   571 C CD  . PRO A 1 71 ? 5.46227   -1.58078  -6.01371  1.000 20.53798  ?  336 PRO A CD  1 
ATOM   572 N N   A THR A 1 72 ? 5.85442   -2.94936  -1.63229  0.700 15.71682  ?  337 THR A N   1 
ATOM   573 N N   B THR A 1 72 ? 5.94293   -2.90381  -1.64611  0.300 16.60580  ?  337 THR A N   1 
ATOM   574 C CA  A THR A 1 72 ? 6.78818   -3.69692  -0.80363  0.700 15.59539  ?  337 THR A CA  1 
ATOM   575 C CA  B THR A 1 72 ? 6.81793   -3.78571  -0.88829  0.300 16.79495  ?  337 THR A CA  1 
ATOM   576 C C   A THR A 1 72 ? 6.03088   -4.52952  0.22512   0.700 13.77911  ?  337 THR A C   1 
ATOM   577 C C   B THR A 1 72 ? 6.03407   -4.53753  0.17768   0.300 15.14664  ?  337 THR A C   1 
ATOM   578 O O   A THR A 1 72 ? 5.11425   -4.02583  0.87220   0.700 14.08557  ?  337 THR A O   1 
ATOM   579 O O   B THR A 1 72 ? 5.11469   -3.99063  0.79190   0.300 15.69926  ?  337 THR A O   1 
ATOM   580 C CB  A THR A 1 72 ? 7.68433   -2.68103  -0.09956  0.700 19.60708  ?  337 THR A CB  1 
ATOM   581 C CB  B THR A 1 72 ? 7.96312   -3.00802  -0.23996  0.300 18.49049  ?  337 THR A CB  1 
ATOM   582 O OG1 A THR A 1 72 ? 8.30082   -1.84359  -1.08925  0.700 23.21329  ?  337 THR A OG1 1 
ATOM   583 O OG1 B THR A 1 72 ? 7.45935   -2.27381  0.87651   0.300 18.98150  ?  337 THR A OG1 1 
ATOM   584 C CG2 A THR A 1 72 ? 8.74217   -3.36458  0.73590   0.700 20.05949  ?  337 THR A CG2 1 
ATOM   585 C CG2 B THR A 1 72 ? 8.59122   -2.04227  -1.23687  0.300 19.01560  ?  337 THR A CG2 1 
ATOM   586 N N   . LEU A 1 73 ? 6.41343   -5.79282  0.39228   1.000 14.10482  ?  338 LEU A N   1 
ATOM   587 C CA  . LEU A 1 73 ? 5.79410   -6.61246  1.42714   1.000 14.06161  ?  338 LEU A CA  1 
ATOM   588 C C   . LEU A 1 73 ? 6.09808   -6.05096  2.81179   1.000 15.15853  ?  338 LEU A C   1 
ATOM   589 O O   . LEU A 1 73 ? 7.23555   -5.65977  3.10551   1.000 17.69585  ?  338 LEU A O   1 
ATOM   590 C CB  . LEU A 1 73 ? 6.31696   -8.04328  1.33209   1.000 15.70634  ?  338 LEU A CB  1 
ATOM   591 C CG  . LEU A 1 73 ? 5.62764   -8.89908  0.27337   1.000 15.96549  ?  338 LEU A CG  1 
ATOM   592 C CD1 . LEU A 1 73 ? 6.45906   -10.13524 -0.02450  1.000 20.08937  ?  338 LEU A CD1 1 
ATOM   593 C CD2 . LEU A 1 73 ? 4.21626   -9.28110  0.71404   1.000 18.42829  ?  338 LEU A CD2 1 
ATOM   594 N N   . VAL A 1 74 ? 5.07363   -6.02438  3.67354   1.000 16.14031  ?  339 VAL A N   1 
ATOM   595 C CA  . VAL A 1 74 ? 5.22068   -5.58432  5.05909   1.000 22.17866  ?  339 VAL A CA  1 
ATOM   596 C C   . VAL A 1 74 ? 4.50375   -6.55352  5.98834   1.000 35.94837  ?  339 VAL A C   1 
ATOM   597 O O   . VAL A 1 74 ? 3.51818   -7.19312  5.61038   1.000 37.58230  ?  339 VAL A O   1 
ATOM   598 C CB  . VAL A 1 74 ? 4.68749   -4.15322  5.28673   1.000 23.44471  ?  339 VAL A CB  1 
ATOM   599 C CG1 . VAL A 1 74 ? 5.53048   -3.15798  4.54994   1.000 27.03254  ?  339 VAL A CG1 1 
ATOM   600 C CG2 . VAL A 1 74 ? 3.21409   -4.03551  4.88385   1.000 20.79511  ?  339 VAL A CG2 1 
ATOM   601 N N   . ARG A 1 75 ? 5.00520   -6.65365  7.22907   1.000 48.71845  ?  340 ARG A N   1 
ATOM   602 C CA  . ARG A 1 75 ? 4.26103   -7.38003  8.25546   1.000 61.40468  ?  340 ARG A CA  1 
ATOM   603 C C   . ARG A 1 75 ? 3.32265   -6.43423  8.98136   1.000 66.99688  ?  340 ARG A C   1 
ATOM   604 O O   . ARG A 1 75 ? 3.78036   -5.42866  9.53312   1.000 66.79041  ?  340 ARG A O   1 
ATOM   605 C CB  . ARG A 1 75 ? 5.20545   -8.02689  9.25386   1.000 68.30587  ?  340 ARG A CB  1 
ATOM   606 C CG  . ARG A 1 75 ? 5.23345   -9.53261  9.10861   1.000 74.61945  ?  340 ARG A CG  1 
ATOM   607 C CD  . ARG A 1 75 ? 5.11538   -9.86618  7.62208   1.000 80.21429  ?  340 ARG A CD  1 
ATOM   608 N NE  . ARG A 1 75 ? 5.13100   -11.27735 7.28208   1.000 84.58348  ?  340 ARG A NE  1 
ATOM   609 C CZ  . ARG A 1 75 ? 4.99137   -11.74506 6.03933   1.000 87.38554  ?  340 ARG A CZ  1 
ATOM   610 N NH1 . ARG A 1 75 ? 5.02660   -13.05421 5.80492   1.000 88.05381  ?  340 ARG A NH1 1 
ATOM   611 N NH2 . ARG A 1 75 ? 4.77969   -10.90571 5.02524   1.000 88.02044  ?  340 ARG A NH2 1 
ATOM   612 N N   . PRO A 1 76 ? 2.02357   -6.73202  9.01659   1.000 72.59658  ?  341 PRO A N   1 
ATOM   613 C CA  . PRO A 1 76 ? 1.05850   -5.75913  9.54141   1.000 76.51116  ?  341 PRO A CA  1 
ATOM   614 C C   . PRO A 1 76 ? 1.38649   -5.30974  10.95854  1.000 81.17842  ?  341 PRO A C   1 
ATOM   615 O O   . PRO A 1 76 ? 1.89775   -6.07137  11.78378  1.000 80.34072  ?  341 PRO A O   1 
ATOM   616 C CB  . PRO A 1 76 ? -0.27760  -6.51271  9.48945   1.000 75.50991  ?  341 PRO A CB  1 
ATOM   617 C CG  . PRO A 1 76 ? 0.09614   -7.95973  9.41190   1.000 74.78289  ?  341 PRO A CG  1 
ATOM   618 C CD  . PRO A 1 76 ? 1.37257   -7.99370  8.62552   1.000 73.95664  ?  341 PRO A CD  1 
ATOM   619 N N   . ASP A 1 77 ? 1.09549   -4.04040  11.21964  1.000 86.52859  ?  342 ASP A N   1 
ATOM   620 C CA  . ASP A 1 77 ? 1.31897   -3.42886  12.51850  1.000 91.09493  ?  342 ASP A CA  1 
ATOM   621 C C   . ASP A 1 77 ? -0.02054  -2.97073  13.07507  1.000 92.98571  ?  342 ASP A C   1 
ATOM   622 O O   . ASP A 1 77 ? -0.47211  -1.86178  12.78259  1.000 93.52432  ?  342 ASP A O   1 
ATOM   623 C CB  . ASP A 1 77 ? 2.25888   -2.22767  12.38551  1.000 93.12334  ?  342 ASP A CB  1 
ATOM   624 C CG  . ASP A 1 77 ? 3.42832   -2.49839  11.45628  1.000 94.81486  ?  342 ASP A CG  1 
ATOM   625 O OD1 . ASP A 1 77 ? 3.20446   -2.63227  10.23468  1.000 95.46101  -1 342 ASP A OD1 1 
ATOM   626 O OD2 . ASP A 1 77 ? 4.57413   -2.56897  11.94640  1.000 95.26112  ?  342 ASP A OD2 1 
ATOM   627 O OXT . ASP A 1 77 ? -0.68159  -3.69695  13.81845  1.000 93.55691  ?  342 ASP A OXT 1 
HETATM 628 C C1  . NAG B 2 .  ? 9.42161   4.48184   2.28027   1.000 60.43048  ?  1   NAG B C1  1 
HETATM 629 C C2  . NAG B 2 .  ? 8.13221   4.68011   1.50018   1.000 29.61621  ?  1   NAG B C2  1 
HETATM 630 C C3  . NAG B 2 .  ? 8.09034   6.05159   0.80527   1.000 28.62368  ?  1   NAG B C3  1 
HETATM 631 C C4  . NAG B 2 .  ? 8.47151   7.16681   1.80132   1.000 31.13577  ?  1   NAG B C4  1 
HETATM 632 C C5  . NAG B 2 .  ? 9.71429   6.78572   2.62545   1.000 38.62366  ?  1   NAG B C5  1 
HETATM 633 C C6  . NAG B 2 .  ? 10.00189  7.80980   3.73476   1.000 48.03070  ?  1   NAG B C6  1 
HETATM 634 C C7  . NAG B 2 .  ? 6.97403   2.62176   0.72856   1.000 27.40781  ?  1   NAG B C7  1 
HETATM 635 C C8  . NAG B 2 .  ? 6.94580   1.54354   -0.32730  1.000 22.63998  ?  1   NAG B C8  1 
HETATM 636 N N2  . NAG B 2 .  ? 7.94140   3.56598   0.56176   1.000 25.15564  ?  1   NAG B N2  1 
HETATM 637 O O3  . NAG B 2 .  ? 6.76516   6.29672   0.27087   1.000 25.01065  ?  1   NAG B O3  1 
HETATM 638 O O4  . NAG B 2 .  ? 8.72742   8.36790   1.06820   1.000 33.23194  ?  1   NAG B O4  1 
HETATM 639 O O5  . NAG B 2 .  ? 9.54376   5.50502   3.25481   1.000 60.00963  ?  1   NAG B O5  1 
HETATM 640 O O6  . NAG B 2 .  ? 11.22470  7.45275   4.39337   1.000 55.53315  ?  1   NAG B O6  1 
HETATM 641 O O7  . NAG B 2 .  ? 6.19223   2.68519   1.67217   1.000 25.32541  ?  1   NAG B O7  1 
HETATM 642 C C1  . AMU B 2 .  ? 7.70454   9.19959   0.68427   1.000 55.38857  ?  2   AMU B C1  1 
HETATM 643 C C2  . AMU B 2 .  ? 7.69120   10.64638  1.16749   1.000 49.47834  ?  2   AMU B C2  1 
HETATM 644 C C3  . AMU B 2 .  ? 6.69517   11.47152  0.34968   1.000 40.42708  ?  2   AMU B C3  1 
HETATM 645 C C4  . AMU B 2 .  ? 6.87759   11.21362  -1.16524  1.000 43.05946  ?  2   AMU B C4  1 
HETATM 646 C C5  . AMU B 2 .  ? 6.75280   9.70057   -1.40529  1.000 48.02451  ?  2   AMU B C5  1 
HETATM 647 C C6  . AMU B 2 .  ? 6.78900   9.28833   -2.88817  1.000 61.84798  ?  2   AMU B C6  1 
HETATM 648 C C7  . AMU B 2 .  ? 8.26442   10.92248  3.58915   1.000 52.44502  ?  2   AMU B C7  1 
HETATM 649 C C8  . AMU B 2 .  ? 7.66546   10.87864  4.96981   1.000 40.96090  ?  2   AMU B C8  1 
HETATM 650 C C9  . AMU B 2 .  ? 5.66843   13.65945  0.71585   1.000 71.94072  ?  2   AMU B C9  1 
HETATM 651 C C10 . AMU B 2 .  ? 4.88204   13.37228  2.03591   1.000 49.05016  ?  2   AMU B C10 1 
HETATM 652 C C11 . AMU B 2 .  ? 6.08337   15.12299  0.63483   1.000 43.14122  ?  2   AMU B C11 1 
HETATM 653 O O3  . AMU B 2 .  ? 6.89507   12.87760  0.63839   1.000 38.64618  ?  2   AMU B O3  1 
HETATM 654 O O4  . AMU B 2 .  ? 5.90564   11.92381  -1.94109  1.000 38.17852  ?  2   AMU B O4  1 
HETATM 655 O O5  . AMU B 2 .  ? 7.84564   9.07415   -0.72446  1.000 31.08446  ?  2   AMU B O5  1 
HETATM 656 O O6  . AMU B 2 .  ? 7.97788   9.78431   -3.51814  1.000 65.51301  ?  2   AMU B O6  1 
HETATM 657 O O7  . AMU B 2 .  ? 9.45179   11.16915  3.39809   1.000 41.76903  ?  2   AMU B O7  1 
HETATM 658 O O10 . AMU B 2 .  ? 5.51388   12.87925  3.01266   1.000 32.96126  -1 2   AMU B O10 1 
HETATM 659 O O11 . AMU B 2 .  ? 3.64639   13.66413  2.01819   1.000 36.40221  ?  2   AMU B O11 1 
HETATM 660 N N2  . AMU B 2 .  ? 7.35453   10.67087  2.59666   1.000 45.53727  ?  2   AMU B N2  1 
HETATM 661 C C1  . NAG B 2 .  ? 6.20653   12.77306  -2.97905  1.000 73.78165  ?  3   NAG B C1  1 
HETATM 662 C C2  . NAG B 2 .  ? 4.91829   13.12244  -3.70731  1.000 56.90947  ?  3   NAG B C2  1 
HETATM 663 C C3  . NAG B 2 .  ? 5.20808   14.13116  -4.83901  1.000 66.27743  ?  3   NAG B C3  1 
HETATM 664 C C4  . NAG B 2 .  ? 5.94434   15.35857  -4.27526  1.000 91.43209  ?  3   NAG B C4  1 
HETATM 665 C C5  . NAG B 2 .  ? 7.20617   14.85642  -3.55525  1.000 89.25908  ?  3   NAG B C5  1 
HETATM 666 C C6  . NAG B 2 .  ? 8.02247   15.98447  -2.91234  1.000 40.05635  ?  3   NAG B C6  1 
HETATM 667 C C7  . NAG B 2 .  ? 2.98634   11.54110  -3.86169  1.000 73.60355  ?  3   NAG B C7  1 
HETATM 668 C C8  . NAG B 2 .  ? 2.53409   10.25275  -4.49562  1.000 54.49330  ?  3   NAG B C8  1 
HETATM 669 N N2  . NAG B 2 .  ? 4.26291   11.90184  -4.21222  1.000 51.07576  ?  3   NAG B N2  1 
HETATM 670 O O3  . NAG B 2 .  ? 3.98495   14.54913  -5.47849  1.000 60.09620  ?  3   NAG B O3  1 
HETATM 671 O O4  . NAG B 2 .  ? 6.25981   16.27626  -5.33239  1.000 86.89294  ?  3   NAG B O4  1 
HETATM 672 O O5  . NAG B 2 .  ? 6.82281   13.96317  -2.49477  1.000 65.37618  ?  3   NAG B O5  1 
HETATM 673 O O6  . NAG B 2 .  ? 9.00516   15.39438  -2.04907  1.000 48.89344  ?  3   NAG B O6  1 
HETATM 674 O O7  . NAG B 2 .  ? 2.26827   12.19708  -3.10815  1.000 73.95491  ?  3   NAG B O7  1 
HETATM 675 C C1  . AH0 C 3 .  ? 11.74999  0.37893   2.22337   1.000 107.46148 ?  401 AH0 A C1  1 
HETATM 676 C C2  . AH0 C 3 .  ? 10.82623  0.33083   3.46813   1.000 86.64430  ?  401 AH0 A C2  1 
HETATM 677 N N2  . AH0 C 3 .  ? 9.44860   0.15471   3.02889   1.000 97.95618  ?  401 AH0 A N2  1 
HETATM 678 C C7  . AH0 C 3 .  ? 8.47647   -0.42247  3.79080   1.000 88.77002  ?  401 AH0 A C7  1 
HETATM 679 O O7  . AH0 C 3 .  ? 8.69267   -0.87725  4.90911   1.000 86.89325  ?  401 AH0 A O7  1 
HETATM 680 C C8  . AH0 C 3 .  ? 7.12866   -0.46966  3.16038   1.000 79.91579  ?  401 AH0 A C8  1 
HETATM 681 C C3  . AH0 C 3 .  ? 10.92085  1.64556   4.29912   1.000 80.71072  ?  401 AH0 A C3  1 
HETATM 682 O O3  . AH0 C 3 .  ? 11.96169  1.57682   5.30752   1.000 77.65651  ?  401 AH0 A O3  1 
HETATM 683 C C4  . AH0 C 3 .  ? 11.11762  2.88040   3.37159   1.000 93.61106  ?  401 AH0 A C4  1 
HETATM 684 O O4  . AH0 C 3 .  ? 9.81353   3.35268   2.95918   1.000 54.15470  ?  401 AH0 A O4  1 
HETATM 685 C C5  . AH0 C 3 .  ? 11.96046  2.58053   2.10653   1.000 90.57399  ?  401 AH0 A C5  1 
HETATM 686 O O5  . AH0 C 3 .  ? 11.36916  1.48404   1.38507   1.000 97.05225  ?  401 AH0 A O5  1 
HETATM 687 C C6  . AH0 C 3 .  ? 13.33862  2.03269   2.40246   1.000 96.60247  ?  401 AH0 A C6  1 
HETATM 688 O O6  . AH0 C 3 .  ? 13.11765  0.62274   2.60796   1.000 126.27666 ?  401 AH0 A O6  1 
HETATM 689 C CA  . AH0 C 3 .  ? 11.57804  1.42569   6.71573   1.000 99.68302  ?  401 AH0 A CA  1 
HETATM 690 C CB  . AH0 C 3 .  ? 10.10417  1.04772   6.84108   1.000 89.46957  ?  401 AH0 A CB  1 
HETATM 691 C C   . AH0 C 3 .  ? 11.94130  2.67921   7.56435   1.000 140.69997 ?  401 AH0 A C   1 
HETATM 692 O O   . AH0 C 3 .  ? 12.12142  3.76896   6.95406   1.000 145.32612 ?  401 AH0 A O   1 
HETATM 693 O OXT . AH0 C 3 .  ? 12.01284  2.49561   8.81681   1.000 127.04242 -1 401 AH0 A OXT 1 
HETATM 694 O O   . HOH D 4 .  ? 5.64669   -10.50786 3.21940   1.000 76.47458  ?  501 HOH A O   1 
HETATM 695 O O   . HOH D 4 .  ? 2.91651   -9.40886  4.69255   1.000 22.47846  ?  502 HOH A O   1 
HETATM 696 O O   . HOH D 4 .  ? -10.19725 7.07250   3.24880   1.000 49.63461  ?  503 HOH A O   1 
HETATM 697 O O   . HOH D 4 .  ? 11.66486  3.95455   12.97929  1.000 47.71022  ?  504 HOH A O   1 
HETATM 698 O O   . HOH D 4 .  ? -4.44881  -10.50485 8.25079   1.000 36.98946  ?  505 HOH A O   1 
HETATM 699 O O   . HOH D 4 .  ? 4.66961   -15.53508 -8.19278  1.000 31.07570  ?  506 HOH A O   1 
HETATM 700 O O   . HOH D 4 .  ? 9.42311   13.74562  -0.13338  1.000 42.82949  ?  507 HOH A O   1 
HETATM 701 O O   . HOH D 4 .  ? -8.26492  -9.63632  0.45983   1.000 17.97337  ?  508 HOH A O   1 
HETATM 702 O O   . HOH D 4 .  ? 7.53435   -12.38719 -8.68193  1.000 51.95609  ?  509 HOH A O   1 
HETATM 703 O O   . HOH D 4 .  ? 7.02380   -0.09726  7.47331   1.000 45.02576  ?  510 HOH A O   1 
HETATM 704 O O   . HOH D 4 .  ? 3.84565   -11.53860 -11.20267 1.000 33.16608  ?  511 HOH A O   1 
HETATM 705 O O   . HOH D 4 .  ? -9.68213  -2.46025  -3.57527  1.000 20.57355  ?  512 HOH A O   1 
HETATM 706 O O   . HOH D 4 .  ? 8.08594   -6.95214  -7.54062  1.000 57.41735  ?  513 HOH A O   1 
HETATM 707 O O   . HOH D 4 .  ? -10.26485 3.72023   -1.42760  1.000 36.83986  ?  514 HOH A O   1 
HETATM 708 O O   . HOH D 4 .  ? -1.63520  4.55236   15.48690  1.000 21.77170  ?  515 HOH A O   1 
HETATM 709 O O   . HOH D 4 .  ? 1.85160   -14.93075 -12.36474 1.000 53.25715  ?  516 HOH A O   1 
HETATM 710 O O   . HOH D 4 .  ? -11.73851 -2.00358  -6.28691  1.000 42.61891  ?  517 HOH A O   1 
HETATM 711 O O   . HOH D 4 .  ? 6.07612   10.85061  -5.93223  1.000 48.22616  ?  518 HOH A O   1 
HETATM 712 O O   . HOH D 4 .  ? 2.41502   14.31047  9.46576   1.000 36.81330  ?  519 HOH A O   1 
HETATM 713 O O   . HOH D 4 .  ? -7.83012  -5.31889  5.38322   1.000 26.87279  ?  520 HOH A O   1 
HETATM 714 O O   . HOH D 4 .  ? -6.46658  -12.24015 -1.98534  0.481 15.08758  ?  521 HOH A O   1 
HETATM 715 O O   . HOH D 4 .  ? 7.12460   -9.41994  -11.34743 1.000 54.53184  ?  522 HOH A O   1 
HETATM 716 O O   . HOH D 4 .  ? 0.24731   3.87358   -16.19463 1.000 49.92237  ?  523 HOH A O   1 
HETATM 717 O O   . HOH D 4 .  ? 7.57185   10.12371  10.36407  1.000 27.21218  ?  524 HOH A O   1 
HETATM 718 O O   . HOH D 4 .  ? 6.60776   -5.53187  -10.73883 1.000 23.84931  ?  525 HOH A O   1 
HETATM 719 O O   . HOH D 4 .  ? -6.34225  4.25182   -10.36513 1.000 30.40934  ?  526 HOH A O   1 
HETATM 720 O O   . HOH D 4 .  ? -9.02692  7.65443   0.09978   1.000 27.02925  ?  527 HOH A O   1 
HETATM 721 O O   . HOH D 4 .  ? 10.12120  7.21121   16.05579  1.000 32.23407  ?  528 HOH A O   1 
HETATM 722 O O   . HOH D 4 .  ? -0.54463  10.67739  -3.47687  1.000 25.46613  ?  529 HOH A O   1 
HETATM 723 O O   . HOH D 4 .  ? 9.93770   -6.17730  2.54822   1.000 21.47102  ?  530 HOH A O   1 
HETATM 724 O O   . HOH D 4 .  ? -2.42121  -1.47665  -13.46413 1.000 23.94655  ?  531 HOH A O   1 
HETATM 725 O O   . HOH D 4 .  ? 9.99809   9.04542   9.64560   1.000 44.20697  ?  532 HOH A O   1 
HETATM 726 O O   . HOH D 4 .  ? -2.34500  5.22549   -12.77488 1.000 39.95021  ?  533 HOH A O   1 
HETATM 727 O O   . HOH D 4 .  ? 6.95632   2.85972   6.86557   1.000 35.60856  ?  534 HOH A O   1 
HETATM 728 O O   . HOH D 4 .  ? -4.13813  -6.03370  -9.05461  1.000 25.94892  ?  535 HOH A O   1 
HETATM 729 O O   . HOH D 4 .  ? 8.07891   -9.66284  -4.63410  1.000 21.52408  ?  536 HOH A O   1 
HETATM 730 O O   . HOH D 4 .  ? -0.67659  -8.11059  -12.88924 1.000 25.31641  ?  537 HOH A O   1 
HETATM 731 O O   . HOH D 4 .  ? -10.83704 -0.47644  -2.34039  1.000 33.16248  ?  538 HOH A O   1 
HETATM 732 O O   . HOH D 4 .  ? -1.28907  -18.20326 -9.73447  1.000 37.40756  ?  539 HOH A O   1 
HETATM 733 O O   . HOH D 4 .  ? 1.06848   -18.46732 -1.25003  1.000 27.19627  ?  540 HOH A O   1 
HETATM 734 O O   . HOH D 4 .  ? 5.96031   5.74402   -2.41213  1.000 41.47885  ?  541 HOH A O   1 
HETATM 735 O O   . HOH D 4 .  ? -0.94651  -2.73473  8.87647   1.000 31.20123  ?  542 HOH A O   1 
HETATM 736 O O   . HOH D 4 .  ? 7.44765   3.99177   -3.68636  1.000 40.07681  ?  543 HOH A O   1 
HETATM 737 O O   . HOH D 4 .  ? 1.34870   -9.71461  -13.86738 1.000 31.20367  ?  544 HOH A O   1 
HETATM 738 O O   . HOH D 4 .  ? -7.92176  3.60732   5.73321   1.000 25.68302  ?  545 HOH A O   1 
HETATM 739 O O   . HOH D 4 .  ? 3.80049   6.32650   -3.96791  1.000 45.53082  ?  546 HOH A O   1 
HETATM 740 O O   . HOH D 4 .  ? -1.65556  -19.24451 -0.40777  1.000 38.36247  ?  547 HOH A O   1 
HETATM 741 O O   . HOH D 4 .  ? 2.98378   15.22497  12.33529  1.000 35.96048  ?  548 HOH A O   1 
HETATM 742 O O   . HOH D 4 .  ? 1.15320   -18.53425 -4.65708  1.000 26.55796  ?  549 HOH A O   1 
HETATM 743 O O   . HOH D 4 .  ? 10.97331  13.78664  11.60898  1.000 51.80651  ?  550 HOH A O   1 
HETATM 744 O O   . HOH D 4 .  ? -5.33692  -17.79331 1.64365   1.000 36.34673  ?  551 HOH A O   1 
HETATM 745 O O   . HOH D 4 .  ? -6.29938  -5.91221  7.77316   1.000 41.64351  ?  552 HOH A O   1 
HETATM 746 O O   . HOH D 4 .  ? 8.41353   9.75600   17.86801  1.000 28.43399  ?  553 HOH A O   1 
HETATM 747 O O   . HOH D 4 .  ? -10.57051 -0.96222  0.18743   1.000 27.62799  ?  554 HOH A O   1 
HETATM 748 O O   . HOH D 4 .  ? 9.64120   3.62651   -1.89347  1.000 34.06647  ?  555 HOH A O   1 
HETATM 749 O O   . HOH D 4 .  ? 5.93104   11.86579  8.73628   1.000 35.31208  ?  556 HOH A O   1 
HETATM 750 O O   . HOH D 4 .  ? -2.46041  1.92856   12.73469  1.000 38.63638  ?  557 HOH A O   1 
HETATM 751 O O   . HOH D 4 .  ? 5.78097   3.41697   -9.89039  1.000 44.28106  ?  558 HOH A O   1 
HETATM 752 O O   . HOH D 4 .  ? -10.04211 1.28159   4.41175   1.000 55.91200  ?  559 HOH A O   1 
HETATM 753 O O   . HOH D 4 .  ? -5.09214  -2.97189  -12.68548 1.000 34.65857  ?  560 HOH A O   1 
HETATM 754 O O   . HOH D 4 .  ? -5.73838  1.79552   10.58642  1.000 48.75888  ?  561 HOH A O   1 
HETATM 755 O O   . HOH D 4 .  ? 8.88713   4.24136   6.05935   1.000 52.63375  ?  562 HOH A O   1 
HETATM 756 O O   . HOH D 4 .  ? -0.87853  9.20964   -5.93678  1.000 35.76314  ?  563 HOH A O   1 
HETATM 757 O O   . HOH D 4 .  ? 6.54638   -8.81311  -8.76459  1.000 33.70454  ?  564 HOH A O   1 
HETATM 758 O O   . HOH D 4 .  ? 12.84827  9.35887   17.01524  0.50  55.63629  ?  565 HOH A O   1 
HETATM 759 O O   . HOH D 4 .  ? -8.54521  6.23624   5.43671   1.000 40.98246  ?  566 HOH A O   1 
HETATM 760 O O   . HOH D 4 .  ? -6.99830  -1.52086  -13.46405 1.000 48.48561  ?  567 HOH A O   1 
HETATM 761 O O   . HOH D 4 .  ? -10.82750 6.52641   -0.94073  1.000 46.68676  ?  568 HOH A O   1 
HETATM 762 O O   . HOH D 4 .  ? 1.50604   7.93756   -6.43942  1.000 47.16665  ?  569 HOH A O   1 
HETATM 763 O O   . HOH D 4 .  ? 8.22385   7.31459   17.90376  1.000 55.69752  ?  570 HOH A O   1 
HETATM 764 O O   . HOH D 4 .  ? -9.46704  -3.81301  -10.07891 1.000 47.73105  ?  571 HOH A O   1 
HETATM 765 O O   . HOH D 4 .  ? -2.20579  -4.15342  -14.85452 1.000 34.04170  ?  572 HOH A O   1 
HETATM 766 O O   . HOH D 4 .  ? 0.01198   -6.02415  -14.60108 1.000 30.99950  ?  573 HOH A O   1 
HETATM 767 O O   . HOH D 4 .  ? 11.05206  1.74527   -2.28821  1.000 46.70550  ?  574 HOH A O   1 
HETATM 768 O O   . HOH D 4 .  ? -11.81444 -3.85077  -7.83396  1.000 36.55317  ?  575 HOH A O   1 
HETATM 769 O O   . HOH D 4 .  ? -3.84738  -6.43247  10.49973  1.000 57.44010  ?  576 HOH A O   1 
HETATM 770 O O   . HOH D 4 .  ? -3.03034  0.85397   -14.84827 1.000 33.22280  ?  577 HOH A O   1 
HETATM 771 O O   . HOH D 4 .  ? -5.93930  -12.86695 7.16835   1.000 45.18428  ?  578 HOH A O   1 
HETATM 772 O O   . HOH D 4 .  ? 0.41332   -17.68181 1.64376   1.000 49.80589  ?  579 HOH A O   1 
HETATM 773 O O   . HOH D 4 .  ? 8.57203   -9.72037  -13.10587 1.000 64.53059  ?  580 HOH A O   1 
HETATM 774 O O   . HOH D 4 .  ? -3.98642  5.93411   -10.91712 1.000 43.37542  ?  581 HOH A O   1 
HETATM 775 O O   . HOH D 4 .  ? -9.18730  -2.79753  5.49102   1.000 41.72129  ?  582 HOH A O   1 
HETATM 776 O O   . HOH D 4 .  ? -2.40204  -21.04649 -2.27706  1.000 43.70061  ?  583 HOH A O   1 
HETATM 777 O O   . HOH D 4 .  ? 1.13470   -6.65582  -16.87145 0.50  46.65860  ?  584 HOH A O   1 
# 
loop_
_atom_site_anisotrop.id 
_atom_site_anisotrop.type_symbol 
_atom_site_anisotrop.pdbx_label_atom_id 
_atom_site_anisotrop.pdbx_label_alt_id 
_atom_site_anisotrop.pdbx_label_comp_id 
_atom_site_anisotrop.pdbx_label_asym_id 
_atom_site_anisotrop.pdbx_label_seq_id 
_atom_site_anisotrop.pdbx_PDB_ins_code 
_atom_site_anisotrop.U[1][1] 
_atom_site_anisotrop.U[2][2] 
_atom_site_anisotrop.U[3][3] 
_atom_site_anisotrop.U[1][2] 
_atom_site_anisotrop.U[1][3] 
_atom_site_anisotrop.U[2][3] 
_atom_site_anisotrop.pdbx_auth_seq_id 
_atom_site_anisotrop.pdbx_auth_comp_id 
_atom_site_anisotrop.pdbx_auth_asym_id 
_atom_site_anisotrop.pdbx_auth_atom_id 
1   N N   . GLY A 1  ? 0.39759 0.38114 0.46159 -0.03222 0.02244  0.10536  266 GLY A N   
2   C CA  . GLY A 1  ? 0.28159 0.31683 0.40668 0.01365  0.04293  0.10862  266 GLY A CA  
3   C C   . GLY A 1  ? 0.32029 0.30946 0.32506 0.05139  0.04419  0.06524  266 GLY A C   
4   O O   . GLY A 1  ? 0.38973 0.35642 0.29575 0.09149  0.02113  0.05369  266 GLY A O   
5   N N   . LEU A 2  ? 0.21995 0.23894 0.26463 0.01492  0.07019  0.03972  267 LEU A N   
6   C CA  . LEU A 2  ? 0.16246 0.19030 0.23746 0.03289  0.01621  0.01508  267 LEU A CA  
7   C C   . LEU A 2  ? 0.16099 0.16292 0.18602 0.02864  0.00522  -0.00508 267 LEU A C   
8   O O   . LEU A 2  ? 0.15970 0.19976 0.20276 0.01367  -0.00195 -0.01019 267 LEU A O   
9   C CB  . LEU A 2  ? 0.23043 0.19011 0.20168 0.06948  -0.00980 -0.02001 267 LEU A CB  
10  C CG  . LEU A 2  ? 0.22794 0.20841 0.22239 0.07375  -0.03340 -0.02123 267 LEU A CG  
11  C CD1 . LEU A 2  ? 0.31264 0.22554 0.21833 0.07383  -0.02626 -0.02990 267 LEU A CD1 
12  C CD2 . LEU A 2  ? 0.25595 0.24475 0.24733 0.07060  -0.04397 -0.01399 267 LEU A CD2 
13  N N   . TYR A 3  ? 0.17032 0.17216 0.19941 -0.00731 0.01173  0.00012  268 TYR A N   
14  C CA  . TYR A 3  ? 0.18016 0.16647 0.14743 -0.00990 0.02082  -0.02654 268 TYR A CA  
15  C C   . TYR A 3  ? 0.13107 0.15780 0.16548 0.00902  0.01606  -0.01960 268 TYR A C   
16  O O   . TYR A 3  ? 0.15882 0.20796 0.19765 0.00058  0.00933  0.00491  268 TYR A O   
17  C CB  . TYR A 3  ? 0.19768 0.21561 0.15461 -0.01682 0.02495  -0.02065 268 TYR A CB  
18  C CG  . TYR A 3  ? 0.20215 0.21805 0.16444 -0.02621 0.03735  -0.01315 268 TYR A CG  
19  C CD1 . TYR A 3  ? 0.23217 0.25335 0.14868 -0.01139 0.03709  -0.00939 268 TYR A CD1 
20  C CD2 . TYR A 3  ? 0.19102 0.23539 0.17263 -0.00716 0.03743  -0.01378 268 TYR A CD2 
21  C CE1 . TYR A 3  ? 0.22600 0.26919 0.17330 -0.01001 0.04303  0.00373  268 TYR A CE1 
22  C CE2 . TYR A 3  ? 0.21713 0.27228 0.16780 -0.02700 0.05099  -0.00268 268 TYR A CE2 
23  C CZ  . TYR A 3  ? 0.25038 0.27922 0.15232 -0.02293 0.05642  -0.01864 268 TYR A CZ  
24  O OH  . TYR A 3  ? 0.25350 0.31354 0.21442 -0.04177 0.05029  -0.01690 268 TYR A OH  
25  N N   . LEU A 4  ? 0.15498 0.14797 0.16536 0.00511  0.01663  0.00228  269 LEU A N   
26  C CA  . LEU A 4  ? 0.15429 0.15865 0.15020 -0.00442 0.02113  -0.03172 269 LEU A CA  
27  C C   . LEU A 4  ? 0.13657 0.18576 0.18329 -0.00651 0.03263  -0.02230 269 LEU A C   
28  O O   . LEU A 4  ? 0.14290 0.19586 0.23040 0.01029  0.04313  -0.02356 269 LEU A O   
29  C CB  . LEU A 4  ? 0.14440 0.17630 0.15701 0.02497  0.02128  -0.03169 269 LEU A CB  
30  C CG  . LEU A 4  ? 0.13326 0.17192 0.16997 0.03123  0.01678  -0.04051 269 LEU A CG  
31  C CD1 . LEU A 4  ? 0.13220 0.22783 0.16945 0.01449  -0.00127 -0.01659 269 LEU A CD1 
32  C CD2 . LEU A 4  ? 0.13055 0.17993 0.19236 0.03850  0.00329  -0.03495 269 LEU A CD2 
33  N N   . GLN A 5  ? 0.15207 0.14415 0.17784 -0.00626 0.01489  -0.03491 270 GLN A N   
34  C CA  . GLN A 5  ? 0.15796 0.14713 0.16997 -0.01334 0.00159  -0.02622 270 GLN A CA  
35  C C   . GLN A 5  ? 0.16744 0.17270 0.16651 0.00842  0.02933  -0.01420 270 GLN A C   
36  O O   . GLN A 5  ? 0.18274 0.17015 0.17558 0.02536  0.03342  -0.02480 270 GLN A O   
37  C CB  . GLN A 5  ? 0.17295 0.16828 0.17191 -0.01509 -0.01753 -0.04486 270 GLN A CB  
38  C CG  . GLN A 5  ? 0.19256 0.18701 0.17417 -0.01265 -0.03051 -0.04773 270 GLN A CG  
39  C CD  . GLN A 5  ? 0.19553 0.21761 0.21201 -0.00843 -0.01497 -0.03966 270 GLN A CD  
40  O OE1 . GLN A 5  ? 0.21904 0.24159 0.19870 -0.01185 -0.02369 -0.03722 270 GLN A OE1 
41  N NE2 . GLN A 5  ? 0.19212 0.23043 0.26355 -0.02716 0.01048  -0.04319 270 GLN A NE2 
42  N N   . VAL A 6  ? 0.19155 0.18015 0.18190 0.00398  0.01728  -0.01261 271 VAL A N   
43  C CA  . VAL A 6  ? 0.20733 0.18522 0.18633 0.00299  0.01412  -0.01331 271 VAL A CA  
44  C C   . VAL A 6  ? 0.21470 0.21826 0.20223 -0.01591 0.04976  -0.00781 271 VAL A C   
45  O O   . VAL A 6  ? 0.29889 0.24823 0.21177 -0.03244 0.05821  -0.00810 271 VAL A O   
46  C CB  . VAL A 6  ? 0.25388 0.21185 0.18249 0.00885  -0.00007 -0.02076 271 VAL A CB  
47  C CG1 . VAL A 6  ? 0.27937 0.24146 0.20116 0.01487  0.03329  -0.01466 271 VAL A CG1 
48  C CG2 . VAL A 6  ? 0.26435 0.20495 0.20191 0.01345  -0.03830 -0.00601 271 VAL A CG2 
49  N N   . GLY A 7  ? 0.20200 0.17909 0.19527 -0.00448 0.05001  -0.04161 272 GLY A N   
50  C CA  . GLY A 7  ? 0.24399 0.20738 0.19177 -0.02799 0.04686  -0.04802 272 GLY A CA  
51  C C   . GLY A 7  ? 0.21307 0.20085 0.19249 -0.03646 0.06557  -0.04696 272 GLY A C   
52  O O   . GLY A 7  ? 0.19721 0.19044 0.21852 -0.00837 0.06667  -0.02523 272 GLY A O   
53  N N   . ALA A 8  ? 0.24767 0.20251 0.22579 -0.04300 0.05120  -0.04657 273 ALA A N   
54  C CA  . ALA A 8  ? 0.26296 0.18331 0.25226 -0.02569 0.05375  -0.07089 273 ALA A CA  
55  C C   . ALA A 8  ? 0.24790 0.19320 0.30798 -0.05730 0.07764  -0.05832 273 ALA A C   
56  O O   . ALA A 8  ? 0.29352 0.23070 0.33603 -0.07688 0.11989  -0.06279 273 ALA A O   
57  C CB  . ALA A 8  ? 0.26614 0.23072 0.25685 -0.02604 0.01323  -0.05876 273 ALA A CB  
58  N N   . PHE A 9  ? 0.27005 0.16647 0.28565 -0.05369 0.06234  -0.06559 274 PHE A N   
59  C CA  . PHE A 9  ? 0.28407 0.17178 0.25064 -0.06697 0.07651  -0.06333 274 PHE A CA  
60  C C   . PHE A 9  ? 0.31627 0.18430 0.26658 -0.05623 0.07741  -0.05356 274 PHE A C   
61  O O   . PHE A 9  ? 0.31857 0.18389 0.27405 -0.04373 0.08453  -0.04884 274 PHE A O   
62  C CB  . PHE A 9  ? 0.31185 0.20826 0.26197 -0.06220 0.07089  -0.06280 274 PHE A CB  
63  C CG  . PHE A 9  ? 0.33751 0.24716 0.22652 -0.05361 0.07197  -0.08157 274 PHE A CG  
64  C CD1 . PHE A 9  ? 0.36925 0.30433 0.24199 -0.06627 0.07433  -0.06074 274 PHE A CD1 
65  C CD2 . PHE A 9  ? 0.33119 0.25224 0.24795 -0.05332 0.03035  -0.07528 274 PHE A CD2 
66  C CE1 . PHE A 9  ? 0.37497 0.31980 0.24171 -0.08322 0.05906  -0.05334 274 PHE A CE1 
67  C CE2 . PHE A 9  ? 0.34627 0.31675 0.23626 -0.06948 0.03272  -0.05956 274 PHE A CE2 
68  C CZ  . PHE A 9  ? 0.37261 0.32353 0.24556 -0.08806 0.04614  -0.04520 274 PHE A CZ  
69  N N   . ALA A 10 ? 0.37491 0.20543 0.28362 -0.09501 0.06829  -0.06453 275 ALA A N   
70  C CA  . ALA A 10 ? 0.40807 0.20882 0.31312 -0.09718 0.07909  -0.07250 275 ALA A CA  
71  C C   . ALA A 10 ? 0.45977 0.23465 0.32548 -0.06653 0.07498  -0.06824 275 ALA A C   
72  O O   . ALA A 10 ? 0.49471 0.28585 0.32773 -0.04671 0.04837  -0.05757 275 ALA A O   
73  C CB  . ALA A 10 ? 0.43350 0.21630 0.36425 -0.10691 0.05198  -0.08320 275 ALA A CB  
74  N N   . ASN A 11 ? 0.48748 0.24640 0.36944 -0.07814 0.06642  -0.04766 276 ASN A N   
75  C CA  . ASN A 11 ? 0.53615 0.23213 0.38105 -0.05724 0.08778  -0.03280 276 ASN A CA  
76  C C   . ASN A 11 ? 0.52749 0.21357 0.34672 -0.01541 0.10050  -0.05151 276 ASN A C   
77  O O   . ASN A 11 ? 0.54563 0.18071 0.33803 -0.01109 0.09502  -0.04412 276 ASN A O   
78  C CB  . ASN A 11 ? 0.62068 0.26957 0.42074 -0.10007 0.09854  0.00433  276 ASN A CB  
79  C CG  . ASN A 11 ? 0.68675 0.30621 0.44992 -0.10038 0.10077  0.01443  276 ASN A CG  
80  O OD1 . ASN A 11 ? 0.72807 0.33176 0.50236 -0.10675 0.07172  0.03863  276 ASN A OD1 
81  N ND2 . ASN A 11 ? 0.72830 0.33558 0.45121 -0.10112 0.08259  0.00314  276 ASN A ND2 
82  N N   . PRO A 12 ? 0.50259 0.22922 0.33287 0.00688  0.09502  -0.05115 277 PRO A N   
83  C CA  . PRO A 12 ? 0.45399 0.25233 0.31891 0.02160  0.08673  -0.03493 277 PRO A CA  
84  C C   . PRO A 12 ? 0.41672 0.22883 0.28838 0.03353  0.09457  -0.02969 277 PRO A C   
85  O O   . PRO A 12 ? 0.40083 0.20949 0.27318 0.05510  0.07542  -0.04302 277 PRO A O   
86  C CB  . PRO A 12 ? 0.47135 0.29753 0.32413 0.01872  0.08606  -0.03372 277 PRO A CB  
87  C CG  . PRO A 12 ? 0.51387 0.28957 0.33840 0.01828  0.09238  -0.03927 277 PRO A CG  
88  C CD  . PRO A 12 ? 0.51715 0.24469 0.35229 0.03173  0.09004  -0.04384 277 PRO A CD  
89  N N   . ASP A 13 ? 0.40792 0.24316 0.30302 0.03709  0.07422  -0.01762 278 ASP A N   
90  C CA  . ASP A 13 ? 0.44158 0.21150 0.30391 0.05734  0.07859  -0.02440 278 ASP A CA  
91  C C   . ASP A 13 ? 0.37942 0.19073 0.29601 0.03785  0.07171  -0.02583 278 ASP A C   
92  O O   . ASP A 13 ? 0.34285 0.20081 0.29624 0.03946  0.04999  -0.03223 278 ASP A O   
93  C CB  . ASP A 13 ? 0.48666 0.20333 0.35110 0.12092  0.06867  -0.02653 278 ASP A CB  
94  C CG  . ASP A 13 ? 0.55798 0.25910 0.39170 0.11491  0.05134  -0.00630 278 ASP A CG  
95  O OD1 . ASP A 13 ? 0.55808 0.31576 0.41432 0.13000  0.01875  -0.00709 278 ASP A OD1 
96  O OD2 . ASP A 13 ? 0.57977 0.31743 0.40383 0.08116  0.05702  0.01213  278 ASP A OD2 
97  N N   . ALA A 14 ? 0.32697 0.18437 0.26414 0.01632  0.08419  -0.01687 279 ALA A N   
98  C CA  . ALA A 14 ? 0.30372 0.17801 0.28754 -0.01004 0.06689  -0.00434 279 ALA A CA  
99  C C   . ALA A 14 ? 0.26347 0.17671 0.25259 -0.00202 0.05603  -0.00300 279 ALA A C   
100 O O   . ALA A 14 ? 0.29275 0.19405 0.24561 0.01450  0.04085  -0.01554 279 ALA A O   
101 C CB  . ALA A 14 ? 0.29202 0.17484 0.32859 -0.02971 0.05054  -0.00710 279 ALA A CB  
102 N N   . ALA A 15 ? 0.26620 0.19219 0.24210 0.00746  0.02759  0.01741  280 ALA A N   
103 C CA  . ALA A 15 ? 0.26496 0.20331 0.21041 0.00740  0.03363  0.02088  280 ALA A CA  
104 C C   . ALA A 15 ? 0.23574 0.18516 0.19924 0.03242  0.02119  0.01366  280 ALA A C   
105 O O   . ALA A 15 ? 0.23661 0.17746 0.20879 0.01861  0.01798  0.01726  280 ALA A O   
106 C CB  . ALA A 15 ? 0.29169 0.23658 0.19868 0.00308  0.04211  0.00701  280 ALA A CB  
107 N N   . GLU A 16 ? 0.22634 0.20238 0.20216 0.06086  0.00983  0.01587  281 GLU A N   
108 C CA  . GLU A 16 ? 0.24826 0.21230 0.24623 0.07869  0.00444  0.01049  281 GLU A CA  
109 C C   . GLU A 16 ? 0.21815 0.20833 0.24159 0.05442  0.01303  0.02044  281 GLU A C   
110 O O   . GLU A 16 ? 0.22923 0.21302 0.22737 0.04163  0.02273  0.02108  281 GLU A O   
111 C CB  . GLU A 16 ? 0.32119 0.23144 0.26700 0.10519  0.01149  -0.02270 281 GLU A CB  
112 C CG  . GLU A 16 ? 0.38839 0.27555 0.33391 0.11876  0.00045  -0.03891 281 GLU A CG  
113 C CD  . GLU A 16 ? 0.51695 0.44132 0.43489 0.03043  -0.03758 -0.01919 281 GLU A CD  
114 O OE1 . GLU A 16 ? 0.60681 0.54147 0.49962 -0.02874 -0.06960 0.00149  281 GLU A OE1 
115 O OE2 . GLU A 16 ? 0.57604 0.51357 0.48481 -0.01228 -0.02421 -0.01817 281 GLU A OE2 
116 N N   . LEU A 17 ? 0.21616 0.20692 0.22908 0.04689  0.03520  0.00870  282 LEU A N   
117 C CA  . LEU A 17 ? 0.20514 0.19575 0.23779 0.03919  0.02147  0.01884  282 LEU A CA  
118 C C   . LEU A 17 ? 0.20274 0.17388 0.22623 0.04515  0.02627  0.01346  282 LEU A C   
119 O O   . LEU A 17 ? 0.24138 0.17799 0.23933 0.04937  0.02417  0.01461  282 LEU A O   
120 C CB  . LEU A 17 ? 0.19901 0.19448 0.25983 0.02116  0.03005  0.03582  282 LEU A CB  
121 C CG  . LEU A 17 ? 0.18942 0.19629 0.26607 0.02557  0.04909  0.04484  282 LEU A CG  
122 C CD1 . LEU A 17 ? 0.21394 0.21468 0.25819 0.03792  0.04906  0.02588  282 LEU A CD1 
123 C CD2 . LEU A 17 ? 0.23519 0.20889 0.26775 -0.01277 0.02805  0.07655  282 LEU A CD2 
124 N N   . LEU A 18 ? 0.20303 0.17685 0.22310 0.04806  0.03607  0.00966  283 LEU A N   
125 C CA  . LEU A 18 ? 0.21581 0.17569 0.22045 0.05100  0.01249  0.00572  283 LEU A CA  
126 C C   . LEU A 18 ? 0.21365 0.15943 0.20259 0.04441  0.03655  0.00305  283 LEU A C   
127 O O   . LEU A 18 ? 0.24231 0.18247 0.19673 0.03363  0.02466  -0.01148 283 LEU A O   
128 C CB  . LEU A 18 ? 0.22926 0.15777 0.19948 0.05989  0.00025  -0.00118 283 LEU A CB  
129 C CG  . LEU A 18 ? 0.23288 0.19597 0.17990 0.05652  -0.01375 -0.02258 283 LEU A CG  
130 C CD1 . LEU A 18 ? 0.27858 0.27990 0.17915 0.04284  0.00712  -0.02349 283 LEU A CD1 
131 C CD2 . LEU A 18 ? 0.19780 0.20955 0.20860 0.06184  -0.03105 -0.01303 283 LEU A CD2 
132 N N   . LYS A 19 ? 0.16448 0.18457 0.20703 0.02264  0.04435  0.02296  284 LYS A N   
133 C CA  . LYS A 19 ? 0.17224 0.21109 0.20872 0.02029  0.03323  0.01652  284 LYS A CA  
134 C C   . LYS A 19 ? 0.17685 0.18583 0.23408 0.03673  0.00161  0.01135  284 LYS A C   
135 O O   . LYS A 19 ? 0.18751 0.17741 0.25869 0.02625  -0.01905 0.00386  284 LYS A O   
136 C CB  . LYS A 19 ? 0.19372 0.21166 0.21497 0.04083  0.05968  0.01317  284 LYS A CB  
137 C CG  . LYS A 19 ? 0.20061 0.24862 0.23146 0.03929  0.08398  0.01577  284 LYS A CG  
138 C CD  . LYS A 19 ? 0.19335 0.30431 0.27107 0.02570  0.08833  0.02572  284 LYS A CD  
139 C CE  . LYS A 19 ? 0.21381 0.37375 0.33736 0.04908  0.04817  0.02894  284 LYS A CE  
140 N NZ  . LYS A 19 ? 0.32087 0.43134 0.37560 0.02869  0.02075  0.02503  284 LYS A NZ  
141 N N   . ALA A 20 ? 0.19576 0.21422 0.23830 0.04052  0.00373  0.03691  285 ALA A N   
142 C CA  . ALA A 20 ? 0.22820 0.20577 0.25561 0.05156  0.00449  0.02524  285 ALA A CA  
143 C C   . ALA A 20 ? 0.22149 0.24831 0.24439 0.03209  -0.01701 0.03037  285 ALA A C   
144 O O   . ALA A 20 ? 0.25609 0.27514 0.26106 0.03845  -0.03380 0.03049  285 ALA A O   
145 C CB  . ALA A 20 ? 0.24260 0.19344 0.27821 0.05177  0.00911  0.03662  285 ALA A CB  
146 N N   . LYS A 21 ? 0.23571 0.22182 0.22597 0.03119  -0.00407 0.03921  286 LYS A N   
147 C CA  . LYS A 21 ? 0.26033 0.22118 0.23272 0.00647  0.00518  0.02553  286 LYS A CA  
148 C C   . LYS A 21 ? 0.26215 0.20591 0.21157 0.02116  0.00017  0.01321  286 LYS A C   
149 O O   . LYS A 21 ? 0.29173 0.23650 0.22593 0.00780  -0.01478 0.02118  286 LYS A O   
150 C CB  . LYS A 21 ? 0.25291 0.24096 0.24523 -0.00089 0.04286  0.02371  286 LYS A CB  
151 C CG  . LYS A 21 ? 0.30717 0.25838 0.28071 -0.02450 0.04582  0.05179  286 LYS A CG  
152 C CD  . LYS A 21 ? 0.40828 0.28241 0.29923 -0.03143 0.05688  0.05076  286 LYS A CD  
153 C CE  . LYS A 21 ? 0.50697 0.29613 0.33139 -0.04365 0.07210  0.05409  286 LYS A CE  
154 N NZ  . LYS A 21 ? 0.59221 0.35141 0.35508 -0.05920 0.07635  0.04190  286 LYS A NZ  
155 N N   . LEU A 22 ? 0.24808 0.20428 0.16918 0.02329  0.01446  0.00803  287 LEU A N   
156 C CA  . LEU A 22 ? 0.24322 0.21007 0.17992 0.01580  0.00692  0.00017  287 LEU A CA  
157 C C   . LEU A 22 ? 0.23724 0.24126 0.21807 0.00482  0.00869  0.00514  287 LEU A C   
158 O O   . LEU A 22 ? 0.25782 0.22105 0.22782 0.01778  0.00790  -0.02962 287 LEU A O   
159 C CB  . LEU A 22 ? 0.23687 0.20980 0.15928 0.02386  -0.00044 -0.00624 287 LEU A CB  
160 C CG  . LEU A 22 ? 0.21456 0.19787 0.17201 0.03914  0.01068  -0.01997 287 LEU A CG  
161 C CD1 . LEU A 22 ? 0.21544 0.22156 0.14626 0.03768  -0.00199 -0.01923 287 LEU A CD1 
162 C CD2 . LEU A 22 ? 0.20142 0.23594 0.18190 0.05165  0.01981  -0.02624 287 LEU A CD2 
163 N N   A SER A 23 ? 0.20191 0.25204 0.27448 -0.00777 0.00958  0.02623  288 SER A N   
164 N N   B SER A 23 ? 0.24601 0.25544 0.25333 0.00451  0.01292  0.01026  288 SER A N   
165 C CA  A SER A 23 ? 0.21312 0.26743 0.31085 0.00440  -0.00639 0.01909  288 SER A CA  
166 C CA  B SER A 23 ? 0.26988 0.27447 0.27312 0.01097  0.01676  0.00087  288 SER A CA  
167 C C   A SER A 23 ? 0.22253 0.27764 0.34614 0.02151  -0.02931 0.02513  288 SER A C   
168 C C   B SER A 23 ? 0.26232 0.28235 0.31396 0.01801  -0.01133 0.01320  288 SER A C   
169 O O   A SER A 23 ? 0.23969 0.29588 0.39559 0.00827  -0.04086 0.03431  288 SER A O   
170 O O   B SER A 23 ? 0.26453 0.29559 0.34296 0.00857  -0.01916 0.02192  288 SER A O   
171 C CB  A SER A 23 ? 0.23799 0.30749 0.32047 -0.00639 -0.00307 0.02961  288 SER A CB  
172 C CB  B SER A 23 ? 0.29679 0.30184 0.26253 0.01097  0.04130  -0.00850 288 SER A CB  
173 O OG  A SER A 23 ? 0.24551 0.33138 0.35548 -0.01536 -0.01341 0.04354  288 SER A OG  
174 O OG  B SER A 23 ? 0.32010 0.31488 0.27703 0.02613  0.04356  -0.01792 288 SER A OG  
175 N N   . GLY A 24 ? 0.26295 0.28433 0.32066 0.02437  -0.02909 0.01215  289 GLY A N   
176 C CA  . GLY A 24 ? 0.29945 0.32593 0.30413 0.00944  -0.04646 -0.00451 289 GLY A CA  
177 C C   . GLY A 24 ? 0.29040 0.38203 0.26718 -0.02482 -0.03677 -0.01965 289 GLY A C   
178 O O   . GLY A 24 ? 0.37619 0.44310 0.27335 -0.04961 -0.06378 -0.02334 289 GLY A O   
179 N N   A VAL A 25 ? 0.24472 0.36911 0.27171 -0.02453 -0.02179 -0.02108 290 VAL A N   
180 N N   B VAL A 25 ? 0.21114 0.38441 0.26326 -0.04258 -0.00072 -0.01146 290 VAL A N   
181 C CA  A VAL A 25 ? 0.22792 0.35697 0.27949 -0.02074 -0.01388 -0.03347 290 VAL A CA  
182 C CA  B VAL A 25 ? 0.21925 0.37851 0.27150 -0.04789 0.01798  -0.02294 290 VAL A CA  
183 C C   A VAL A 25 ? 0.21342 0.35257 0.28293 -0.02105 -0.00755 -0.05249 290 VAL A C   
184 C C   B VAL A 25 ? 0.21883 0.34489 0.27761 -0.03750 0.04984  -0.06071 290 VAL A C   
185 O O   A VAL A 25 ? 0.24977 0.37414 0.27781 -0.02284 -0.03148 -0.06831 290 VAL A O   
186 O O   B VAL A 25 ? 0.25705 0.34047 0.28430 -0.05568 0.07316  -0.09087 290 VAL A O   
187 C CB  A VAL A 25 ? 0.23150 0.34543 0.28730 -0.02175 -0.00384 -0.03033 290 VAL A CB  
188 C CB  B VAL A 25 ? 0.26317 0.39541 0.27452 -0.07975 0.02578  -0.00242 290 VAL A CB  
189 C CG1 A VAL A 25 ? 0.24002 0.33746 0.29973 -0.01991 0.00394  -0.02575 290 VAL A CG1 
190 C CG1 B VAL A 25 ? 0.30687 0.39617 0.27014 -0.08771 0.04496  0.00179  290 VAL A CG1 
191 C CG2 A VAL A 25 ? 0.21144 0.35255 0.27870 -0.02244 -0.00256 -0.03253 290 VAL A CG2 
192 C CG2 B VAL A 25 ? 0.25510 0.41546 0.28472 -0.09248 -0.00104 0.00101  290 VAL A CG2 
193 N N   . THR A 26 ? 0.20891 0.32163 0.28585 -0.02667 0.02945  -0.04892 291 THR A N   
194 C CA  . THR A 26 ? 0.20523 0.25100 0.31943 0.02240  0.01875  -0.05670 291 THR A CA  
195 C C   . THR A 26 ? 0.18051 0.21383 0.28170 0.02875  -0.00054 -0.05326 291 THR A C   
196 O O   . THR A 26 ? 0.20040 0.18193 0.28370 0.02379  0.01489  -0.04728 291 THR A O   
197 C CB  . THR A 26 ? 0.21181 0.22663 0.37027 0.04022  0.00914  -0.05456 291 THR A CB  
198 O OG1 . THR A 26 ? 0.17570 0.25907 0.43528 0.03220  -0.03524 -0.03880 291 THR A OG1 
199 C CG2 . THR A 26 ? 0.28530 0.23811 0.35094 0.02444  0.00167  -0.05609 291 THR A CG2 
200 N N   . ALA A 27 ? 0.18038 0.22877 0.26303 -0.00334 -0.02408 -0.03967 292 ALA A N   
201 C CA  . ALA A 27 ? 0.21345 0.17489 0.23957 0.00340  -0.02743 -0.05228 292 ALA A CA  
202 C C   . ALA A 27 ? 0.17638 0.17158 0.24486 0.02376  -0.04890 -0.03221 292 ALA A C   
203 O O   . ALA A 27 ? 0.23610 0.19853 0.21622 0.00168  -0.02971 -0.02763 292 ALA A O   
204 C CB  . ALA A 27 ? 0.24876 0.17569 0.21030 -0.00917 -0.02382 -0.06251 292 ALA A CB  
205 N N   . ALA A 28 ? 0.27168 0.16975 0.25549 0.03380  -0.09335 -0.03730 293 ALA A N   
206 C CA  . ALA A 28 ? 0.25762 0.18949 0.28795 0.02106  -0.07733 -0.01689 293 ALA A CA  
207 C C   . ALA A 28 ? 0.26870 0.16248 0.24648 -0.01067 -0.05423 -0.01958 293 ALA A C   
208 O O   . ALA A 28 ? 0.25243 0.18131 0.22786 -0.02976 -0.04963 -0.02358 293 ALA A O   
209 C CB  . ALA A 28 ? 0.23311 0.23703 0.32730 0.03406  -0.06522 -0.02374 293 ALA A CB  
210 N N   . PRO A 29 ? 0.29987 0.19260 0.23559 -0.04209 -0.08096 0.00099  294 PRO A N   
211 C CA  . PRO A 29 ? 0.23202 0.20068 0.21311 -0.05179 -0.05773 0.00080  294 PRO A CA  
212 C C   . PRO A 29 ? 0.16994 0.18237 0.20869 -0.02175 -0.03371 -0.01452 294 PRO A C   
213 O O   . PRO A 29 ? 0.19507 0.16827 0.23783 0.00892  -0.04481 0.00298  294 PRO A O   
214 C CB  . PRO A 29 ? 0.30557 0.23738 0.21729 -0.07406 -0.06101 0.00048  294 PRO A CB  
215 C CG  . PRO A 29 ? 0.37181 0.23399 0.22886 -0.09397 -0.06461 0.01291  294 PRO A CG  
216 C CD  . PRO A 29 ? 0.38601 0.18319 0.23689 -0.05641 -0.06092 -0.00823 294 PRO A CD  
217 N N   . VAL A 30 ? 0.20584 0.15951 0.20985 -0.01977 -0.02427 -0.01852 295 VAL A N   
218 C CA  . VAL A 30 ? 0.18193 0.15269 0.19056 -0.02075 0.00916  -0.01961 295 VAL A CA  
219 C C   . VAL A 30 ? 0.13730 0.16144 0.22421 0.01420  -0.00837 -0.02912 295 VAL A C   
220 O O   . VAL A 30 ? 0.17288 0.22660 0.25133 0.03487  -0.02223 -0.05559 295 VAL A O   
221 C CB  . VAL A 30 ? 0.20552 0.15014 0.19901 0.00429  -0.01718 -0.01150 295 VAL A CB  
222 C CG1 . VAL A 30 ? 0.18617 0.16521 0.21928 -0.02974 0.00534  -0.00095 295 VAL A CG1 
223 C CG2 . VAL A 30 ? 0.24838 0.20307 0.19549 0.00435  -0.02731 -0.02349 295 VAL A CG2 
224 N N   . PHE A 31 ? 0.16441 0.16447 0.18221 0.00097  0.00498  -0.03981 296 PHE A N   
225 C CA  . PHE A 31 ? 0.15875 0.18710 0.15191 -0.00748 0.02801  -0.04283 296 PHE A CA  
226 C C   . PHE A 31 ? 0.15586 0.19783 0.15808 0.00927  0.01379  -0.04590 296 PHE A C   
227 O O   . PHE A 31 ? 0.17343 0.18358 0.16948 0.01281  0.01683  -0.04355 296 PHE A O   
228 C CB  . PHE A 31 ? 0.17968 0.19827 0.16949 -0.01619 0.05179  -0.02684 296 PHE A CB  
229 C CG  . PHE A 31 ? 0.19065 0.19940 0.16869 -0.00133 0.04912  -0.02881 296 PHE A CG  
230 C CD1 . PHE A 31 ? 0.23665 0.17247 0.17708 0.00606  0.06852  -0.01266 296 PHE A CD1 
231 C CD2 . PHE A 31 ? 0.20923 0.20538 0.18198 0.01002  0.03168  -0.00330 296 PHE A CD2 
232 C CE1 . PHE A 31 ? 0.29531 0.20504 0.15764 -0.00323 0.03610  -0.01307 296 PHE A CE1 
233 C CE2 . PHE A 31 ? 0.23230 0.18244 0.18412 0.00699  0.04455  0.02063  296 PHE A CE2 
234 C CZ  . PHE A 31 ? 0.26617 0.19152 0.14903 -0.00054 0.04246  0.00479  296 PHE A CZ  
235 N N   . ILE A 32 ? 0.19443 0.19414 0.14625 -0.01662 0.00382  -0.03792 297 ILE A N   
236 C CA  . ILE A 32 ? 0.21199 0.18060 0.15831 -0.01994 0.01734  -0.04389 297 ILE A CA  
237 C C   . ILE A 32 ? 0.19701 0.22452 0.15883 -0.00887 0.02854  -0.04677 297 ILE A C   
238 O O   . ILE A 32 ? 0.21937 0.29046 0.19153 0.00145  0.03734  -0.01801 297 ILE A O   
239 C CB  . ILE A 32 ? 0.24000 0.17751 0.18265 -0.02165 0.02551  -0.02120 297 ILE A CB  
240 C CG1 . ILE A 32 ? 0.28900 0.20170 0.23187 -0.00913 -0.01303 0.01083  297 ILE A CG1 
241 C CG2 . ILE A 32 ? 0.25037 0.17872 0.21698 -0.03414 0.01170  -0.00842 297 ILE A CG2 
242 C CD1 . ILE A 32 ? 0.35238 0.22790 0.26591 -0.00969 -0.03150 0.01077  297 ILE A CD1 
243 N N   . SER A 33 ? 0.18584 0.22681 0.14621 -0.03970 0.01633  -0.04558 298 SER A N   
244 C CA  . SER A 33 ? 0.20174 0.22368 0.15569 -0.03271 0.02704  -0.05489 298 SER A CA  
245 C C   . SER A 33 ? 0.18804 0.25876 0.13562 -0.03839 0.02457  -0.06634 298 SER A C   
246 O O   . SER A 33 ? 0.23091 0.28928 0.15563 -0.05279 0.03196  -0.05461 298 SER A O   
247 C CB  . SER A 33 ? 0.26742 0.25082 0.19446 0.00026  0.00508  -0.03058 298 SER A CB  
248 O OG  . SER A 33 ? 0.31926 0.30308 0.23483 0.00938  -0.01802 -0.00818 298 SER A OG  
249 N N   . SER A 34 ? 0.23370 0.26144 0.14585 -0.06611 0.01459  -0.07431 299 SER A N   
250 C CA  . SER A 34 ? 0.27926 0.26259 0.18816 -0.07888 0.00298  -0.06659 299 SER A CA  
251 C C   . SER A 34 ? 0.23540 0.29248 0.16902 -0.09776 0.03548  -0.06837 299 SER A C   
252 O O   . SER A 34 ? 0.26272 0.32950 0.17730 -0.09502 0.03838  -0.05646 299 SER A O   
253 C CB  . SER A 34 ? 0.33906 0.26775 0.22316 -0.07019 -0.03537 -0.04862 299 SER A CB  
254 O OG  . SER A 34 ? 0.40393 0.26675 0.23596 -0.05973 -0.04198 -0.05451 299 SER A OG  
255 N N   . VAL A 35 ? 0.21199 0.28063 0.16836 -0.06469 0.03661  -0.08743 300 VAL A N   
256 C CA  . VAL A 35 ? 0.20836 0.24735 0.20363 -0.03234 0.02748  -0.08712 300 VAL A CA  
257 C C   . VAL A 35 ? 0.19423 0.21900 0.20674 -0.04219 0.01921  -0.06982 300 VAL A C   
258 O O   . VAL A 35 ? 0.26144 0.27065 0.19282 -0.07281 0.01700  -0.06906 300 VAL A O   
259 C CB  . VAL A 35 ? 0.23154 0.21838 0.26888 -0.01855 0.06341  -0.07383 300 VAL A CB  
260 C CG1 . VAL A 35 ? 0.27257 0.20954 0.30848 -0.03459 0.04931  -0.05110 300 VAL A CG1 
261 C CG2 . VAL A 35 ? 0.24465 0.24819 0.27656 -0.01446 0.05543  -0.07387 300 VAL A CG2 
262 N N   . VAL A 36 ? 0.15788 0.19051 0.21651 -0.01044 0.00384  -0.07043 301 VAL A N   
263 C CA  . VAL A 36 ? 0.12965 0.23885 0.22448 -0.01457 0.01165  -0.08043 301 VAL A CA  
264 C C   . VAL A 36 ? 0.17401 0.23026 0.27710 0.00467  0.02161  -0.07414 301 VAL A C   
265 O O   . VAL A 36 ? 0.20587 0.23307 0.29840 0.00738  0.01030  -0.03720 301 VAL A O   
266 C CB  . VAL A 36 ? 0.15912 0.23435 0.22688 -0.01030 0.02444  -0.09535 301 VAL A CB  
267 C CG1 . VAL A 36 ? 0.16934 0.22664 0.26098 -0.01417 -0.00322 -0.09002 301 VAL A CG1 
268 C CG2 . VAL A 36 ? 0.14586 0.28075 0.25821 -0.00482 0.01812  -0.08825 301 VAL A CG2 
269 N N   A ARG A 37 ? 0.12641 0.24302 0.28569 -0.00166 0.03028  -0.08744 302 ARG A N   
270 N N   B ARG A 37 ? 0.14835 0.24058 0.28917 -0.00253 0.03676  -0.08234 302 ARG A N   
271 C CA  A ARG A 37 ? 0.14999 0.27262 0.30691 -0.01065 0.03206  -0.10077 302 ARG A CA  
272 C CA  B ARG A 37 ? 0.18631 0.26664 0.31399 -0.01209 0.03986  -0.08888 302 ARG A CA  
273 C C   A ARG A 37 ? 0.12909 0.27188 0.33327 -0.01354 0.02063  -0.08695 302 ARG A C   
274 C C   B ARG A 37 ? 0.15036 0.26961 0.33390 -0.01426 0.02580  -0.08196 302 ARG A C   
275 O O   A ARG A 37 ? 0.15782 0.26140 0.32724 -0.01109 0.03785  -0.09476 302 ARG A O   
276 O O   B ARG A 37 ? 0.16795 0.26568 0.32577 -0.01537 0.04340  -0.08655 302 ARG A O   
277 C CB  A ARG A 37 ? 0.17981 0.30642 0.33756 -0.01097 0.03853  -0.11042 302 ARG A CB  
278 C CB  B ARG A 37 ? 0.25161 0.29224 0.34358 -0.01406 0.05233  -0.08849 302 ARG A CB  
279 C CG  A ARG A 37 ? 0.19422 0.35140 0.37422 0.01178  0.03996  -0.12010 302 ARG A CG  
280 C CG  B ARG A 37 ? 0.30668 0.31513 0.37516 0.00224  0.06092  -0.08856 302 ARG A CG  
281 C CD  A ARG A 37 ? 0.27515 0.42988 0.39953 0.01376  0.04019  -0.11525 302 ARG A CD  
282 C CD  B ARG A 37 ? 0.39969 0.35027 0.40842 -0.00748 0.06022  -0.07484 302 ARG A CD  
283 N NE  A ARG A 37 ? 0.34113 0.48077 0.42279 0.00398  0.03594  -0.10831 302 ARG A NE  
284 N NE  B ARG A 37 ? 0.49271 0.37431 0.42907 -0.01752 0.05258  -0.06986 302 ARG A NE  
285 C CZ  A ARG A 37 ? 0.43649 0.50242 0.45026 -0.01353 0.00999  -0.09544 302 ARG A CZ  
286 C CZ  B ARG A 37 ? 0.54603 0.38712 0.43546 -0.02591 0.06420  -0.07168 302 ARG A CZ  
287 N NH1 A ARG A 37 ? 0.48718 0.51242 0.46894 -0.01339 0.01093  -0.09245 302 ARG A NH1 
288 N NH1 B ARG A 37 ? 0.56774 0.37704 0.43508 -0.02770 0.06674  -0.08207 302 ARG A NH1 
289 N NH2 A ARG A 37 ? 0.40589 0.49675 0.44551 -0.00776 0.00604  -0.09714 302 ARG A NH2 
290 N NH2 B ARG A 37 ? 0.56834 0.40373 0.45202 -0.04357 0.05649  -0.05762 302 ARG A NH2 
291 N N   . ASN A 38 ? 0.15712 0.25569 0.33808 -0.00022 0.00637  -0.09474 303 ASN A N   
292 C CA  . ASN A 38 ? 0.16553 0.28504 0.33898 -0.02170 0.00547  -0.08867 303 ASN A CA  
293 C C   . ASN A 38 ? 0.17609 0.29406 0.34442 -0.01725 -0.02319 -0.08930 303 ASN A C   
294 O O   . ASN A 38 ? 0.18828 0.27647 0.36068 0.00147  0.00566  -0.08034 303 ASN A O   
295 C CB  . ASN A 38 ? 0.18909 0.29297 0.37472 -0.00710 0.03167  -0.08414 303 ASN A CB  
296 C CG  . ASN A 38 ? 0.16194 0.34223 0.39115 -0.02035 0.04013  -0.07750 303 ASN A CG  
297 O OD1 . ASN A 38 ? 0.18548 0.32947 0.40624 -0.00859 0.03916  -0.07321 303 ASN A OD1 
298 N ND2 . ASN A 38 ? 0.16508 0.37505 0.38045 -0.01980 0.04336  -0.08786 303 ASN A ND2 
299 N N   . GLN A 39 ? 0.14882 0.30121 0.31046 -0.01258 0.00606  -0.11687 304 GLN A N   
300 C CA  . GLN A 39 ? 0.19411 0.29572 0.32457 -0.01820 -0.00866 -0.13508 304 GLN A CA  
301 C C   . GLN A 39 ? 0.20968 0.23825 0.38828 -0.02128 -0.01406 -0.10439 304 GLN A C   
302 O O   . GLN A 39 ? 0.26150 0.24873 0.42318 -0.03552 -0.02185 -0.10810 304 GLN A O   
303 C CB  . GLN A 39 ? 0.19064 0.35554 0.32846 -0.05073 -0.01138 -0.12864 304 GLN A CB  
304 C CG  . GLN A 39 ? 0.17198 0.41051 0.33504 -0.05647 0.00891  -0.13791 304 GLN A CG  
305 C CD  . GLN A 39 ? 0.18809 0.48399 0.35927 -0.07327 0.04594  -0.14188 304 GLN A CD  
306 O OE1 . GLN A 39 ? 0.24893 0.50842 0.39390 -0.06837 0.07718  -0.14839 304 GLN A OE1 
307 N NE2 . GLN A 39 ? 0.23904 0.51891 0.34434 -0.05375 0.03840  -0.14339 304 GLN A NE2 
308 N N   . GLN A 40 ? 0.20588 0.20631 0.36186 -0.02104 -0.03583 -0.08279 305 GLN A N   
309 C CA  . GLN A 40 ? 0.20306 0.25166 0.30912 -0.00879 -0.06160 -0.05685 305 GLN A CA  
310 C C   . GLN A 40 ? 0.17150 0.20942 0.28193 -0.00065 -0.02238 -0.07492 305 GLN A C   
311 O O   . GLN A 40 ? 0.18531 0.21092 0.32239 -0.01239 -0.01859 -0.04483 305 GLN A O   
317 N N   . ILE A 41 ? 0.17542 0.22511 0.25499 -0.02274 -0.00718 -0.07508 306 ILE A N   
318 C CA  . ILE A 41 ? 0.21019 0.27644 0.19805 -0.04347 0.00563  -0.07508 306 ILE A CA  
319 C C   . ILE A 41 ? 0.25854 0.28781 0.18361 -0.06161 0.04141  -0.07131 306 ILE A C   
320 O O   . ILE A 41 ? 0.31075 0.29917 0.22385 -0.03800 0.02520  -0.05279 306 ILE A O   
321 C CB  . ILE A 41 ? 0.18828 0.33392 0.21099 -0.00795 -0.00966 -0.05913 306 ILE A CB  
322 C CG1 . ILE A 41 ? 0.22943 0.31978 0.22626 0.02414  0.00600  -0.04938 306 ILE A CG1 
323 C CG2 . ILE A 41 ? 0.20785 0.39259 0.24398 -0.03370 -0.02885 -0.04534 306 ILE A CG2 
324 C CD1 . ILE A 41 ? 0.27069 0.32449 0.22527 0.00336  0.00023  -0.03390 306 ILE A CD1 
325 N N   . LEU A 42 ? 0.23718 0.27997 0.19239 -0.07428 0.03349  -0.08964 307 LEU A N   
326 C CA  . LEU A 42 ? 0.20335 0.26496 0.22035 -0.08330 0.04117  -0.07953 307 LEU A CA  
327 C C   . LEU A 42 ? 0.22363 0.22241 0.20294 -0.07174 0.03663  -0.07374 307 LEU A C   
328 O O   . LEU A 42 ? 0.24159 0.27588 0.18556 -0.09118 0.00753  -0.05637 307 LEU A O   
329 C CB  . LEU A 42 ? 0.23955 0.28268 0.26122 -0.06414 0.05008  -0.07238 307 LEU A CB  
330 C CG  . LEU A 42 ? 0.30009 0.30329 0.26947 -0.06261 0.05596  -0.06577 307 LEU A CG  
331 C CD1 . LEU A 42 ? 0.33585 0.31618 0.26207 -0.06959 0.06164  -0.04504 307 LEU A CD1 
332 C CD2 . LEU A 42 ? 0.31077 0.31645 0.30952 -0.04054 0.02842  -0.06495 307 LEU A CD2 
333 N N   . HIS A 43 ? 0.25375 0.19535 0.21241 -0.02925 0.01960  -0.07731 308 HIS A N   
334 C CA  . HIS A 43 ? 0.21978 0.18509 0.19968 -0.02649 0.04069  -0.06258 308 HIS A CA  
335 C C   . HIS A 43 ? 0.21126 0.20639 0.18176 -0.05415 0.05051  -0.05075 308 HIS A C   
336 O O   . HIS A 43 ? 0.25345 0.21364 0.20148 -0.06049 0.07230  -0.03803 308 HIS A O   
337 C CB  . HIS A 43 ? 0.27029 0.19317 0.20212 -0.00496 0.03523  -0.05331 308 HIS A CB  
338 C CG  . HIS A 43 ? 0.33621 0.21808 0.20989 -0.01105 0.02167  -0.02950 308 HIS A CG  
339 N ND1 . HIS A 43 ? 0.33790 0.23425 0.23496 0.00257  0.01379  -0.02563 308 HIS A ND1 
340 C CD2 . HIS A 43 ? 0.39895 0.23492 0.23285 -0.00553 0.01862  -0.02075 308 HIS A CD2 
341 C CE1 . HIS A 43 ? 0.39823 0.23440 0.24912 -0.00148 0.01022  -0.02022 308 HIS A CE1 
342 N NE2 . HIS A 43 ? 0.41328 0.22652 0.26483 0.01274  0.00149  -0.00980 308 HIS A NE2 
343 N N   A ARG A 44 ? 0.17120 0.20001 0.16485 -0.03079 0.02412  -0.06203 309 ARG A N   
344 N N   B ARG A 44 ? 0.21753 0.19248 0.16826 -0.03250 0.02781  -0.06852 309 ARG A N   
345 C CA  A ARG A 44 ? 0.19000 0.21191 0.15452 -0.02923 0.01460  -0.05201 309 ARG A CA  
346 C CA  B ARG A 44 ? 0.20793 0.18182 0.15829 -0.01715 0.01675  -0.07110 309 ARG A CA  
347 C C   A ARG A 44 ? 0.19274 0.21166 0.13490 -0.02796 0.03165  -0.04284 309 ARG A C   
348 C C   B ARG A 44 ? 0.20937 0.18263 0.15661 -0.01609 0.02533  -0.04651 309 ARG A C   
349 O O   A ARG A 44 ? 0.19385 0.21741 0.14870 -0.03344 0.05194  -0.04906 309 ARG A O   
350 O O   B ARG A 44 ? 0.23146 0.18500 0.17931 -0.02080 0.02507  -0.03837 309 ARG A O   
351 C CB  A ARG A 44 ? 0.17554 0.23291 0.18554 -0.03514 0.00129  -0.02492 309 ARG A CB  
352 C CB  B ARG A 44 ? 0.19129 0.16817 0.16861 -0.00422 0.00454  -0.08438 309 ARG A CB  
353 C CG  A ARG A 44 ? 0.20096 0.25180 0.21501 -0.04074 -0.01098 -0.00514 309 ARG A CG  
354 C CG  B ARG A 44 ? 0.19229 0.20676 0.19055 0.01612  0.00189  -0.08344 309 ARG A CG  
355 C CD  A ARG A 44 ? 0.24340 0.31652 0.22536 -0.04462 -0.01973 -0.01672 309 ARG A CD  
356 C CD  B ARG A 44 ? 0.23242 0.25992 0.25042 0.00855  -0.01413 -0.06203 309 ARG A CD  
357 N NE  A ARG A 44 ? 0.19096 0.29668 0.19868 -0.01728 0.00623  -0.04575 309 ARG A NE  
358 N NE  B ARG A 44 ? 0.25734 0.31968 0.31164 0.00245  -0.03730 -0.02693 309 ARG A NE  
359 C CZ  A ARG A 44 ? 0.21888 0.27683 0.18074 0.04274  0.01478  -0.08639 309 ARG A CZ  
360 C CZ  B ARG A 44 ? 0.27385 0.36584 0.31376 -0.01069 -0.03756 -0.02407 309 ARG A CZ  
361 N NH1 A ARG A 44 ? 0.25549 0.30219 0.25188 0.04686  -0.01613 -0.07953 309 ARG A NH1 
362 N NH1 B ARG A 44 ? 0.28030 0.35080 0.32258 0.00374  -0.03703 -0.04157 309 ARG A NH1 
363 N NH2 A ARG A 44 ? 0.26101 0.24771 0.20658 0.03126  0.01282  -0.05577 309 ARG A NH2 
364 N NH2 B ARG A 44 ? 0.24991 0.38570 0.32323 -0.00052 -0.02874 -0.01161 309 ARG A NH2 
365 N N   . VAL A 45 ? 0.19273 0.15352 0.16051 -0.00214 0.02908  -0.01991 310 VAL A N   
366 C CA  . VAL A 45 ? 0.18897 0.14426 0.14447 0.00689  0.00666  -0.01492 310 VAL A CA  
367 C C   . VAL A 45 ? 0.16193 0.15328 0.13759 0.01229  0.01968  -0.02818 310 VAL A C   
368 O O   . VAL A 45 ? 0.16472 0.16920 0.14134 0.02189  0.01149  -0.03493 310 VAL A O   
369 C CB  . VAL A 45 ? 0.22742 0.15211 0.14176 0.00665  0.01023  -0.01485 310 VAL A CB  
370 C CG1 . VAL A 45 ? 0.22685 0.20646 0.16170 0.01453  -0.03284 -0.01105 310 VAL A CG1 
371 C CG2 . VAL A 45 ? 0.25748 0.13068 0.19526 0.04534  0.01812  -0.01620 310 VAL A CG2 
372 N N   . ARG A 46 ? 0.14475 0.12860 0.14973 0.00743  0.00510  -0.00831 311 ARG A N   
373 C CA  . ARG A 46 ? 0.16464 0.14927 0.13153 0.00276  -0.00373 -0.00753 311 ARG A CA  
374 C C   . ARG A 46 ? 0.18052 0.12849 0.16504 0.01352  0.00239  -0.01963 311 ARG A C   
375 O O   . ARG A 46 ? 0.16663 0.16273 0.17428 0.02289  0.00272  -0.01844 311 ARG A O   
376 C CB  . ARG A 46 ? 0.14023 0.20119 0.12743 -0.00170 -0.00840 0.00542  311 ARG A CB  
377 C CG  . ARG A 46 ? 0.14793 0.19263 0.15260 -0.00085 -0.05855 0.01114  311 ARG A CG  
378 C CD  . ARG A 46 ? 0.16538 0.22028 0.15347 0.00850  -0.05780 0.00727  311 ARG A CD  
379 N NE  . ARG A 46 ? 0.16985 0.20333 0.15277 0.03042  -0.04237 -0.02872 311 ARG A NE  
380 C CZ  . ARG A 46 ? 0.21878 0.23883 0.19617 -0.00509 -0.04955 -0.01731 311 ARG A CZ  
381 N NH1 . ARG A 46 ? 0.25887 0.24431 0.23879 -0.00707 -0.05202 0.00919  311 ARG A NH1 
382 N NH2 . ARG A 46 ? 0.23601 0.25913 0.25045 0.00772  -0.06753 -0.01753 311 ARG A NH2 
383 N N   . LEU A 47 ? 0.15754 0.15021 0.16523 -0.00186 -0.01405 -0.01634 312 LEU A N   
384 C CA  . LEU A 47 ? 0.19985 0.17070 0.16475 -0.02255 -0.00360 -0.01374 312 LEU A CA  
385 C C   . LEU A 47 ? 0.16325 0.16370 0.14961 0.00551  0.04183  -0.01226 312 LEU A C   
386 O O   . LEU A 47 ? 0.15414 0.15277 0.20044 0.00780  0.04482  0.00787  312 LEU A O   
387 C CB  . LEU A 47 ? 0.24788 0.24171 0.26243 -0.04472 0.00727  -0.00581 312 LEU A CB  
388 C CG  . LEU A 47 ? 0.18813 0.23836 0.29147 0.00970  0.04243  -0.03509 312 LEU A CG  
389 C CD1 . LEU A 47 ? 0.29130 0.26556 0.35212 0.00830  0.02025  -0.05221 312 LEU A CD1 
390 C CD2 . LEU A 47 ? 0.36242 0.27595 0.35545 -0.00952 0.02251  0.03111  312 LEU A CD2 
391 N N   . GLY A 48 ? 0.18068 0.14660 0.17152 0.01037  0.02257  0.00495  313 GLY A N   
392 C CA  . GLY A 48 ? 0.17797 0.16362 0.18760 0.01478  0.03378  0.02929  313 GLY A CA  
393 C C   . GLY A 48 ? 0.16025 0.22405 0.20064 0.01534  0.03454  0.04489  313 GLY A C   
394 O O   . GLY A 48 ? 0.20114 0.21614 0.25221 0.05355  0.04450  0.05151  313 GLY A O   
395 N N   . PRO A 49 ? 0.14965 0.23150 0.18676 0.01283  0.05235  0.02209  314 PRO A N   
396 C CA  . PRO A 49 ? 0.18653 0.20826 0.16137 0.02148  0.03486  0.01123  314 PRO A CA  
397 C C   . PRO A 49 ? 0.15011 0.22837 0.19344 0.01057  0.02362  0.00299  314 PRO A C   
398 O O   . PRO A 49 ? 0.16074 0.29687 0.20724 0.01858  0.03164  -0.00369 314 PRO A O   
399 C CB  . PRO A 49 ? 0.18595 0.20909 0.17682 0.00399  0.03769  0.03426  314 PRO A CB  
400 C CG  . PRO A 49 ? 0.19661 0.21619 0.21476 -0.01115 0.04689  0.04514  314 PRO A CG  
401 C CD  . PRO A 49 ? 0.16707 0.23594 0.21205 0.00962  0.05495  0.03682  314 PRO A CD  
402 N N   . ILE A 50 ? 0.14002 0.20468 0.18769 0.01996  0.01222  0.01468  315 ILE A N   
403 C CA  . ILE A 50 ? 0.16536 0.20320 0.18075 -0.00828 0.02325  0.00215  315 ILE A CA  
404 C C   . ILE A 50 ? 0.17164 0.20250 0.18106 -0.01317 -0.00454 0.00355  315 ILE A C   
405 O O   . ILE A 50 ? 0.19963 0.19235 0.18389 0.00392  -0.02453 0.00500  315 ILE A O   
406 C CB  . ILE A 50 ? 0.19196 0.19422 0.19240 -0.00609 0.05637  0.01903  315 ILE A CB  
407 C CG1 . ILE A 50 ? 0.26516 0.18960 0.26452 0.00639  0.08047  0.02949  315 ILE A CG1 
408 C CG2 . ILE A 50 ? 0.20102 0.24150 0.14597 -0.00134 0.02140  -0.00766 315 ILE A CG2 
409 C CD1 . ILE A 50 ? 0.28865 0.26078 0.31714 -0.00123 0.06897  0.05944  315 ILE A CD1 
410 N N   . GLY A 51 ? 0.15218 0.18093 0.19607 -0.00360 -0.01230 0.00036  316 GLY A N   
411 C CA  . GLY A 51 ? 0.16724 0.17096 0.22236 -0.00014 -0.01248 0.01547  316 GLY A CA  
412 C C   . GLY A 51 ? 0.17743 0.18709 0.23240 0.00128  -0.00488 0.00930  316 GLY A C   
413 O O   . GLY A 51 ? 0.22073 0.18494 0.24805 0.00581  0.00577  0.02517  316 GLY A O   
414 N N   . SER A 52 ? 0.14030 0.19591 0.21375 0.00779  0.01808  -0.01125 317 SER A N   
415 C CA  . SER A 52 ? 0.14542 0.17967 0.23532 0.00663  0.00958  -0.00497 317 SER A CA  
416 C C   . SER A 52 ? 0.13208 0.18005 0.20760 0.01300  0.00097  0.00281  317 SER A C   
417 O O   . SER A 52 ? 0.14891 0.17483 0.18961 0.00662  0.00517  0.00217  317 SER A O   
418 C CB  . SER A 52 ? 0.19522 0.18734 0.22315 -0.00077 0.02115  -0.01583 317 SER A CB  
419 O OG  . SER A 52 ? 0.17551 0.22394 0.19949 -0.03425 0.01778  -0.01601 317 SER A OG  
420 N N   . ALA A 53 ? 0.12508 0.20866 0.23359 0.01109  0.01414  0.00703  318 ALA A N   
421 C CA  . ALA A 53 ? 0.14071 0.21761 0.24834 0.02203  0.00458  0.00289  318 ALA A CA  
422 C C   . ALA A 53 ? 0.14877 0.19503 0.24297 0.03222  0.00499  -0.03432 318 ALA A C   
423 O O   . ALA A 53 ? 0.13685 0.20141 0.24600 0.01266  -0.00311 -0.01815 318 ALA A O   
424 C CB  . ALA A 53 ? 0.15070 0.24245 0.27934 0.02054  -0.00620 0.03341  318 ALA A CB  
425 N N   . ASP A 54 ? 0.15607 0.21680 0.21966 0.03372  0.03185  -0.07390 319 ASP A N   
426 C CA  . ASP A 54 ? 0.21228 0.22408 0.22612 0.00930  0.03684  -0.08986 319 ASP A CA  
427 C C   . ASP A 54 ? 0.14409 0.23033 0.20251 -0.00875 0.03554  -0.05796 319 ASP A C   
428 O O   . ASP A 54 ? 0.15268 0.22332 0.20860 0.01038  0.03052  -0.04568 319 ASP A O   
429 C CB  . ASP A 54 ? 0.27168 0.21676 0.30192 0.04138  0.03365  -0.11436 319 ASP A CB  
430 C CG  . ASP A 54 ? 0.41985 0.28204 0.39916 0.03334  0.00337  -0.09491 319 ASP A CG  
431 O OD1 . ASP A 54 ? 0.45388 0.31632 0.46043 0.05686  -0.00876 -0.09045 319 ASP A OD1 
432 O OD2 . ASP A 54 ? 0.57299 0.28388 0.44696 0.02487  -0.02506 -0.10019 319 ASP A OD2 
433 N N   . GLU A 55 ? 0.11978 0.20519 0.19298 0.00572  0.01506  -0.05011 320 GLU A N   
434 C CA  . GLU A 55 ? 0.11389 0.18022 0.18059 0.01425  0.01430  -0.03474 320 GLU A CA  
435 C C   . GLU A 55 ? 0.11633 0.19746 0.15132 0.00415  -0.01057 -0.02189 320 GLU A C   
436 O O   . GLU A 55 ? 0.11332 0.20409 0.16597 -0.00035 0.00773  0.00383  320 GLU A O   
437 C CB  . GLU A 55 ? 0.11750 0.18328 0.20486 0.00992  0.01722  -0.02228 320 GLU A CB  
438 C CG  . GLU A 55 ? 0.09669 0.20011 0.22534 0.01924  0.03492  -0.00914 320 GLU A CG  
439 C CD  . GLU A 55 ? 0.13408 0.20694 0.24308 0.01795  0.02128  -0.00829 320 GLU A CD  
440 O OE1 . GLU A 55 ? 0.13793 0.23673 0.23446 0.00288  0.01703  -0.00159 320 GLU A OE1 
441 O OE2 . GLU A 55 ? 0.13475 0.21860 0.26421 0.03087  0.02264  0.00383  320 GLU A OE2 
442 N N   . VAL A 56 ? 0.11266 0.20956 0.14665 -0.00499 0.00610  -0.01436 321 VAL A N   
443 C CA  . VAL A 56 ? 0.09526 0.17756 0.18040 0.00316  -0.01938 -0.00212 321 VAL A CA  
444 C C   . VAL A 56 ? 0.09779 0.21288 0.18869 0.00015  0.01545  -0.00467 321 VAL A C   
445 O O   . VAL A 56 ? 0.13313 0.19570 0.17905 0.00671  0.00262  0.00447  321 VAL A O   
446 C CB  . VAL A 56 ? 0.10479 0.18657 0.16303 -0.01385 -0.02125 0.00929  321 VAL A CB  
447 C CG1 . VAL A 56 ? 0.14270 0.19465 0.16851 0.00686  -0.02029 0.01438  321 VAL A CG1 
448 C CG2 . VAL A 56 ? 0.14910 0.17713 0.17043 -0.01523 0.01424  0.01624  321 VAL A CG2 
449 N N   . SER A 57 ? 0.13376 0.19873 0.16941 0.01226  0.02451  -0.01726 322 SER A N   
450 C CA  A SER A 57 ? 0.12419 0.20283 0.18695 0.02171  0.06055  -0.01582 322 SER A CA  
451 C CA  B SER A 57 ? 0.15456 0.20465 0.17533 0.01030  0.04084  -0.01690 322 SER A CA  
452 C CA  C SER A 57 ? 0.15179 0.21507 0.17250 0.00981  0.03283  -0.01603 322 SER A CA  
453 C C   . SER A 57 ? 0.14064 0.20305 0.17330 0.00113  0.03738  -0.00993 322 SER A C   
454 O O   . SER A 57 ? 0.15485 0.20663 0.15950 -0.00118 0.02294  -0.02114 322 SER A O   
455 C CB  A SER A 57 ? 0.15373 0.24673 0.22732 0.01239  0.09125  0.00117  322 SER A CB  
456 C CB  B SER A 57 ? 0.19023 0.23005 0.18437 0.00968  0.05269  -0.01261 322 SER A CB  
457 C CB  C SER A 57 ? 0.19761 0.27169 0.18431 -0.00575 0.01625  -0.00107 322 SER A CB  
458 O OG  A SER A 57 ? 0.19355 0.25719 0.24502 0.02126  0.06781  0.00550  322 SER A OG  
459 O OG  B SER A 57 ? 0.21254 0.24811 0.17727 0.01717  0.05631  -0.01656 322 SER A OG  
460 O OG  C SER A 57 ? 0.23222 0.31586 0.17712 -0.01443 -0.01945 0.01293  322 SER A OG  
461 N N   . ARG A 58 ? 0.13569 0.19488 0.15307 -0.01499 0.03689  -0.01832 323 ARG A N   
462 C CA  . ARG A 58 ? 0.15533 0.19332 0.14340 -0.01901 0.03962  -0.01640 323 ARG A CA  
463 C C   . ARG A 58 ? 0.13676 0.18327 0.14198 0.00151  0.02321  -0.00236 323 ARG A C   
464 O O   . ARG A 58 ? 0.18112 0.19492 0.16654 -0.00994 0.01045  0.01356  323 ARG A O   
465 C CB  . ARG A 58 ? 0.19629 0.20280 0.19995 -0.01878 0.03617  -0.02844 323 ARG A CB  
466 C CG  . ARG A 58 ? 0.24130 0.23954 0.25825 -0.03232 -0.00078 -0.03540 323 ARG A CG  
467 C CD  . ARG A 58 ? 0.33875 0.25254 0.27308 -0.05938 -0.00361 -0.04065 323 ARG A CD  
468 N NE  . ARG A 58 ? 0.35950 0.27743 0.33615 -0.05895 -0.03235 -0.02386 323 ARG A NE  
469 C CZ  . ARG A 58 ? 0.36251 0.26999 0.34479 -0.01055 -0.03172 -0.05131 323 ARG A CZ  
470 N NH1 . ARG A 58 ? 0.30717 0.31819 0.33608 -0.04024 -0.03207 -0.01760 323 ARG A NH1 
471 N NH2 . ARG A 58 ? 0.36907 0.29252 0.36234 0.01561  -0.00612 -0.07145 323 ARG A NH2 
472 N N   . THR A 59 ? 0.13467 0.21203 0.13064 0.00681  0.02066  -0.02126 324 THR A N   
473 C CA  . THR A 59 ? 0.13631 0.20107 0.11925 -0.00160 0.01458  -0.00275 324 THR A CA  
474 C C   . THR A 59 ? 0.11081 0.19605 0.15554 0.01144  0.01063  0.00760  324 THR A C   
475 O O   . THR A 59 ? 0.17054 0.19972 0.13676 0.02202  0.02607  0.00708  324 THR A O   
476 C CB  . THR A 59 ? 0.13146 0.19778 0.13628 0.01185  0.01723  -0.01248 324 THR A CB  
477 O OG1 . THR A 59 ? 0.15550 0.21146 0.17902 -0.01834 0.02031  0.00492  324 THR A OG1 
478 C CG2 . THR A 59 ? 0.14764 0.18841 0.16405 0.02431  0.01915  -0.02494 324 THR A CG2 
479 N N   . GLN A 60 ? 0.11243 0.21652 0.12735 0.00265  0.00972  -0.01744 325 GLN A N   
480 C CA  . GLN A 60 ? 0.10656 0.24044 0.14502 -0.01376 0.02992  -0.00404 325 GLN A CA  
481 C C   . GLN A 60 ? 0.17333 0.20752 0.14170 -0.00329 0.04417  -0.01303 325 GLN A C   
482 O O   . GLN A 60 ? 0.19148 0.18588 0.16050 -0.01551 0.02703  -0.01069 325 GLN A O   
483 C CB  . GLN A 60 ? 0.12396 0.24239 0.15027 0.00406  0.04003  -0.02976 325 GLN A CB  
484 C CG  . GLN A 60 ? 0.13343 0.24374 0.18308 0.00785  0.01672  -0.03364 325 GLN A CG  
485 C CD  . GLN A 60 ? 0.12019 0.25916 0.22979 0.03084  0.01838  -0.06083 325 GLN A CD  
486 O OE1 . GLN A 60 ? 0.19645 0.25951 0.27394 0.03405  -0.02099 -0.04802 325 GLN A OE1 
487 N NE2 . GLN A 60 ? 0.19921 0.28175 0.26184 0.05108  -0.00938 -0.08482 325 GLN A NE2 
488 N N   . ASP A 61 ? 0.17328 0.19349 0.13234 0.00199  0.03418  -0.02046 326 ASP A N   
489 C CA  . ASP A 61 ? 0.20669 0.22119 0.12161 -0.00718 0.03747  -0.01630 326 ASP A CA  
490 C C   . ASP A 61 ? 0.18774 0.23133 0.12855 -0.00165 0.04024  0.00710  326 ASP A C   
491 O O   . ASP A 61 ? 0.24714 0.22494 0.12753 -0.01610 0.04108  0.01017  326 ASP A O   
492 C CB  . ASP A 61 ? 0.22099 0.20322 0.16238 -0.02223 0.06634  -0.03200 326 ASP A CB  
493 C CG  . ASP A 61 ? 0.27437 0.24598 0.20226 -0.02978 0.06220  -0.04542 326 ASP A CG  
494 O OD1 . ASP A 61 ? 0.24496 0.28192 0.23336 -0.01227 0.05735  -0.04010 326 ASP A OD1 
495 O OD2 . ASP A 61 ? 0.35748 0.23270 0.26702 -0.01612 0.05517  -0.05089 326 ASP A OD2 
496 N N   . SER A 62 ? 0.18242 0.21135 0.11683 0.00651  0.01563  0.00266  327 SER A N   
497 C CA  A SER A 62 ? 0.19820 0.24083 0.15901 -0.01605 -0.00986 0.01085  327 SER A CA  
498 C CA  B SER A 62 ? 0.20962 0.21932 0.12890 -0.00139 0.00743  0.00600  327 SER A CA  
499 C C   . SER A 62 ? 0.20734 0.20882 0.15022 -0.01466 0.02467  0.01488  327 SER A C   
500 O O   . SER A 62 ? 0.25534 0.21614 0.15365 -0.00179 0.03885  0.02515  327 SER A O   
501 C CB  A SER A 62 ? 0.23274 0.25871 0.18645 -0.02013 -0.01483 0.00607  327 SER A CB  
502 C CB  B SER A 62 ? 0.23715 0.21977 0.11112 0.01540  0.01217  0.00107  327 SER A CB  
503 O OG  A SER A 62 ? 0.26925 0.29182 0.24822 -0.04110 -0.04597 0.01365  327 SER A OG  
504 O OG  B SER A 62 ? 0.26922 0.22893 0.11687 0.02134  -0.00102 0.00464  327 SER A OG  
505 N N   . ILE A 63 ? 0.17828 0.19328 0.14836 0.00796  0.02956  -0.01130 328 ILE A N   
506 C CA  . ILE A 63 ? 0.19879 0.18191 0.15555 -0.00778 0.03144  0.00508  328 ILE A CA  
507 C C   . ILE A 63 ? 0.21241 0.16500 0.17547 0.00518  0.04456  0.01360  328 ILE A C   
508 O O   . ILE A 63 ? 0.23810 0.19059 0.16260 -0.00269 0.07006  0.03020  328 ILE A O   
509 C CB  . ILE A 63 ? 0.18677 0.19272 0.15669 -0.00332 0.03121  0.00048  328 ILE A CB  
510 C CG1 . ILE A 63 ? 0.17208 0.20160 0.16244 0.00860  0.05096  0.02617  328 ILE A CG1 
511 C CG2 . ILE A 63 ? 0.24517 0.19180 0.17291 -0.02247 0.02786  -0.01636 328 ILE A CG2 
512 C CD1 . ILE A 63 ? 0.25347 0.22586 0.13982 0.01750  0.02760  0.01400  328 ILE A CD1 
513 N N   . ARG A 64 ? 0.17680 0.19518 0.16571 -0.00234 0.04184  0.00252  329 ARG A N   
514 C CA  . ARG A 64 ? 0.21644 0.21990 0.18735 0.01040  0.04521  0.01730  329 ARG A CA  
515 C C   . ARG A 64 ? 0.24057 0.20900 0.17897 0.03129  0.05076  0.02864  329 ARG A C   
516 O O   . ARG A 64 ? 0.24001 0.21895 0.18448 0.01793  0.07350  0.04001  329 ARG A O   
517 C CB  . ARG A 64 ? 0.20136 0.23834 0.17633 0.03291  0.03254  -0.00725 329 ARG A CB  
518 C CG  . ARG A 64 ? 0.17126 0.29898 0.17991 0.03667  0.02275  0.00920  329 ARG A CG  
519 C CD  . ARG A 64 ? 0.20918 0.40552 0.17598 0.03832  -0.00860 -0.00154 329 ARG A CD  
520 N NE  . ARG A 64 ? 0.28291 0.48171 0.19474 0.03352  0.02346  -0.01904 329 ARG A NE  
521 C CZ  . ARG A 64 ? 0.28941 0.54325 0.23212 0.00017  0.02232  -0.03608 329 ARG A CZ  
522 N NH1 . ARG A 64 ? 0.24602 0.55905 0.27904 -0.02107 0.03611  -0.05293 329 ARG A NH1 
523 N NH2 . ARG A 64 ? 0.32498 0.59121 0.23630 -0.01298 0.00224  -0.02840 329 ARG A NH2 
524 N N   . VAL A 65 ? 0.25829 0.23160 0.12039 0.04138  0.05605  0.02702  330 VAL A N   
525 C CA  . VAL A 65 ? 0.24760 0.24501 0.11987 0.03864  0.06062  0.03474  330 VAL A CA  
526 C C   . VAL A 65 ? 0.27287 0.24053 0.13703 0.03972  0.05809  0.02678  330 VAL A C   
527 O O   . VAL A 65 ? 0.27996 0.26604 0.17027 0.03171  0.06137  0.04731  330 VAL A O   
528 C CB  . VAL A 65 ? 0.27211 0.25252 0.14335 0.04695  0.03413  0.03298  330 VAL A CB  
529 C CG1 . VAL A 65 ? 0.30492 0.26887 0.14144 0.05692  0.01238  0.05476  330 VAL A CG1 
530 C CG2 . VAL A 65 ? 0.27842 0.25582 0.15204 0.05436  0.04294  0.00995  330 VAL A CG2 
531 N N   . ALA A 66 ? 0.22923 0.24150 0.16976 0.06172  0.05071  0.02651  331 ALA A N   
532 C CA  . ALA A 66 ? 0.26290 0.25270 0.20870 0.05661  0.06688  0.03378  331 ALA A CA  
533 C C   . ALA A 66 ? 0.29590 0.21645 0.20578 0.06092  0.10722  0.03416  331 ALA A C   
534 O O   . ALA A 66 ? 0.32740 0.21193 0.23272 0.06763  0.10898  0.06809  331 ALA A O   
535 C CB  . ALA A 66 ? 0.25358 0.27727 0.21201 0.04951  0.08258  0.02295  331 ALA A CB  
536 N N   . ASN A 67 ? 0.28541 0.21172 0.22048 0.02839  0.12584  0.04176  332 ASN A N   
537 C CA  . ASN A 67 ? 0.29581 0.20372 0.28450 0.03500  0.11164  0.04450  332 ASN A CA  
538 C C   . ASN A 67 ? 0.29081 0.20118 0.26170 0.03961  0.10188  0.02391  332 ASN A C   
539 O O   . ASN A 67 ? 0.36720 0.21697 0.26723 0.02214  0.08641  0.01270  332 ASN A O   
540 C CB  . ASN A 67 ? 0.33377 0.25201 0.33608 -0.00291 0.10464  0.07891  332 ASN A CB  
541 C CG  . ASN A 67 ? 0.37502 0.31553 0.40146 -0.02099 0.09334  0.10519  332 ASN A CG  
542 O OD1 . ASN A 67 ? 0.38726 0.36844 0.43049 -0.05970 0.08858  0.11841  332 ASN A OD1 
543 N ND2 . ASN A 67 ? 0.40519 0.35923 0.42878 -0.03500 0.09509  0.11614  332 ASN A ND2 
544 N N   . LEU A 68 ? 0.27312 0.23796 0.24865 0.02467  0.08462  0.02465  333 LEU A N   
545 C CA  . LEU A 68 ? 0.28976 0.28188 0.24293 -0.00748 0.07027  0.00921  333 LEU A CA  
546 C C   . LEU A 68 ? 0.31613 0.35161 0.29889 -0.00453 0.03982  0.00648  333 LEU A C   
547 O O   . LEU A 68 ? 0.30756 0.45142 0.28814 -0.00974 0.04536  -0.00839 333 LEU A O   
548 C CB  . LEU A 68 ? 0.29517 0.27383 0.22472 -0.00720 0.07321  -0.01007 333 LEU A CB  
549 C CG  . LEU A 68 ? 0.27661 0.25527 0.24308 -0.00697 0.07174  -0.01267 333 LEU A CG  
550 C CD1 . LEU A 68 ? 0.28450 0.29541 0.25022 -0.04315 0.08438  -0.01238 333 LEU A CD1 
551 C CD2 . LEU A 68 ? 0.33897 0.24060 0.27425 -0.00579 0.01390  0.00805  333 LEU A CD2 
552 N N   . GLY A 69 ? 0.29853 0.31875 0.32711 -0.01063 0.03068  0.02215  334 GLY A N   
553 C CA  . GLY A 69 ? 0.28001 0.30126 0.33313 -0.00546 0.02373  0.01549  334 GLY A CA  
554 C C   . GLY A 69 ? 0.24187 0.27308 0.33813 0.00432  0.01160  0.02021  334 GLY A C   
555 O O   . GLY A 69 ? 0.31695 0.28882 0.36543 -0.01599 -0.01125 0.03502  334 GLY A O   
556 N N   . GLN A 70 ? 0.21579 0.28727 0.31801 -0.01755 0.01526  0.03278  335 GLN A N   
557 C CA  . GLN A 70 ? 0.23914 0.29031 0.29948 -0.02698 0.00250  0.02551  335 GLN A CA  
558 C C   . GLN A 70 ? 0.31884 0.26439 0.23859 -0.02801 0.00640  0.00469  335 GLN A C   
559 O O   . GLN A 70 ? 0.44483 0.26949 0.25526 -0.05922 -0.04781 0.01466  335 GLN A O   
560 C CB  . GLN A 70 ? 0.25518 0.35509 0.31904 -0.05198 0.02851  0.03398  335 GLN A CB  
561 C CG  . GLN A 70 ? 0.31160 0.38985 0.37575 -0.07282 0.05252  0.05814  335 GLN A CG  
562 C CD  . GLN A 70 ? 0.37391 0.41976 0.42082 -0.05924 0.08907  0.08434  335 GLN A CD  
563 O OE1 . GLN A 70 ? 0.40619 0.39934 0.42664 -0.01773 0.10461  0.06685  335 GLN A OE1 
564 N NE2 . GLN A 70 ? 0.41239 0.42598 0.46314 -0.05968 0.07654  0.10118  335 GLN A NE2 
565 N N   . PRO A 71 ? 0.26743 0.22633 0.17969 -0.00105 0.07417  -0.01788 336 PRO A N   
566 C CA  . PRO A 71 ? 0.23770 0.21168 0.22772 0.02764  0.04775  -0.00653 336 PRO A CA  
567 C C   . PRO A 71 ? 0.22935 0.21574 0.22243 0.04987  0.03126  -0.01706 336 PRO A C   
568 O O   . PRO A 71 ? 0.31164 0.24548 0.21933 0.09495  0.00296  -0.03657 336 PRO A O   
569 C CB  . PRO A 71 ? 0.25094 0.25636 0.23627 -0.01371 0.03802  0.00489  336 PRO A CB  
570 C CG  . PRO A 71 ? 0.28358 0.28051 0.26665 -0.06584 0.01996  0.02883  336 PRO A CG  
571 C CD  . PRO A 71 ? 0.29769 0.27150 0.21115 -0.05618 0.04711  0.00670  336 PRO A CD  
572 N N   A THR A 72 ? 0.20300 0.18522 0.20895 0.02243  0.04117  -0.02292 337 THR A N   
573 N N   B THR A 72 ? 0.20141 0.20935 0.22018 0.01881  0.02900  -0.01601 337 THR A N   
574 C CA  A THR A 72 ? 0.15642 0.21871 0.21743 0.00873  0.03638  -0.01325 337 THR A CA  
575 C CA  B THR A 72 ? 0.19718 0.21840 0.22255 -0.00837 0.02217  -0.00934 337 THR A CA  
576 C C   A THR A 72 ? 0.13549 0.16459 0.22345 0.03161  0.00119  -0.01938 337 THR A C   
577 C C   B THR A 72 ? 0.17381 0.19190 0.20978 0.00889  0.01504  -0.01986 337 THR A C   
578 O O   A THR A 72 ? 0.14591 0.17442 0.21486 0.03583  0.01265  -0.04599 337 THR A O   
579 O O   B THR A 72 ? 0.18770 0.20322 0.20558 0.00021  0.02550  -0.02669 337 THR A O   
580 C CB  A THR A 72 ? 0.22423 0.28801 0.23272 -0.01541 0.03613  -0.01083 337 THR A CB  
581 C CB  B THR A 72 ? 0.23575 0.23710 0.22971 -0.04142 0.03107  -0.00782 337 THR A CB  
582 O OG1 A THR A 72 ? 0.29332 0.30841 0.28027 -0.03969 0.01903  0.00087  337 THR A OG1 
583 O OG1 B THR A 72 ? 0.20871 0.26684 0.24565 -0.06320 0.03195  0.00208  337 THR A OG1 
584 C CG2 A THR A 72 ? 0.22637 0.30330 0.23250 -0.00920 0.01368  -0.01108 337 THR A CG2 
585 C CG2 B THR A 72 ? 0.26582 0.24609 0.21060 -0.06003 0.05345  -0.01561 337 THR A CG2 
586 N N   . LEU A 73 ? 0.14515 0.19313 0.19763 0.02014  0.01161  -0.02620 338 LEU A N   
587 C CA  . LEU A 73 ? 0.18260 0.16888 0.18279 0.03792  0.00563  -0.05040 338 LEU A CA  
588 C C   . LEU A 73 ? 0.18127 0.19730 0.19738 0.03695  -0.01384 -0.06012 338 LEU A C   
589 O O   . LEU A 73 ? 0.18144 0.25629 0.23463 0.00702  -0.02420 -0.04475 338 LEU A O   
590 C CB  . LEU A 73 ? 0.21300 0.17800 0.20577 0.02304  -0.04051 -0.04596 338 LEU A CB  
591 C CG  . LEU A 73 ? 0.19785 0.18762 0.22114 0.01873  -0.03660 -0.05845 338 LEU A CG  
592 C CD1 . LEU A 73 ? 0.28189 0.20996 0.27145 0.03312  -0.05158 -0.06050 338 LEU A CD1 
593 C CD2 . LEU A 73 ? 0.20199 0.23725 0.26096 -0.01485 -0.01316 -0.01541 338 LEU A CD2 
594 N N   . VAL A 74 ? 0.19257 0.23236 0.18832 0.03053  -0.00990 -0.06200 339 VAL A N   
595 C CA  . VAL A 74 ? 0.28359 0.34165 0.21744 0.03009  0.02244  -0.08635 339 VAL A CA  
596 C C   . VAL A 74 ? 0.55435 0.48735 0.32418 0.03851  0.03966  -0.07722 339 VAL A C   
597 O O   . VAL A 74 ? 0.57542 0.53256 0.31997 0.04531  0.06061  -0.02320 339 VAL A O   
598 C CB  . VAL A 74 ? 0.27807 0.34115 0.27157 0.03463  0.00088  -0.06468 339 VAL A CB  
599 C CG1 . VAL A 74 ? 0.31806 0.38480 0.32424 0.03793  -0.02911 -0.03803 339 VAL A CG1 
600 C CG2 . VAL A 74 ? 0.24028 0.29018 0.25966 0.01807  0.01965  -0.07660 339 VAL A CG2 
601 N N   . ARG A 75 ? 0.75602 0.61314 0.48191 0.00813  0.03280  -0.09103 340 ARG A N   
602 C CA  . ARG A 75 ? 0.90701 0.77979 0.64629 -0.02969 0.05538  -0.08183 340 ARG A CA  
603 C C   . ARG A 75 ? 0.95770 0.85111 0.73677 -0.04669 0.08050  -0.08087 340 ARG A C   
604 O O   . ARG A 75 ? 0.94377 0.85242 0.74154 -0.04253 0.09373  -0.08442 340 ARG A O   
605 C CB  . ARG A 75 ? 0.99649 0.87571 0.72311 -0.05909 0.04007  -0.06716 340 ARG A CB  
606 C CG  . ARG A 75 ? 1.06961 0.96097 0.80462 -0.08358 0.02227  -0.05461 340 ARG A CG  
607 C CD  . ARG A 75 ? 1.13268 1.03401 0.88109 -0.09866 0.00746  -0.04837 340 ARG A CD  
608 N NE  . ARG A 75 ? 1.17325 1.10372 0.93681 -0.11316 -0.00450 -0.03734 340 ARG A NE  
609 C CZ  . ARG A 75 ? 1.20302 1.15340 0.96383 -0.12740 -0.01685 -0.03054 340 ARG A CZ  
610 N NH1 . ARG A 75 ? 1.20521 1.16609 0.97435 -0.13178 -0.02247 -0.02628 340 ARG A NH1 
611 N NH2 . ARG A 75 ? 1.21132 1.17208 0.96097 -0.13005 -0.01574 -0.03188 340 ARG A NH2 
612 N N   . PRO A 76 ? 1.01590 0.92512 0.81732 -0.06796 0.08179  -0.07665 341 PRO A N   
613 C CA  . PRO A 76 ? 1.05362 0.98266 0.87081 -0.08378 0.08904  -0.07687 341 PRO A CA  
614 C C   . PRO A 76 ? 1.09656 1.06028 0.92757 -0.09726 0.09586  -0.07840 341 PRO A C   
615 O O   . PRO A 76 ? 1.08487 1.06817 0.89954 -0.10615 0.12010  -0.08356 341 PRO A O   
616 C CB  . PRO A 76 ? 1.03031 0.97667 0.86206 -0.07973 0.08107  -0.07417 341 PRO A CB  
617 C CG  . PRO A 76 ? 1.01820 0.97179 0.85142 -0.07768 0.07323  -0.07147 341 PRO A CG  
618 C CD  . PRO A 76 ? 1.01871 0.95238 0.83893 -0.07241 0.07143  -0.07224 341 PRO A CD  
619 N N   . ASP A 77 ? 1.14720 1.14523 0.99526 -0.11068 0.08170  -0.07403 342 ASP A N   
620 C CA  . ASP A 77 ? 1.18918 1.21559 1.05643 -0.10959 0.05072  -0.07309 342 ASP A CA  
621 C C   . ASP A 77 ? 1.20714 1.23923 1.08667 -0.10368 0.03237  -0.07249 342 ASP A C   
622 O O   . ASP A 77 ? 1.20876 1.24833 1.09641 -0.10165 0.02087  -0.06895 342 ASP A O   
623 C CB  . ASP A 77 ? 1.20330 1.24722 1.08774 -0.11046 0.03337  -0.07197 342 ASP A CB  
624 C CG  . ASP A 77 ? 1.21073 1.26971 1.12209 -0.11340 0.01401  -0.06521 342 ASP A CG  
625 O OD1 . ASP A 77 ? 1.22015 1.27612 1.13080 -0.11556 0.01381  -0.05688 342 ASP A OD1 
626 O OD2 . ASP A 77 ? 1.20463 1.27720 1.13766 -0.11353 0.00419  -0.06876 342 ASP A OD2 
627 O OXT . ASP A 77 ? 1.21328 1.24188 1.09958 -0.10127 0.03115  -0.07341 342 ASP A OXT 
# 
